data_7MNJ
#
_entry.id   7MNJ
#
_cell.length_a   133.503
_cell.length_b   133.503
_cell.length_c   286.868
_cell.angle_alpha   90.000
_cell.angle_beta   90.000
_cell.angle_gamma   90.000
#
_symmetry.space_group_name_H-M   'P 43 21 2'
#
_entity_poly.entity_id   1
_entity_poly.type   'polypeptide(L)'
_entity_poly.pdbx_seq_one_letter_code
;DGWNKLFDLIQSELYVRPDDVHVNIRLVEVYRSTKRLKDAVAHCHEAERNIALRSSLEWNSCVVQTLKEYLESLQCLESD
KSDWRATNTDLLLAYANLMLLTLSTRDVQESRELLQSFDSALQSVKSLGGNDELSATFLEMKGHFYMHAGSLLLKMGQHS
SNVQWRALSELAALCYLIAFQVPRPKIKLIKGEAGQNLLEMMACDRLSQSGHMLLNLSRGKQDFLKEIVETFANKSGQSA
LYDALFSSQSPKDTSFLGSDDIGNIDVREPELEDLTRYDVGAIRAHNGSLQHLTWLGLQWNSLPALPGIRKWLKQLFHHL
PHETSRLETNAPESICILDLEVFLLGVVYTSHLQLKEKCNSHHSSYQPLCLPLPVCKQLCTERQKSWWDAVCTLIHRKAV
PGNVAKLRLLVQHEINTLRAQEKHGLQPALLVHWAECLQKTGSGLNSFYDQREYIGRSVHYWKKVLPLLKIIKKKNSIPE
PIDPLFKHFHSVDIQASEIVEYEEDAHITFAILDAVNGNIEDAVTAFES
;
_entity_poly.pdbx_strand_id   A,B,C
#
# COMPACT_ATOMS: atom_id res chain seq x y z
N ASP A 1 -23.25 28.50 13.62
CA ASP A 1 -21.89 28.80 14.07
C ASP A 1 -20.89 27.85 13.43
N GLY A 2 -21.17 26.55 13.53
CA GLY A 2 -20.25 25.56 12.97
C GLY A 2 -20.26 25.54 11.47
N TRP A 3 -21.44 25.64 10.86
CA TRP A 3 -21.53 25.58 9.40
C TRP A 3 -20.69 26.67 8.74
N ASN A 4 -20.62 27.85 9.36
CA ASN A 4 -19.86 28.95 8.76
C ASN A 4 -18.36 28.69 8.83
N LYS A 5 -17.87 28.22 9.97
CA LYS A 5 -16.44 27.94 10.10
C LYS A 5 -16.01 26.86 9.11
N LEU A 6 -16.89 25.90 8.86
CA LEU A 6 -16.60 24.83 7.90
C LEU A 6 -16.68 25.33 6.46
N PHE A 7 -17.61 26.25 6.19
CA PHE A 7 -17.74 26.80 4.84
C PHE A 7 -16.46 27.50 4.40
N ASP A 8 -15.80 28.19 5.33
CA ASP A 8 -14.56 28.89 4.99
C ASP A 8 -13.45 27.91 4.64
N LEU A 9 -13.34 26.82 5.40
CA LEU A 9 -12.29 25.84 5.14
C LEU A 9 -12.47 25.20 3.77
N ILE A 10 -13.71 24.80 3.44
CA ILE A 10 -13.96 24.19 2.14
C ILE A 10 -13.66 25.17 1.02
N GLN A 11 -14.15 26.40 1.14
CA GLN A 11 -13.97 27.38 0.08
C GLN A 11 -12.50 27.74 -0.10
N SER A 12 -11.77 27.90 1.00
CA SER A 12 -10.35 28.24 0.90
C SER A 12 -9.53 27.09 0.35
N GLU A 13 -10.00 25.86 0.51
CA GLU A 13 -9.30 24.72 -0.08
C GLU A 13 -9.58 24.61 -1.57
N LEU A 14 -10.82 24.93 -1.98
CA LEU A 14 -11.15 24.94 -3.40
C LEU A 14 -10.39 26.01 -4.16
N TYR A 15 -9.86 27.02 -3.47
CA TYR A 15 -9.08 28.06 -4.14
C TYR A 15 -7.93 27.47 -4.95
N VAL A 16 -7.25 26.46 -4.42
CA VAL A 16 -6.07 25.92 -5.07
C VAL A 16 -6.36 24.58 -5.71
N ARG A 17 -7.26 23.80 -5.12
CA ARG A 17 -7.62 22.47 -5.61
C ARG A 17 -9.12 22.43 -5.89
N PRO A 18 -9.57 23.06 -6.97
CA PRO A 18 -11.01 23.17 -7.23
C PRO A 18 -11.62 22.00 -7.98
N ASP A 19 -10.84 20.97 -8.31
CA ASP A 19 -11.34 19.84 -9.06
C ASP A 19 -11.53 18.60 -8.19
N ASP A 20 -11.30 18.70 -6.89
CA ASP A 20 -11.43 17.54 -6.01
C ASP A 20 -12.90 17.13 -5.92
N VAL A 21 -13.16 15.83 -6.04
CA VAL A 21 -14.53 15.34 -6.02
C VAL A 21 -15.15 15.60 -4.66
N HIS A 22 -14.51 15.11 -3.60
CA HIS A 22 -15.12 15.16 -2.27
C HIS A 22 -15.26 16.59 -1.76
N VAL A 23 -14.24 17.42 -1.98
CA VAL A 23 -14.30 18.80 -1.47
C VAL A 23 -15.47 19.54 -2.11
N ASN A 24 -15.71 19.31 -3.41
CA ASN A 24 -16.83 19.95 -4.06
C ASN A 24 -18.16 19.43 -3.52
N ILE A 25 -18.24 18.12 -3.25
CA ILE A 25 -19.49 17.55 -2.75
C ILE A 25 -19.81 18.10 -1.36
N ARG A 26 -18.79 18.29 -0.52
CA ARG A 26 -19.04 18.82 0.81
C ARG A 26 -19.56 20.26 0.73
N LEU A 27 -19.12 21.03 -0.26
CA LEU A 27 -19.65 22.38 -0.42
C LEU A 27 -21.12 22.34 -0.80
N VAL A 28 -21.51 21.41 -1.67
CA VAL A 28 -22.91 21.29 -2.05
C VAL A 28 -23.77 20.94 -0.84
N GLU A 29 -23.25 20.08 0.04
CA GLU A 29 -24.00 19.74 1.25
C GLU A 29 -24.15 20.95 2.16
N VAL A 30 -23.11 21.79 2.26
CA VAL A 30 -23.20 22.99 3.09
C VAL A 30 -24.28 23.92 2.57
N TYR A 31 -24.28 24.19 1.27
CA TYR A 31 -25.29 25.09 0.70
C TYR A 31 -26.69 24.51 0.84
N ARG A 32 -26.83 23.18 0.85
CA ARG A 32 -28.15 22.58 0.98
C ARG A 32 -28.67 22.70 2.41
N SER A 33 -27.81 22.45 3.39
CA SER A 33 -28.23 22.50 4.80
C SER A 33 -28.36 23.92 5.32
N THR A 34 -27.67 24.89 4.71
CA THR A 34 -27.71 26.28 5.16
C THR A 34 -28.78 27.10 4.46
N LYS A 35 -29.77 26.45 3.85
CA LYS A 35 -30.92 27.07 3.20
C LYS A 35 -30.54 27.82 1.93
N ARG A 36 -29.27 27.83 1.55
CA ARG A 36 -28.83 28.46 0.31
C ARG A 36 -28.87 27.45 -0.84
N LEU A 37 -30.09 26.94 -1.09
CA LEU A 37 -30.25 25.88 -2.08
C LEU A 37 -30.02 26.41 -3.50
N LYS A 38 -30.32 27.68 -3.74
CA LYS A 38 -30.06 28.25 -5.07
C LYS A 38 -28.56 28.27 -5.36
N ASP A 39 -27.75 28.69 -4.38
CA ASP A 39 -26.31 28.71 -4.56
C ASP A 39 -25.75 27.30 -4.74
N ALA A 40 -26.43 26.29 -4.19
CA ALA A 40 -25.97 24.92 -4.36
C ALA A 40 -26.01 24.50 -5.82
N VAL A 41 -27.18 24.67 -6.47
CA VAL A 41 -27.29 24.31 -7.88
C VAL A 41 -26.36 25.18 -8.72
N ALA A 42 -26.22 26.46 -8.34
CA ALA A 42 -25.32 27.34 -9.07
C ALA A 42 -23.89 26.80 -9.07
N HIS A 43 -23.48 26.12 -8.00
CA HIS A 43 -22.13 25.57 -7.95
C HIS A 43 -22.02 24.33 -8.83
N CYS A 44 -22.94 23.38 -8.68
CA CYS A 44 -22.90 22.18 -9.51
C CYS A 44 -22.94 22.55 -10.99
N HIS A 45 -23.76 23.53 -11.36
CA HIS A 45 -23.82 23.96 -12.75
C HIS A 45 -22.45 24.47 -13.20
N GLU A 46 -21.73 25.16 -12.32
CA GLU A 46 -20.43 25.70 -12.65
C GLU A 46 -19.29 24.70 -12.44
N ALA A 47 -19.48 23.71 -11.57
CA ALA A 47 -18.46 22.68 -11.37
C ALA A 47 -18.52 21.59 -12.43
N GLU A 48 -19.69 21.37 -13.05
CA GLU A 48 -19.78 20.41 -14.14
C GLU A 48 -18.84 20.77 -15.28
N ARG A 49 -18.41 22.03 -15.38
CA ARG A 49 -17.41 22.40 -16.37
C ARG A 49 -16.20 21.48 -16.30
N ASN A 50 -15.70 21.25 -15.08
CA ASN A 50 -14.60 20.32 -14.90
C ASN A 50 -15.07 18.90 -15.22
N ILE A 51 -14.30 18.20 -16.05
CA ILE A 51 -14.72 16.89 -16.51
C ILE A 51 -14.41 15.81 -15.49
N ALA A 52 -13.40 16.02 -14.64
CA ALA A 52 -13.08 15.03 -13.62
C ALA A 52 -14.28 14.74 -12.73
N LEU A 53 -15.17 15.72 -12.56
CA LEU A 53 -16.38 15.51 -11.76
C LEU A 53 -17.45 14.78 -12.55
N ARG A 54 -17.60 15.09 -13.84
CA ARG A 54 -18.62 14.45 -14.66
C ARG A 54 -18.44 12.93 -14.70
N SER A 55 -17.21 12.46 -14.55
CA SER A 55 -16.91 11.04 -14.63
C SER A 55 -17.06 10.32 -13.29
N SER A 56 -17.37 11.05 -12.22
CA SER A 56 -17.51 10.46 -10.89
C SER A 56 -18.98 10.14 -10.63
N LEU A 57 -19.24 8.91 -10.18
CA LEU A 57 -20.61 8.53 -9.84
C LEU A 57 -21.09 9.26 -8.60
N GLU A 58 -20.19 9.50 -7.64
CA GLU A 58 -20.57 10.21 -6.42
C GLU A 58 -21.02 11.63 -6.73
N TRP A 59 -20.39 12.27 -7.72
CA TRP A 59 -20.74 13.64 -8.06
C TRP A 59 -22.12 13.71 -8.73
N ASN A 60 -22.29 12.99 -9.84
CA ASN A 60 -23.57 13.03 -10.55
C ASN A 60 -24.72 12.67 -9.61
N SER A 61 -24.49 11.74 -8.69
CA SER A 61 -25.53 11.41 -7.71
C SER A 61 -25.86 12.62 -6.86
N CYS A 62 -24.86 13.43 -6.53
CA CYS A 62 -25.12 14.64 -5.75
C CYS A 62 -25.79 15.72 -6.59
N VAL A 63 -25.45 15.80 -7.87
CA VAL A 63 -26.07 16.81 -8.74
C VAL A 63 -27.54 16.49 -8.96
N VAL A 64 -27.88 15.20 -9.08
CA VAL A 64 -29.28 14.83 -9.26
C VAL A 64 -30.09 15.16 -8.02
N GLN A 65 -29.59 14.74 -6.85
CA GLN A 65 -30.34 14.96 -5.62
C GLN A 65 -30.54 16.44 -5.35
N THR A 66 -29.46 17.23 -5.44
CA THR A 66 -29.59 18.66 -5.17
C THR A 66 -30.48 19.35 -6.20
N LEU A 67 -30.48 18.87 -7.44
CA LEU A 67 -31.37 19.44 -8.45
C LEU A 67 -32.82 19.09 -8.16
N LYS A 68 -33.09 17.84 -7.78
CA LYS A 68 -34.44 17.44 -7.45
C LYS A 68 -34.99 18.24 -6.28
N GLU A 69 -34.15 18.55 -5.29
CA GLU A 69 -34.60 19.35 -4.16
C GLU A 69 -34.94 20.77 -4.58
N TYR A 70 -34.19 21.33 -5.52
CA TYR A 70 -34.40 22.72 -5.92
C TYR A 70 -35.69 22.88 -6.71
N LEU A 71 -36.15 21.83 -7.39
CA LEU A 71 -37.40 21.93 -8.13
C LEU A 71 -38.59 22.09 -7.19
N GLU A 72 -38.54 21.46 -6.01
CA GLU A 72 -39.64 21.51 -5.06
C GLU A 72 -39.65 22.77 -4.21
N SER A 73 -38.65 23.64 -4.35
CA SER A 73 -38.56 24.84 -3.53
C SER A 73 -39.33 25.99 -4.16
N LEU A 74 -39.82 26.89 -3.29
CA LEU A 74 -40.52 28.08 -3.78
C LEU A 74 -39.56 29.01 -4.50
N GLN A 75 -38.31 29.11 -4.02
CA GLN A 75 -37.33 29.96 -4.67
C GLN A 75 -37.14 29.61 -6.14
N CYS A 76 -37.51 28.39 -6.54
CA CYS A 76 -37.44 27.95 -7.93
C CYS A 76 -38.79 28.05 -8.63
N LEU A 77 -39.84 27.49 -8.02
CA LEU A 77 -41.15 27.48 -8.65
C LEU A 77 -41.68 28.88 -8.94
N GLU A 78 -41.18 29.90 -8.23
CA GLU A 78 -41.67 31.26 -8.37
C GLU A 78 -40.67 32.17 -9.07
N SER A 79 -39.44 32.26 -8.56
CA SER A 79 -38.47 33.24 -9.04
C SER A 79 -38.46 33.35 -10.55
N ASP A 80 -38.52 32.22 -11.25
CA ASP A 80 -38.51 32.23 -12.71
C ASP A 80 -38.86 30.86 -13.26
N LYS A 81 -39.76 30.82 -14.25
CA LYS A 81 -40.09 29.56 -14.90
C LYS A 81 -39.09 29.17 -15.97
N SER A 82 -38.36 30.14 -16.53
CA SER A 82 -37.27 29.81 -17.45
C SER A 82 -36.11 29.15 -16.71
N ASP A 83 -35.79 29.66 -15.51
CA ASP A 83 -34.81 28.99 -14.67
C ASP A 83 -35.30 27.60 -14.26
N TRP A 84 -36.61 27.47 -14.03
CA TRP A 84 -37.19 26.17 -13.74
C TRP A 84 -36.96 25.19 -14.88
N ARG A 85 -37.19 25.63 -16.12
CA ARG A 85 -36.92 24.78 -17.27
C ARG A 85 -35.42 24.48 -17.39
N ALA A 86 -34.58 25.48 -17.13
CA ALA A 86 -33.14 25.26 -17.20
C ALA A 86 -32.70 24.22 -16.17
N THR A 87 -33.23 24.29 -14.95
CA THR A 87 -32.89 23.31 -13.94
C THR A 87 -33.39 21.92 -14.33
N ASN A 88 -34.52 21.83 -15.03
CA ASN A 88 -35.00 20.53 -15.49
C ASN A 88 -34.07 19.93 -16.53
N THR A 89 -33.52 20.76 -17.43
CA THR A 89 -32.57 20.26 -18.40
C THR A 89 -31.35 19.65 -17.71
N ASP A 90 -30.79 20.38 -16.75
CA ASP A 90 -29.63 19.88 -16.02
C ASP A 90 -29.96 18.58 -15.31
N LEU A 91 -31.18 18.45 -14.80
CA LEU A 91 -31.56 17.23 -14.09
C LEU A 91 -31.62 16.04 -15.02
N LEU A 92 -32.26 16.20 -16.19
CA LEU A 92 -32.31 15.10 -17.15
C LEU A 92 -30.91 14.69 -17.60
N LEU A 93 -30.03 15.68 -17.81
CA LEU A 93 -28.67 15.37 -18.24
C LEU A 93 -27.91 14.62 -17.15
N ALA A 94 -27.99 15.11 -15.90
CA ALA A 94 -27.30 14.45 -14.81
C ALA A 94 -27.78 13.01 -14.65
N TYR A 95 -29.09 12.78 -14.83
CA TYR A 95 -29.61 11.41 -14.77
C TYR A 95 -28.96 10.54 -15.82
N ALA A 96 -28.83 11.04 -17.05
CA ALA A 96 -28.21 10.25 -18.11
C ALA A 96 -26.79 9.85 -17.74
N ASN A 97 -25.96 10.81 -17.33
CA ASN A 97 -24.60 10.50 -16.91
C ASN A 97 -24.62 9.51 -15.75
N LEU A 98 -25.42 9.79 -14.72
CA LEU A 98 -25.51 8.88 -13.58
C LEU A 98 -25.94 7.49 -14.02
N MET A 99 -26.87 7.41 -14.98
CA MET A 99 -27.29 6.10 -15.47
C MET A 99 -26.15 5.37 -16.15
N LEU A 100 -25.30 6.11 -16.87
CA LEU A 100 -24.15 5.50 -17.54
C LEU A 100 -23.16 4.94 -16.52
N LEU A 101 -22.78 5.75 -15.53
CA LEU A 101 -21.80 5.31 -14.55
C LEU A 101 -22.32 4.14 -13.73
N THR A 102 -23.61 4.17 -13.38
CA THR A 102 -24.17 3.09 -12.57
C THR A 102 -24.10 1.75 -13.31
N LEU A 103 -24.40 1.76 -14.60
CA LEU A 103 -24.37 0.52 -15.37
C LEU A 103 -22.98 -0.11 -15.38
N SER A 104 -21.93 0.71 -15.33
CA SER A 104 -20.57 0.20 -15.47
C SER A 104 -19.95 -0.24 -14.16
N THR A 105 -20.36 0.34 -13.03
CA THR A 105 -19.69 0.11 -11.76
C THR A 105 -20.63 -0.43 -10.68
N ARG A 106 -21.85 -0.84 -11.04
CA ARG A 106 -22.81 -1.31 -10.05
C ARG A 106 -23.46 -2.61 -10.47
N ASP A 107 -24.48 -3.04 -9.72
CA ASP A 107 -25.20 -4.28 -9.99
C ASP A 107 -26.48 -3.98 -10.77
N VAL A 108 -27.21 -5.05 -11.10
CA VAL A 108 -28.42 -4.88 -11.91
C VAL A 108 -29.52 -4.20 -11.11
N GLN A 109 -29.59 -4.42 -9.80
CA GLN A 109 -30.66 -3.85 -9.00
C GLN A 109 -30.54 -2.32 -8.94
N GLU A 110 -29.42 -1.82 -8.43
CA GLU A 110 -29.27 -0.38 -8.28
C GLU A 110 -29.43 0.34 -9.61
N SER A 111 -28.99 -0.27 -10.71
CA SER A 111 -29.16 0.35 -12.02
C SER A 111 -30.64 0.37 -12.42
N ARG A 112 -31.38 -0.68 -12.10
CA ARG A 112 -32.81 -0.70 -12.41
C ARG A 112 -33.54 0.42 -11.69
N GLU A 113 -33.39 0.49 -10.36
CA GLU A 113 -34.08 1.51 -9.59
C GLU A 113 -33.75 2.91 -10.09
N LEU A 114 -32.55 3.10 -10.64
CA LEU A 114 -32.20 4.40 -11.21
C LEU A 114 -32.93 4.64 -12.51
N LEU A 115 -32.95 3.64 -13.41
CA LEU A 115 -33.70 3.77 -14.64
C LEU A 115 -35.17 4.04 -14.36
N GLN A 116 -35.74 3.35 -13.37
CA GLN A 116 -37.13 3.61 -12.99
C GLN A 116 -37.30 5.03 -12.49
N SER A 117 -36.31 5.54 -11.73
CA SER A 117 -36.34 6.94 -11.32
C SER A 117 -36.12 7.86 -12.53
N PHE A 118 -35.19 7.50 -13.41
CA PHE A 118 -35.05 8.23 -14.67
C PHE A 118 -36.39 8.29 -15.40
N ASP A 119 -37.11 7.16 -15.45
CA ASP A 119 -38.40 7.13 -16.13
C ASP A 119 -39.35 8.16 -15.53
N SER A 120 -39.41 8.24 -14.20
CA SER A 120 -40.28 9.22 -13.56
C SER A 120 -39.88 10.64 -13.91
N ALA A 121 -38.58 10.89 -14.11
CA ALA A 121 -38.14 12.24 -14.47
C ALA A 121 -38.63 12.62 -15.86
N LEU A 122 -38.54 11.70 -16.82
CA LEU A 122 -39.06 11.97 -18.16
C LEU A 122 -40.57 12.18 -18.12
N GLN A 123 -41.28 11.31 -17.42
CA GLN A 123 -42.74 11.42 -17.32
C GLN A 123 -43.16 12.81 -16.86
N SER A 124 -42.48 13.32 -15.83
CA SER A 124 -42.88 14.61 -15.26
C SER A 124 -42.69 15.76 -16.24
N VAL A 125 -41.69 15.66 -17.12
CA VAL A 125 -41.36 16.76 -18.01
C VAL A 125 -42.12 16.72 -19.33
N LYS A 126 -42.57 15.54 -19.77
CA LYS A 126 -43.20 15.43 -21.08
C LYS A 126 -44.46 16.28 -21.19
N SER A 127 -45.10 16.60 -20.06
CA SER A 127 -46.32 17.42 -20.13
C SER A 127 -46.02 18.86 -20.51
N LEU A 128 -44.85 19.37 -20.11
CA LEU A 128 -44.50 20.77 -20.40
C LEU A 128 -44.47 21.01 -21.90
N GLY A 129 -43.71 20.19 -22.62
CA GLY A 129 -43.57 20.37 -24.06
C GLY A 129 -42.63 21.50 -24.41
N GLY A 130 -43.17 22.55 -25.03
CA GLY A 130 -42.37 23.69 -25.40
C GLY A 130 -41.50 23.40 -26.63
N ASN A 131 -40.62 24.35 -26.92
CA ASN A 131 -39.71 24.26 -28.06
C ASN A 131 -38.49 25.13 -27.75
N ASP A 132 -37.74 24.73 -26.73
CA ASP A 132 -36.52 25.44 -26.32
C ASP A 132 -35.45 24.43 -25.93
N GLU A 133 -34.51 24.84 -25.07
CA GLU A 133 -33.45 23.92 -24.66
C GLU A 133 -34.03 22.69 -23.97
N LEU A 134 -35.09 22.87 -23.17
CA LEU A 134 -35.69 21.74 -22.48
C LEU A 134 -36.37 20.79 -23.45
N SER A 135 -37.09 21.33 -24.44
CA SER A 135 -37.75 20.49 -25.43
C SER A 135 -36.73 19.71 -26.25
N ALA A 136 -35.70 20.41 -26.75
CA ALA A 136 -34.65 19.74 -27.49
C ALA A 136 -33.88 18.77 -26.61
N THR A 137 -33.59 19.18 -25.38
CA THR A 137 -32.86 18.29 -24.46
C THR A 137 -33.68 17.05 -24.14
N PHE A 138 -34.99 17.20 -23.98
CA PHE A 138 -35.83 16.07 -23.63
C PHE A 138 -35.74 14.96 -24.68
N LEU A 139 -35.74 15.34 -25.97
CA LEU A 139 -35.74 14.35 -27.03
C LEU A 139 -34.44 13.55 -27.03
N GLU A 140 -33.31 14.23 -26.93
CA GLU A 140 -32.03 13.53 -26.89
C GLU A 140 -31.92 12.65 -25.66
N MET A 141 -32.41 13.15 -24.52
CA MET A 141 -32.37 12.35 -23.29
C MET A 141 -33.26 11.12 -23.39
N LYS A 142 -34.34 11.20 -24.17
CA LYS A 142 -35.15 10.00 -24.39
C LYS A 142 -34.36 8.92 -25.09
N GLY A 143 -33.45 9.30 -26.00
CA GLY A 143 -32.61 8.31 -26.64
C GLY A 143 -31.64 7.66 -25.68
N HIS A 144 -30.97 8.46 -24.85
CA HIS A 144 -30.09 7.90 -23.83
C HIS A 144 -30.86 6.96 -22.91
N PHE A 145 -32.09 7.33 -22.57
CA PHE A 145 -32.94 6.47 -21.74
C PHE A 145 -33.07 5.09 -22.36
N TYR A 146 -33.56 5.03 -23.60
CA TYR A 146 -33.69 3.75 -24.27
C TYR A 146 -32.34 3.08 -24.46
N MET A 147 -31.32 3.86 -24.82
CA MET A 147 -29.98 3.30 -25.00
C MET A 147 -29.52 2.60 -23.72
N HIS A 148 -29.54 3.33 -22.59
CA HIS A 148 -29.15 2.72 -21.33
C HIS A 148 -30.10 1.60 -20.94
N ALA A 149 -31.36 1.68 -21.37
CA ALA A 149 -32.29 0.57 -21.13
C ALA A 149 -31.81 -0.69 -21.83
N GLY A 150 -31.39 -0.58 -23.08
CA GLY A 150 -30.82 -1.72 -23.78
C GLY A 150 -29.56 -2.23 -23.10
N SER A 151 -28.69 -1.32 -22.68
CA SER A 151 -27.49 -1.72 -21.94
C SER A 151 -27.86 -2.48 -20.67
N LEU A 152 -28.95 -2.08 -20.02
CA LEU A 152 -29.38 -2.78 -18.81
C LEU A 152 -29.87 -4.19 -19.13
N LEU A 153 -30.67 -4.35 -20.18
CA LEU A 153 -31.17 -5.66 -20.55
C LEU A 153 -30.03 -6.64 -20.78
N LEU A 154 -29.10 -6.28 -21.67
CA LEU A 154 -27.97 -7.17 -21.95
C LEU A 154 -27.16 -7.47 -20.69
N LYS A 155 -27.15 -6.54 -19.72
CA LYS A 155 -26.44 -6.79 -18.48
C LYS A 155 -27.13 -7.89 -17.67
N MET A 156 -28.47 -7.85 -17.60
CA MET A 156 -29.20 -8.83 -16.82
C MET A 156 -29.00 -10.24 -17.40
N GLY A 157 -29.13 -10.38 -18.71
CA GLY A 157 -28.94 -11.66 -19.34
C GLY A 157 -27.53 -12.20 -19.26
N GLN A 158 -26.57 -11.36 -18.86
CA GLN A 158 -25.18 -11.81 -18.78
C GLN A 158 -25.02 -12.94 -17.76
N HIS A 159 -25.90 -13.00 -16.77
CA HIS A 159 -25.85 -14.02 -15.73
C HIS A 159 -27.11 -14.88 -15.75
N SER A 160 -27.63 -15.15 -16.94
CA SER A 160 -28.81 -15.98 -17.12
C SER A 160 -28.53 -17.02 -18.20
N SER A 161 -29.52 -17.90 -18.42
CA SER A 161 -29.38 -18.95 -19.42
C SER A 161 -29.33 -18.34 -20.82
N ASN A 162 -29.05 -19.21 -21.80
CA ASN A 162 -28.96 -18.76 -23.18
C ASN A 162 -30.33 -18.43 -23.76
N VAL A 163 -31.36 -19.19 -23.37
CA VAL A 163 -32.71 -18.88 -23.82
C VAL A 163 -33.16 -17.53 -23.26
N GLN A 164 -32.83 -17.27 -21.99
CA GLN A 164 -33.11 -15.96 -21.42
C GLN A 164 -32.34 -14.87 -22.15
N TRP A 165 -31.09 -15.17 -22.53
CA TRP A 165 -30.27 -14.20 -23.26
C TRP A 165 -30.91 -13.84 -24.59
N ARG A 166 -31.58 -14.80 -25.24
CA ARG A 166 -32.28 -14.50 -26.49
C ARG A 166 -33.42 -13.52 -26.27
N ALA A 167 -34.28 -13.80 -25.27
CA ALA A 167 -35.40 -12.91 -25.00
C ALA A 167 -34.93 -11.53 -24.61
N LEU A 168 -33.90 -11.44 -23.76
CA LEU A 168 -33.39 -10.14 -23.35
C LEU A 168 -32.68 -9.43 -24.48
N SER A 169 -31.83 -10.15 -25.22
CA SER A 169 -31.09 -9.53 -26.32
C SER A 169 -32.04 -8.99 -27.38
N GLU A 170 -33.12 -9.71 -27.67
CA GLU A 170 -34.10 -9.22 -28.63
C GLU A 170 -34.73 -7.93 -28.14
N LEU A 171 -35.17 -7.90 -26.87
CA LEU A 171 -35.71 -6.67 -26.31
C LEU A 171 -34.67 -5.56 -26.29
N ALA A 172 -33.41 -5.91 -26.06
CA ALA A 172 -32.35 -4.90 -26.08
C ALA A 172 -32.23 -4.27 -27.46
N ALA A 173 -32.32 -5.07 -28.52
CA ALA A 173 -32.28 -4.53 -29.87
C ALA A 173 -33.38 -3.51 -30.08
N LEU A 174 -34.57 -3.75 -29.52
CA LEU A 174 -35.66 -2.79 -29.61
C LEU A 174 -35.24 -1.45 -29.00
N CYS A 175 -34.72 -1.48 -27.77
CA CYS A 175 -34.32 -0.25 -27.10
C CYS A 175 -33.27 0.51 -27.91
N TYR A 176 -32.18 -0.17 -28.26
CA TYR A 176 -31.14 0.47 -29.06
C TYR A 176 -31.70 1.01 -30.37
N LEU A 177 -32.55 0.22 -31.04
CA LEU A 177 -33.15 0.69 -32.29
C LEU A 177 -33.93 1.97 -32.07
N ILE A 178 -34.82 1.99 -31.08
CA ILE A 178 -35.58 3.19 -30.77
C ILE A 178 -34.64 4.36 -30.49
N ALA A 179 -33.56 4.10 -29.76
CA ALA A 179 -32.61 5.18 -29.46
C ALA A 179 -31.97 5.72 -30.74
N PHE A 180 -31.68 4.83 -31.70
CA PHE A 180 -31.08 5.29 -32.94
C PHE A 180 -32.07 6.06 -33.81
N GLN A 181 -33.36 5.73 -33.72
CA GLN A 181 -34.36 6.42 -34.51
C GLN A 181 -34.46 7.89 -34.11
N VAL A 182 -34.19 8.20 -32.85
CA VAL A 182 -34.33 9.58 -32.38
C VAL A 182 -33.48 10.50 -33.25
N PRO A 183 -34.03 11.60 -33.76
CA PRO A 183 -33.24 12.46 -34.66
C PRO A 183 -32.19 13.24 -33.89
N ARG A 184 -31.27 13.83 -34.64
CA ARG A 184 -30.23 14.66 -34.04
C ARG A 184 -30.87 15.88 -33.38
N PRO A 185 -30.41 16.28 -32.19
CA PRO A 185 -31.02 17.45 -31.55
C PRO A 185 -30.80 18.71 -32.38
N LYS A 186 -31.81 19.56 -32.40
CA LYS A 186 -31.76 20.83 -33.12
C LYS A 186 -30.89 21.78 -32.31
N ILE A 187 -29.61 21.91 -32.71
CA ILE A 187 -28.67 22.74 -31.98
C ILE A 187 -29.10 24.19 -31.95
N LYS A 188 -30.01 24.59 -32.83
CA LYS A 188 -30.44 25.99 -32.87
C LYS A 188 -31.21 26.38 -31.61
N LEU A 189 -31.87 25.41 -30.96
CA LEU A 189 -32.71 25.69 -29.80
C LEU A 189 -31.94 25.85 -28.50
N ILE A 190 -30.63 25.58 -28.49
CA ILE A 190 -29.84 25.61 -27.27
C ILE A 190 -29.36 27.03 -27.01
N LYS A 191 -29.09 27.32 -25.74
CA LYS A 191 -28.73 28.67 -25.30
C LYS A 191 -27.22 28.89 -25.27
N GLY A 192 -26.49 28.04 -24.55
CA GLY A 192 -25.07 28.23 -24.38
C GLY A 192 -24.26 27.58 -25.49
N GLU A 193 -23.16 28.24 -25.86
CA GLU A 193 -22.28 27.70 -26.88
C GLU A 193 -21.68 26.36 -26.44
N ALA A 194 -21.42 26.21 -25.14
CA ALA A 194 -20.97 24.92 -24.62
C ALA A 194 -22.10 23.89 -24.63
N GLY A 195 -23.33 24.33 -24.36
CA GLY A 195 -24.46 23.43 -24.44
C GLY A 195 -24.70 22.91 -25.84
N GLN A 196 -24.44 23.73 -26.85
CA GLN A 196 -24.57 23.27 -28.24
C GLN A 196 -23.58 22.15 -28.52
N ASN A 197 -22.34 22.29 -28.05
CA ASN A 197 -21.36 21.23 -28.23
C ASN A 197 -21.73 19.99 -27.42
N LEU A 198 -22.24 20.20 -26.20
CA LEU A 198 -22.61 19.08 -25.34
C LEU A 198 -23.68 18.22 -26.01
N LEU A 199 -24.85 18.80 -26.26
CA LEU A 199 -25.96 18.03 -26.81
C LEU A 199 -25.56 17.36 -28.11
N GLU A 200 -24.81 18.07 -28.97
CA GLU A 200 -24.28 17.44 -30.17
C GLU A 200 -23.36 16.28 -29.81
N MET A 201 -22.50 16.47 -28.78
CA MET A 201 -21.62 15.41 -28.33
C MET A 201 -22.42 14.20 -27.85
N MET A 202 -23.42 14.44 -27.01
CA MET A 202 -24.20 13.33 -26.47
C MET A 202 -24.98 12.62 -27.58
N ALA A 203 -25.45 13.37 -28.57
CA ALA A 203 -26.17 12.74 -29.68
C ALA A 203 -25.26 11.76 -30.42
N CYS A 204 -24.01 12.15 -30.66
CA CYS A 204 -23.08 11.25 -31.34
C CYS A 204 -22.85 9.99 -30.50
N ASP A 205 -22.60 10.16 -29.20
CA ASP A 205 -22.36 9.00 -28.34
C ASP A 205 -23.58 8.09 -28.31
N ARG A 206 -24.77 8.66 -28.37
CA ARG A 206 -25.99 7.85 -28.43
C ARG A 206 -26.02 7.02 -29.71
N LEU A 207 -25.73 7.66 -30.84
CA LEU A 207 -25.79 6.95 -32.11
C LEU A 207 -24.65 5.96 -32.27
N SER A 208 -23.44 6.35 -31.87
CA SER A 208 -22.30 5.46 -31.99
C SER A 208 -22.48 4.22 -31.12
N GLN A 209 -22.75 4.44 -29.83
CA GLN A 209 -22.91 3.30 -28.91
C GLN A 209 -24.08 2.42 -29.34
N SER A 210 -25.23 3.02 -29.58
CA SER A 210 -26.40 2.24 -30.00
C SER A 210 -26.17 1.62 -31.37
N GLY A 211 -25.72 2.41 -32.33
CA GLY A 211 -25.50 1.93 -33.69
C GLY A 211 -24.65 0.68 -33.75
N HIS A 212 -23.45 0.75 -33.17
CA HIS A 212 -22.57 -0.42 -33.18
C HIS A 212 -23.22 -1.62 -32.50
N MET A 213 -24.08 -1.38 -31.51
CA MET A 213 -24.77 -2.49 -30.86
C MET A 213 -25.82 -3.11 -31.77
N LEU A 214 -26.56 -2.27 -32.50
CA LEU A 214 -27.52 -2.79 -33.48
C LEU A 214 -26.83 -3.75 -34.43
N LEU A 215 -25.70 -3.34 -35.00
CA LEU A 215 -24.95 -4.21 -35.89
C LEU A 215 -24.41 -5.42 -35.14
N ASN A 216 -23.84 -5.21 -33.95
CA ASN A 216 -23.28 -6.32 -33.19
C ASN A 216 -24.30 -7.42 -32.93
N LEU A 217 -25.58 -7.06 -32.86
CA LEU A 217 -26.63 -8.04 -32.61
C LEU A 217 -27.22 -8.63 -33.88
N SER A 218 -27.23 -7.87 -34.98
CA SER A 218 -27.83 -8.31 -36.22
C SER A 218 -26.80 -8.79 -37.25
N ARG A 219 -25.58 -9.07 -36.82
CA ARG A 219 -24.56 -9.53 -37.76
C ARG A 219 -24.79 -10.99 -38.15
N GLY A 220 -25.02 -11.85 -37.15
CA GLY A 220 -25.14 -13.28 -37.43
C GLY A 220 -26.45 -13.65 -38.07
N LYS A 221 -27.52 -12.93 -37.76
CA LYS A 221 -28.87 -13.27 -38.20
C LYS A 221 -29.30 -12.37 -39.36
N GLN A 222 -30.08 -12.93 -40.27
CA GLN A 222 -30.60 -12.18 -41.40
C GLN A 222 -31.88 -11.46 -41.01
N ASP A 223 -32.08 -10.28 -41.63
CA ASP A 223 -33.24 -9.44 -41.37
C ASP A 223 -33.62 -9.44 -39.89
N PHE A 224 -32.62 -9.37 -39.02
CA PHE A 224 -32.89 -9.41 -37.58
C PHE A 224 -33.72 -8.21 -37.15
N LEU A 225 -33.36 -7.01 -37.63
CA LEU A 225 -34.11 -5.81 -37.25
C LEU A 225 -35.56 -5.88 -37.72
N LYS A 226 -35.84 -6.63 -38.80
CA LYS A 226 -37.20 -6.71 -39.30
C LYS A 226 -38.07 -7.55 -38.37
N GLU A 227 -37.57 -8.70 -37.92
CA GLU A 227 -38.35 -9.53 -37.01
C GLU A 227 -38.64 -8.80 -35.71
N ILE A 228 -37.69 -8.01 -35.23
CA ILE A 228 -37.88 -7.31 -33.96
C ILE A 228 -38.98 -6.26 -34.07
N VAL A 229 -38.92 -5.42 -35.10
CA VAL A 229 -39.92 -4.36 -35.23
C VAL A 229 -41.31 -4.93 -35.50
N GLU A 230 -41.38 -6.06 -36.22
CA GLU A 230 -42.69 -6.65 -36.50
C GLU A 230 -43.37 -7.11 -35.21
N THR A 231 -42.66 -7.87 -34.39
CA THR A 231 -43.27 -8.51 -33.22
C THR A 231 -43.22 -7.64 -31.98
N PHE A 232 -42.11 -6.92 -31.75
CA PHE A 232 -41.91 -6.20 -30.50
C PHE A 232 -42.27 -4.72 -30.59
N ALA A 233 -42.44 -4.16 -31.78
CA ALA A 233 -42.90 -2.78 -31.87
C ALA A 233 -44.38 -2.66 -31.54
N ASN A 234 -45.10 -3.78 -31.50
CA ASN A 234 -46.51 -3.78 -31.13
C ASN A 234 -46.66 -3.40 -29.66
N LYS A 235 -47.89 -3.04 -29.29
CA LYS A 235 -48.16 -2.71 -27.89
C LYS A 235 -47.76 -3.84 -26.96
N SER A 236 -47.77 -5.08 -27.46
CA SER A 236 -47.32 -6.21 -26.66
C SER A 236 -45.87 -6.02 -26.22
N GLY A 237 -45.04 -5.40 -27.05
CA GLY A 237 -43.66 -5.16 -26.67
C GLY A 237 -43.53 -4.21 -25.50
N GLN A 238 -44.30 -3.12 -25.51
CA GLN A 238 -44.24 -2.18 -24.40
C GLN A 238 -44.54 -2.87 -23.07
N SER A 239 -45.56 -3.74 -23.06
CA SER A 239 -45.86 -4.48 -21.83
C SER A 239 -44.74 -5.46 -21.50
N ALA A 240 -44.13 -6.07 -22.52
CA ALA A 240 -43.02 -6.97 -22.28
C ALA A 240 -41.77 -6.22 -21.83
N LEU A 241 -41.56 -5.01 -22.36
CA LEU A 241 -40.39 -4.22 -21.98
C LEU A 241 -40.55 -3.67 -20.57
N TYR A 242 -41.67 -3.01 -20.30
CA TYR A 242 -41.90 -2.45 -18.96
C TYR A 242 -41.82 -3.53 -17.90
N ASP A 243 -42.53 -4.65 -18.11
CA ASP A 243 -42.50 -5.74 -17.14
C ASP A 243 -41.09 -6.30 -16.97
N ALA A 244 -40.30 -6.32 -18.05
CA ALA A 244 -38.96 -6.86 -17.97
C ALA A 244 -38.02 -5.91 -17.22
N LEU A 245 -37.99 -4.65 -17.62
CA LEU A 245 -37.05 -3.70 -17.03
C LEU A 245 -37.37 -3.44 -15.55
N PHE A 246 -38.60 -3.05 -15.26
CA PHE A 246 -38.99 -2.61 -13.93
C PHE A 246 -39.82 -3.68 -13.23
N SER A 247 -40.00 -3.49 -11.93
CA SER A 247 -40.91 -4.32 -11.17
C SER A 247 -42.33 -4.11 -11.68
N SER A 248 -42.92 -5.18 -12.23
CA SER A 248 -44.21 -5.03 -12.91
C SER A 248 -45.29 -4.48 -11.98
N GLN A 249 -45.15 -4.69 -10.67
CA GLN A 249 -46.19 -4.27 -9.73
C GLN A 249 -46.24 -2.77 -9.53
N SER A 250 -45.21 -2.03 -9.95
CA SER A 250 -45.26 -0.58 -9.86
C SER A 250 -46.31 -0.03 -10.82
N PRO A 251 -46.89 1.14 -10.53
CA PRO A 251 -47.94 1.67 -11.39
C PRO A 251 -47.41 2.00 -12.79
N LYS A 252 -48.07 1.44 -13.80
CA LYS A 252 -47.64 1.63 -15.18
C LYS A 252 -48.17 2.91 -15.79
N ASP A 253 -49.25 3.48 -15.23
CA ASP A 253 -49.79 4.71 -15.78
C ASP A 253 -48.86 5.89 -15.52
N THR A 254 -48.25 5.93 -14.33
CA THR A 254 -47.36 7.02 -13.95
C THR A 254 -45.94 6.85 -14.50
N SER A 255 -45.71 5.86 -15.35
CA SER A 255 -44.39 5.61 -15.92
C SER A 255 -44.33 6.17 -17.35
N PHE A 256 -43.15 6.65 -17.72
CA PHE A 256 -42.96 7.19 -19.06
C PHE A 256 -42.87 6.07 -20.10
N LEU A 257 -42.21 4.96 -19.75
CA LEU A 257 -42.02 3.88 -20.71
C LEU A 257 -43.36 3.31 -21.16
N GLY A 258 -44.32 3.20 -20.24
CA GLY A 258 -45.63 2.67 -20.61
C GLY A 258 -46.46 3.67 -21.39
N SER A 259 -46.39 4.95 -21.01
CA SER A 259 -47.20 5.97 -21.66
C SER A 259 -46.62 6.40 -23.00
N ASP A 260 -45.31 6.28 -23.18
CA ASP A 260 -44.69 6.69 -24.43
C ASP A 260 -45.15 5.83 -25.58
N ASP A 261 -45.33 6.45 -26.75
CA ASP A 261 -45.81 5.78 -27.94
C ASP A 261 -44.64 5.43 -28.84
N ILE A 262 -44.62 4.18 -29.33
CA ILE A 262 -43.55 3.71 -30.20
C ILE A 262 -44.14 3.51 -31.61
N GLY A 263 -44.36 4.60 -32.32
CA GLY A 263 -44.98 4.57 -33.63
C GLY A 263 -43.98 4.91 -34.73
N ASN A 264 -44.07 4.17 -35.84
CA ASN A 264 -43.26 4.41 -37.03
C ASN A 264 -41.77 4.28 -36.71
N ILE A 265 -41.37 3.05 -36.38
CA ILE A 265 -39.96 2.72 -36.22
C ILE A 265 -39.42 2.34 -37.59
N ASP A 266 -38.38 3.05 -38.03
CA ASP A 266 -37.92 2.96 -39.41
C ASP A 266 -37.35 1.60 -39.78
N VAL A 267 -37.06 0.74 -38.79
CA VAL A 267 -36.44 -0.57 -39.03
C VAL A 267 -35.32 -0.42 -40.04
N ARG A 268 -34.47 0.59 -39.84
CA ARG A 268 -33.33 0.87 -40.72
C ARG A 268 -32.04 0.47 -40.04
N GLU A 269 -31.17 -0.21 -40.80
CA GLU A 269 -29.87 -0.60 -40.26
C GLU A 269 -28.89 0.56 -40.39
N PRO A 270 -28.08 0.83 -39.36
CA PRO A 270 -27.15 1.96 -39.45
C PRO A 270 -26.11 1.76 -40.54
N GLU A 271 -25.71 2.87 -41.16
CA GLU A 271 -24.73 2.86 -42.22
C GLU A 271 -23.34 3.18 -41.67
N LEU A 272 -22.32 2.53 -42.24
CA LEU A 272 -20.96 2.72 -41.73
C LEU A 272 -20.47 4.14 -41.94
N GLU A 273 -20.81 4.74 -43.09
CA GLU A 273 -20.40 6.12 -43.34
C GLU A 273 -20.92 7.05 -42.24
N ASP A 274 -22.12 6.77 -41.72
CA ASP A 274 -22.67 7.59 -40.65
C ASP A 274 -22.02 7.25 -39.31
N LEU A 275 -21.77 5.97 -39.05
CA LEU A 275 -21.19 5.58 -37.76
C LEU A 275 -19.84 6.24 -37.54
N THR A 276 -19.00 6.27 -38.57
CA THR A 276 -17.69 6.90 -38.44
C THR A 276 -17.82 8.35 -37.99
N ARG A 277 -18.76 9.09 -38.57
CA ARG A 277 -18.97 10.47 -38.14
C ARG A 277 -19.51 10.52 -36.71
N TYR A 278 -20.26 9.51 -36.29
CA TYR A 278 -20.76 9.48 -34.91
C TYR A 278 -19.64 9.18 -33.93
N ASP A 279 -18.83 8.17 -34.23
CA ASP A 279 -17.72 7.81 -33.34
C ASP A 279 -16.83 9.01 -33.07
N VAL A 280 -16.40 9.70 -34.13
CA VAL A 280 -15.50 10.84 -33.96
C VAL A 280 -16.13 11.89 -33.07
N GLY A 281 -17.43 12.18 -33.29
CA GLY A 281 -18.11 13.15 -32.46
C GLY A 281 -18.29 12.71 -31.03
N ALA A 282 -18.27 11.40 -30.77
CA ALA A 282 -18.47 10.86 -29.43
C ALA A 282 -17.15 10.55 -28.73
N ILE A 283 -16.01 10.90 -29.33
CA ILE A 283 -14.72 10.60 -28.70
C ILE A 283 -14.58 11.35 -27.39
N ARG A 284 -15.16 12.56 -27.30
CA ARG A 284 -15.06 13.36 -26.09
C ARG A 284 -16.16 13.05 -25.08
N ALA A 285 -17.15 12.24 -25.45
CA ALA A 285 -18.26 11.95 -24.55
C ALA A 285 -17.82 11.17 -23.32
N HIS A 286 -16.67 10.50 -23.37
CA HIS A 286 -16.14 9.75 -22.23
C HIS A 286 -14.74 10.22 -21.86
N ASN A 287 -14.42 11.47 -22.16
CA ASN A 287 -13.13 12.08 -21.82
C ASN A 287 -11.97 11.28 -22.40
N GLY A 288 -12.22 10.55 -23.49
CA GLY A 288 -11.17 9.80 -24.14
C GLY A 288 -10.55 8.71 -23.29
N SER A 289 -11.31 8.16 -22.34
CA SER A 289 -10.78 7.07 -21.54
C SER A 289 -10.39 5.90 -22.44
N LEU A 290 -9.31 5.22 -22.08
CA LEU A 290 -8.84 4.10 -22.89
C LEU A 290 -9.89 2.99 -23.00
N GLN A 291 -10.83 2.92 -22.05
CA GLN A 291 -11.91 1.95 -22.16
C GLN A 291 -12.84 2.31 -23.29
N HIS A 292 -13.11 3.61 -23.50
CA HIS A 292 -13.99 4.02 -24.58
C HIS A 292 -13.34 3.83 -25.94
N LEU A 293 -12.06 4.20 -26.06
CA LEU A 293 -11.38 4.06 -27.34
C LEU A 293 -11.18 2.58 -27.69
N THR A 294 -10.72 1.78 -26.73
CA THR A 294 -10.52 0.36 -27.00
C THR A 294 -11.83 -0.33 -27.35
N TRP A 295 -12.95 0.18 -26.85
CA TRP A 295 -14.25 -0.40 -27.20
C TRP A 295 -14.60 -0.08 -28.66
N LEU A 296 -14.52 1.19 -29.03
CA LEU A 296 -14.79 1.58 -30.41
C LEU A 296 -13.88 0.82 -31.37
N GLY A 297 -12.60 0.69 -31.02
CA GLY A 297 -11.69 -0.03 -31.89
C GLY A 297 -12.09 -1.48 -32.08
N LEU A 298 -12.59 -2.11 -31.01
CA LEU A 298 -13.00 -3.52 -31.11
C LEU A 298 -14.24 -3.67 -31.97
N GLN A 299 -15.07 -2.64 -32.07
CA GLN A 299 -16.25 -2.73 -32.93
C GLN A 299 -15.85 -2.92 -34.38
N TRP A 300 -14.88 -2.15 -34.86
CA TRP A 300 -14.46 -2.19 -36.25
C TRP A 300 -13.64 -3.43 -36.62
N ASN A 301 -13.33 -4.30 -35.65
CA ASN A 301 -12.69 -5.55 -35.99
C ASN A 301 -13.65 -6.51 -36.67
N SER A 302 -14.94 -6.39 -36.38
CA SER A 302 -15.98 -7.17 -37.05
C SER A 302 -16.56 -6.46 -38.27
N LEU A 303 -16.32 -5.16 -38.41
CA LEU A 303 -16.87 -4.37 -39.51
C LEU A 303 -15.89 -4.31 -40.66
N PRO A 304 -16.36 -3.99 -41.87
CA PRO A 304 -15.49 -3.94 -43.05
C PRO A 304 -14.81 -2.58 -43.23
N ALA A 305 -14.06 -2.16 -42.22
CA ALA A 305 -13.34 -0.90 -42.28
C ALA A 305 -12.38 -0.84 -41.10
N LEU A 306 -11.47 0.11 -41.16
CA LEU A 306 -10.52 0.36 -40.09
C LEU A 306 -11.05 1.46 -39.18
N PRO A 307 -10.77 1.39 -37.88
CA PRO A 307 -11.18 2.48 -36.98
C PRO A 307 -10.41 3.76 -37.31
N GLY A 308 -11.13 4.87 -37.33
CA GLY A 308 -10.52 6.14 -37.64
C GLY A 308 -9.67 6.67 -36.49
N ILE A 309 -8.66 5.90 -36.10
CA ILE A 309 -7.84 6.29 -34.95
C ILE A 309 -7.14 7.61 -35.23
N ARG A 310 -6.70 7.83 -36.46
CA ARG A 310 -6.05 9.09 -36.81
C ARG A 310 -6.98 10.26 -36.50
N LYS A 311 -8.22 10.20 -37.01
CA LYS A 311 -9.16 11.29 -36.76
C LYS A 311 -9.53 11.38 -35.28
N TRP A 312 -9.60 10.24 -34.59
CA TRP A 312 -9.89 10.26 -33.16
C TRP A 312 -8.83 11.04 -32.41
N LEU A 313 -7.55 10.74 -32.67
CA LEU A 313 -6.47 11.42 -31.98
C LEU A 313 -6.38 12.88 -32.40
N LYS A 314 -6.46 13.15 -33.70
CA LYS A 314 -6.43 14.53 -34.17
C LYS A 314 -7.56 15.34 -33.57
N GLN A 315 -8.69 14.69 -33.25
CA GLN A 315 -9.80 15.37 -32.59
C GLN A 315 -9.50 15.59 -31.11
N LEU A 316 -8.92 14.59 -30.44
CA LEU A 316 -8.61 14.71 -29.02
C LEU A 316 -7.49 15.72 -28.79
N PHE A 317 -6.32 15.48 -29.38
CA PHE A 317 -5.14 16.33 -29.20
C PHE A 317 -4.91 17.11 -30.49
N HIS A 318 -5.31 18.37 -30.50
CA HIS A 318 -5.16 19.20 -31.70
C HIS A 318 -3.72 19.64 -31.89
N HIS A 319 -3.10 20.20 -30.84
CA HIS A 319 -1.76 20.77 -30.99
C HIS A 319 -0.68 19.71 -31.13
N LEU A 320 -0.96 18.47 -30.74
CA LEU A 320 0.09 17.45 -30.73
C LEU A 320 0.63 17.25 -32.15
N PRO A 321 1.95 17.27 -32.34
CA PRO A 321 2.49 17.05 -33.69
C PRO A 321 2.18 15.66 -34.20
N HIS A 322 2.28 15.50 -35.53
CA HIS A 322 2.04 14.20 -36.15
C HIS A 322 3.19 13.24 -35.88
N GLU A 323 4.42 13.69 -36.13
CA GLU A 323 5.60 12.86 -35.98
C GLU A 323 6.76 13.73 -35.52
N THR A 324 7.63 13.15 -34.71
CA THR A 324 8.79 13.83 -34.18
C THR A 324 10.05 13.35 -34.90
N SER A 325 10.99 14.28 -35.12
CA SER A 325 12.26 13.92 -35.74
C SER A 325 13.10 13.02 -34.85
N ARG A 326 12.87 13.04 -33.54
CA ARG A 326 13.64 12.25 -32.59
C ARG A 326 13.00 10.87 -32.41
N LEU A 327 13.03 10.11 -33.51
CA LEU A 327 12.53 8.73 -33.47
C LEU A 327 13.51 7.81 -32.76
N GLU A 328 14.77 8.23 -32.61
CA GLU A 328 15.77 7.40 -31.95
C GLU A 328 15.56 7.37 -30.45
N THR A 329 15.19 8.52 -29.87
CA THR A 329 15.10 8.65 -28.42
C THR A 329 13.78 8.06 -27.90
N ASN A 330 13.63 8.07 -26.58
CA ASN A 330 12.40 7.67 -25.91
C ASN A 330 11.88 8.77 -25.00
N ALA A 331 12.35 9.99 -25.17
CA ALA A 331 11.96 11.08 -24.28
C ALA A 331 10.46 11.31 -24.36
N PRO A 332 9.76 11.46 -23.23
CA PRO A 332 8.31 11.63 -23.29
C PRO A 332 7.88 12.96 -23.88
N GLU A 333 8.77 13.95 -23.99
CA GLU A 333 8.39 15.23 -24.55
C GLU A 333 8.19 15.14 -26.06
N SER A 334 8.84 14.20 -26.72
CA SER A 334 8.75 14.02 -28.16
C SER A 334 7.53 13.19 -28.58
N ILE A 335 6.60 12.93 -27.65
CA ILE A 335 5.43 12.12 -27.98
C ILE A 335 4.68 12.78 -29.14
N CYS A 336 4.18 11.95 -30.05
CA CYS A 336 3.46 12.41 -31.23
C CYS A 336 2.21 11.57 -31.43
N ILE A 337 1.35 12.02 -32.36
CA ILE A 337 0.10 11.32 -32.61
C ILE A 337 0.38 9.90 -33.07
N LEU A 338 1.42 9.70 -33.87
CA LEU A 338 1.76 8.35 -34.32
C LEU A 338 2.07 7.45 -33.13
N ASP A 339 2.82 7.95 -32.15
CA ASP A 339 3.10 7.17 -30.96
C ASP A 339 1.82 6.71 -30.29
N LEU A 340 0.74 7.50 -30.39
CA LEU A 340 -0.52 7.11 -29.79
C LEU A 340 -1.31 6.16 -30.69
N GLU A 341 -1.42 6.50 -31.98
CA GLU A 341 -2.12 5.62 -32.90
C GLU A 341 -1.48 4.24 -32.94
N VAL A 342 -0.15 4.19 -32.98
CA VAL A 342 0.54 2.91 -32.95
C VAL A 342 0.27 2.20 -31.63
N PHE A 343 0.11 2.96 -30.54
CA PHE A 343 -0.19 2.36 -29.25
C PHE A 343 -1.62 1.82 -29.22
N LEU A 344 -2.60 2.64 -29.62
CA LEU A 344 -3.99 2.19 -29.60
C LEU A 344 -4.19 0.95 -30.46
N LEU A 345 -3.56 0.91 -31.64
CA LEU A 345 -3.65 -0.29 -32.47
C LEU A 345 -3.15 -1.52 -31.71
N GLY A 346 -2.11 -1.36 -30.89
CA GLY A 346 -1.61 -2.48 -30.13
C GLY A 346 -2.58 -2.95 -29.06
N VAL A 347 -3.20 -2.01 -28.35
CA VAL A 347 -4.16 -2.37 -27.31
C VAL A 347 -5.34 -3.12 -27.92
N VAL A 348 -5.86 -2.61 -29.04
CA VAL A 348 -6.97 -3.28 -29.70
C VAL A 348 -6.53 -4.63 -30.24
N TYR A 349 -5.31 -4.71 -30.75
CA TYR A 349 -4.80 -5.98 -31.26
C TYR A 349 -4.71 -7.02 -30.15
N THR A 350 -4.08 -6.66 -29.03
CA THR A 350 -3.97 -7.59 -27.91
C THR A 350 -5.32 -7.87 -27.27
N SER A 351 -6.15 -6.83 -27.13
CA SER A 351 -7.45 -7.01 -26.49
C SER A 351 -8.32 -8.01 -27.25
N HIS A 352 -8.27 -7.96 -28.59
CA HIS A 352 -9.09 -8.87 -29.37
C HIS A 352 -8.64 -10.32 -29.19
N LEU A 353 -7.33 -10.55 -29.10
CA LEU A 353 -6.83 -11.91 -28.93
C LEU A 353 -7.08 -12.43 -27.52
N GLN A 354 -7.05 -11.55 -26.51
CA GLN A 354 -7.32 -11.98 -25.15
C GLN A 354 -8.79 -12.34 -24.97
N LEU A 355 -9.69 -11.55 -25.56
CA LEU A 355 -11.11 -11.89 -25.53
C LEU A 355 -11.37 -13.22 -26.22
N LYS A 356 -10.64 -13.47 -27.31
CA LYS A 356 -10.78 -14.74 -28.02
C LYS A 356 -10.30 -15.91 -27.17
N GLU A 357 -9.24 -15.71 -26.40
CA GLU A 357 -8.75 -16.79 -25.53
C GLU A 357 -9.74 -17.08 -24.40
N LYS A 358 -10.27 -16.05 -23.77
CA LYS A 358 -11.33 -16.25 -22.78
C LYS A 358 -12.57 -16.87 -23.42
N CYS A 359 -12.88 -16.46 -24.65
CA CYS A 359 -14.07 -16.96 -25.32
C CYS A 359 -13.94 -18.44 -25.68
N ASN A 360 -12.72 -18.89 -26.02
CA ASN A 360 -12.52 -20.29 -26.36
C ASN A 360 -12.78 -21.18 -25.15
N SER A 361 -12.27 -20.78 -23.98
CA SER A 361 -12.55 -21.55 -22.76
C SER A 361 -14.01 -21.40 -22.34
N HIS A 362 -14.61 -20.25 -22.60
CA HIS A 362 -16.01 -20.00 -22.25
C HIS A 362 -16.98 -20.42 -23.35
N HIS A 363 -16.48 -20.76 -24.54
CA HIS A 363 -17.30 -21.29 -25.62
C HIS A 363 -18.31 -20.25 -26.12
N SER A 364 -17.92 -18.99 -26.12
CA SER A 364 -18.73 -17.90 -26.68
C SER A 364 -20.17 -17.95 -26.16
N SER A 365 -20.33 -18.32 -24.90
CA SER A 365 -21.65 -18.23 -24.29
C SER A 365 -22.22 -16.82 -24.45
N TYR A 366 -21.34 -15.82 -24.43
CA TYR A 366 -21.70 -14.45 -24.79
C TYR A 366 -20.56 -13.91 -25.66
N GLN A 367 -20.87 -13.62 -26.91
CA GLN A 367 -19.84 -13.13 -27.83
C GLN A 367 -19.08 -11.96 -27.19
N PRO A 368 -17.75 -11.93 -27.27
CA PRO A 368 -17.02 -10.83 -26.62
C PRO A 368 -17.37 -9.46 -27.17
N LEU A 369 -17.56 -9.34 -28.49
CA LEU A 369 -17.79 -8.05 -29.12
C LEU A 369 -19.22 -7.54 -28.93
N CYS A 370 -20.15 -8.41 -28.55
CA CYS A 370 -21.57 -8.04 -28.51
C CYS A 370 -22.00 -7.39 -27.19
N LEU A 371 -21.08 -7.19 -26.22
CA LEU A 371 -21.49 -6.49 -25.01
C LEU A 371 -21.40 -4.98 -25.20
N PRO A 372 -22.27 -4.21 -24.57
CA PRO A 372 -22.22 -2.75 -24.71
C PRO A 372 -21.06 -2.16 -23.92
N LEU A 373 -20.82 -0.87 -24.14
CA LEU A 373 -19.67 -0.20 -23.53
C LEU A 373 -19.68 -0.27 -22.01
N PRO A 374 -20.76 0.11 -21.31
CA PRO A 374 -20.68 0.12 -19.84
C PRO A 374 -20.56 -1.27 -19.24
N VAL A 375 -21.23 -2.26 -19.82
CA VAL A 375 -21.33 -3.57 -19.17
C VAL A 375 -19.98 -4.27 -19.17
N CYS A 376 -19.34 -4.39 -20.33
CA CYS A 376 -18.12 -5.19 -20.43
C CYS A 376 -17.05 -4.68 -19.47
N LYS A 377 -16.14 -5.59 -19.11
CA LYS A 377 -15.10 -5.28 -18.13
C LYS A 377 -14.03 -4.39 -18.75
N GLN A 378 -12.99 -4.12 -17.96
CA GLN A 378 -11.85 -3.35 -18.44
C GLN A 378 -11.15 -4.11 -19.57
N LEU A 379 -11.11 -3.51 -20.75
CA LEU A 379 -10.63 -4.18 -21.96
C LEU A 379 -9.13 -4.04 -22.18
N CYS A 380 -8.40 -3.44 -21.24
CA CYS A 380 -6.97 -3.23 -21.39
C CYS A 380 -6.26 -3.52 -20.09
N THR A 381 -4.98 -3.88 -20.19
CA THR A 381 -4.17 -4.14 -19.01
C THR A 381 -3.99 -2.85 -18.21
N GLU A 382 -3.81 -3.01 -16.90
CA GLU A 382 -3.59 -1.84 -16.04
C GLU A 382 -2.31 -1.12 -16.44
N ARG A 383 -1.33 -1.84 -16.98
CA ARG A 383 -0.11 -1.18 -17.47
C ARG A 383 -0.42 -0.31 -18.66
N GLN A 384 -1.18 -0.83 -19.64
CA GLN A 384 -1.55 -0.03 -20.80
C GLN A 384 -2.40 1.17 -20.41
N LYS A 385 -3.31 0.98 -19.44
CA LYS A 385 -4.14 2.09 -18.99
C LYS A 385 -3.29 3.15 -18.28
N SER A 386 -2.37 2.72 -17.42
CA SER A 386 -1.50 3.67 -16.73
C SER A 386 -0.76 4.56 -17.72
N TRP A 387 -0.34 3.98 -18.85
CA TRP A 387 0.37 4.77 -19.85
C TRP A 387 -0.56 5.80 -20.48
N TRP A 388 -1.75 5.38 -20.92
CA TRP A 388 -2.66 6.29 -21.58
C TRP A 388 -3.04 7.45 -20.66
N ASP A 389 -3.48 7.12 -19.43
CA ASP A 389 -3.82 8.17 -18.48
C ASP A 389 -2.64 9.09 -18.19
N ALA A 390 -1.42 8.56 -18.25
CA ALA A 390 -0.24 9.37 -17.97
C ALA A 390 0.05 10.30 -19.15
N VAL A 391 0.09 9.75 -20.36
CA VAL A 391 0.40 10.57 -21.53
C VAL A 391 -0.66 11.65 -21.72
N CYS A 392 -1.91 11.33 -21.43
CA CYS A 392 -2.99 12.30 -21.62
C CYS A 392 -2.81 13.50 -20.70
N THR A 393 -2.53 13.25 -19.42
CA THR A 393 -2.32 14.35 -18.49
C THR A 393 -1.08 15.17 -18.85
N LEU A 394 -0.14 14.60 -19.61
CA LEU A 394 1.03 15.34 -20.06
C LEU A 394 0.76 16.15 -21.32
N ILE A 395 0.08 15.55 -22.30
CA ILE A 395 -0.23 16.27 -23.54
C ILE A 395 -1.13 17.46 -23.24
N HIS A 396 -2.15 17.26 -22.41
CA HIS A 396 -3.02 18.36 -22.00
C HIS A 396 -2.32 19.31 -21.02
N ARG A 397 -1.12 18.95 -20.56
CA ARG A 397 -0.34 19.81 -19.68
C ARG A 397 -1.10 20.08 -18.38
N LYS A 398 -1.73 19.04 -17.84
CA LYS A 398 -2.41 19.13 -16.56
C LYS A 398 -1.64 18.31 -15.53
N ALA A 399 -0.39 18.69 -15.29
CA ALA A 399 0.49 17.96 -14.40
C ALA A 399 0.75 18.78 -13.13
N VAL A 400 1.39 18.13 -12.17
CA VAL A 400 1.69 18.74 -10.87
C VAL A 400 3.14 18.40 -10.53
N PRO A 401 3.90 19.31 -9.90
CA PRO A 401 5.28 18.96 -9.54
C PRO A 401 5.41 17.63 -8.82
N GLY A 402 4.39 17.22 -8.07
CA GLY A 402 4.39 15.90 -7.47
C GLY A 402 4.06 14.76 -8.42
N ASN A 403 3.58 15.08 -9.62
CA ASN A 403 3.23 14.09 -10.63
C ASN A 403 4.27 13.96 -11.73
N VAL A 404 4.87 15.07 -12.15
CA VAL A 404 5.77 15.05 -13.31
C VAL A 404 6.76 13.90 -13.21
N ALA A 405 7.27 13.66 -12.00
CA ALA A 405 8.20 12.55 -11.82
C ALA A 405 7.58 11.23 -12.27
N LYS A 406 6.38 10.92 -11.77
CA LYS A 406 5.75 9.65 -12.10
C LYS A 406 5.25 9.63 -13.54
N LEU A 407 4.61 10.71 -14.00
CA LEU A 407 4.03 10.72 -15.33
C LEU A 407 5.09 10.57 -16.41
N ARG A 408 6.24 11.22 -16.22
CA ARG A 408 7.31 11.14 -17.22
C ARG A 408 7.82 9.71 -17.35
N LEU A 409 8.19 9.08 -16.22
CA LEU A 409 8.80 7.76 -16.29
C LEU A 409 7.81 6.71 -16.76
N LEU A 410 6.54 6.83 -16.38
CA LEU A 410 5.54 5.87 -16.86
C LEU A 410 5.39 5.95 -18.38
N VAL A 411 5.59 7.13 -18.96
CA VAL A 411 5.53 7.26 -20.42
C VAL A 411 6.84 6.81 -21.05
N GLN A 412 7.97 7.32 -20.55
CA GLN A 412 9.26 6.98 -21.13
C GLN A 412 9.49 5.48 -21.16
N HIS A 413 8.92 4.75 -20.20
CA HIS A 413 9.15 3.30 -20.13
C HIS A 413 8.69 2.60 -21.39
N GLU A 414 7.61 3.08 -22.01
CA GLU A 414 6.99 2.37 -23.13
C GLU A 414 7.33 2.95 -24.49
N ILE A 415 7.91 4.15 -24.56
CA ILE A 415 8.19 4.75 -25.87
C ILE A 415 9.11 3.84 -26.68
N ASN A 416 10.01 3.11 -26.01
CA ASN A 416 10.85 2.15 -26.72
C ASN A 416 9.99 1.12 -27.44
N THR A 417 9.02 0.53 -26.72
CA THR A 417 8.20 -0.52 -27.31
C THR A 417 7.30 0.02 -28.41
N LEU A 418 6.93 1.30 -28.34
CA LEU A 418 6.05 1.86 -29.36
C LEU A 418 6.81 2.19 -30.64
N ARG A 419 8.04 2.69 -30.52
CA ARG A 419 8.85 3.06 -31.67
C ARG A 419 9.77 1.93 -32.13
N ALA A 420 9.54 0.71 -31.65
CA ALA A 420 10.34 -0.45 -32.04
C ALA A 420 11.83 -0.18 -31.81
N GLN A 421 12.15 0.20 -30.59
CA GLN A 421 13.53 0.46 -30.18
C GLN A 421 14.08 -0.74 -29.42
N GLU A 422 15.32 -0.61 -28.96
CA GLU A 422 16.02 -1.69 -28.26
C GLU A 422 15.11 -2.37 -27.24
N LYS A 423 15.02 -3.70 -27.35
CA LYS A 423 14.31 -4.52 -26.37
C LYS A 423 12.82 -4.20 -26.34
N HIS A 424 12.23 -3.99 -27.51
CA HIS A 424 10.79 -3.82 -27.60
C HIS A 424 10.11 -5.18 -27.45
N GLY A 425 8.99 -5.19 -26.73
CA GLY A 425 8.26 -6.42 -26.49
C GLY A 425 7.32 -6.79 -27.63
N LEU A 426 7.54 -6.21 -28.80
CA LEU A 426 6.64 -6.41 -29.92
C LEU A 426 6.81 -7.80 -30.52
N GLN A 427 5.69 -8.45 -30.80
CA GLN A 427 5.68 -9.71 -31.54
C GLN A 427 5.76 -9.40 -33.03
N PRO A 428 6.47 -10.23 -33.82
CA PRO A 428 6.56 -9.93 -35.26
C PRO A 428 5.22 -9.66 -35.92
N ALA A 429 4.17 -10.39 -35.52
CA ALA A 429 2.86 -10.15 -36.10
C ALA A 429 2.35 -8.75 -35.78
N LEU A 430 2.56 -8.30 -34.53
CA LEU A 430 2.07 -6.99 -34.13
C LEU A 430 2.75 -5.87 -34.92
N LEU A 431 4.07 -5.95 -35.11
CA LEU A 431 4.77 -4.95 -35.90
C LEU A 431 4.20 -4.87 -37.31
N VAL A 432 3.89 -6.01 -37.91
CA VAL A 432 3.29 -6.01 -39.25
C VAL A 432 1.95 -5.28 -39.23
N HIS A 433 1.09 -5.63 -38.27
CA HIS A 433 -0.21 -4.97 -38.17
C HIS A 433 -0.05 -3.45 -38.10
N TRP A 434 1.00 -2.99 -37.44
CA TRP A 434 1.28 -1.55 -37.39
C TRP A 434 1.69 -1.04 -38.78
N ALA A 435 2.62 -1.73 -39.42
CA ALA A 435 3.07 -1.31 -40.75
C ALA A 435 1.90 -1.35 -41.74
N GLU A 436 1.06 -2.37 -41.67
CA GLU A 436 -0.08 -2.46 -42.57
C GLU A 436 -1.05 -1.30 -42.34
N CYS A 437 -1.46 -1.09 -41.09
CA CYS A 437 -2.43 -0.04 -40.81
C CYS A 437 -1.86 1.34 -41.11
N LEU A 438 -0.59 1.56 -40.75
CA LEU A 438 0.01 2.87 -40.98
C LEU A 438 0.19 3.13 -42.48
N GLN A 439 0.61 2.11 -43.23
CA GLN A 439 0.73 2.27 -44.68
C GLN A 439 -0.63 2.55 -45.31
N LYS A 440 -1.63 1.73 -44.97
CA LYS A 440 -2.97 1.92 -45.51
C LYS A 440 -3.53 3.27 -45.10
N THR A 441 -3.50 3.59 -43.80
CA THR A 441 -4.04 4.86 -43.34
C THR A 441 -3.32 6.04 -43.96
N GLY A 442 -2.03 5.91 -44.22
CA GLY A 442 -1.27 7.03 -44.74
C GLY A 442 -1.56 7.31 -46.21
N SER A 443 -1.70 6.25 -47.01
CA SER A 443 -1.91 6.43 -48.44
C SER A 443 -3.23 7.14 -48.73
N GLY A 444 -4.24 6.94 -47.88
CA GLY A 444 -5.54 7.58 -48.09
C GLY A 444 -5.58 9.06 -47.78
N LEU A 445 -4.50 9.64 -47.28
CA LEU A 445 -4.46 11.05 -46.93
C LEU A 445 -4.18 11.90 -48.16
N ASN A 446 -4.58 13.17 -48.07
CA ASN A 446 -4.48 14.09 -49.20
C ASN A 446 -3.24 14.99 -49.16
N SER A 447 -2.70 15.26 -47.99
CA SER A 447 -1.51 16.10 -47.86
C SER A 447 -0.27 15.25 -48.05
N PHE A 448 0.58 15.63 -49.01
CA PHE A 448 1.77 14.85 -49.30
C PHE A 448 2.67 14.74 -48.08
N TYR A 449 2.69 15.77 -47.22
CA TYR A 449 3.48 15.70 -46.01
C TYR A 449 2.90 14.68 -45.03
N ASP A 450 1.57 14.69 -44.86
CA ASP A 450 0.95 13.73 -43.95
C ASP A 450 1.13 12.30 -44.44
N GLN A 451 1.07 12.09 -45.76
CA GLN A 451 1.34 10.76 -46.30
C GLN A 451 2.74 10.29 -45.91
N ARG A 452 3.73 11.19 -46.01
CA ARG A 452 5.10 10.81 -45.67
C ARG A 452 5.21 10.38 -44.22
N GLU A 453 4.54 11.09 -43.32
CA GLU A 453 4.62 10.79 -41.90
C GLU A 453 4.15 9.37 -41.61
N TYR A 454 2.88 9.08 -41.93
CA TYR A 454 2.34 7.76 -41.66
C TYR A 454 3.10 6.68 -42.43
N ILE A 455 3.25 6.87 -43.74
CA ILE A 455 3.99 5.90 -44.54
C ILE A 455 5.42 5.80 -44.06
N GLY A 456 5.96 6.89 -43.51
CA GLY A 456 7.30 6.85 -42.96
C GLY A 456 7.43 5.85 -41.82
N ARG A 457 6.47 5.88 -40.88
CA ARG A 457 6.48 4.92 -39.80
C ARG A 457 6.35 3.49 -40.33
N SER A 458 5.44 3.27 -41.28
CA SER A 458 5.29 1.94 -41.86
C SER A 458 6.63 1.40 -42.34
N VAL A 459 7.40 2.24 -43.03
CA VAL A 459 8.73 1.83 -43.48
C VAL A 459 9.62 1.57 -42.28
N HIS A 460 9.54 2.43 -41.25
CA HIS A 460 10.36 2.22 -40.06
C HIS A 460 10.06 0.89 -39.41
N TYR A 461 8.78 0.58 -39.17
CA TYR A 461 8.43 -0.68 -38.55
C TYR A 461 8.79 -1.85 -39.46
N TRP A 462 8.53 -1.72 -40.76
CA TRP A 462 8.92 -2.78 -41.70
C TRP A 462 10.41 -3.12 -41.54
N LYS A 463 11.25 -2.09 -41.48
CA LYS A 463 12.69 -2.34 -41.32
C LYS A 463 12.99 -3.07 -40.02
N LYS A 464 12.21 -2.81 -38.97
CA LYS A 464 12.41 -3.49 -37.70
C LYS A 464 11.84 -4.91 -37.71
N VAL A 465 10.99 -5.24 -38.69
CA VAL A 465 10.44 -6.59 -38.78
C VAL A 465 11.35 -7.51 -39.58
N LEU A 466 11.88 -7.02 -40.70
CA LEU A 466 12.64 -7.87 -41.61
C LEU A 466 13.70 -8.70 -40.90
N PRO A 467 14.55 -8.15 -40.03
CA PRO A 467 15.51 -9.02 -39.31
C PRO A 467 14.82 -10.14 -38.56
N LEU A 468 13.66 -9.89 -37.98
CA LEU A 468 12.93 -10.94 -37.27
C LEU A 468 12.36 -11.97 -38.24
N LEU A 469 12.02 -11.56 -39.47
CA LEU A 469 11.48 -12.50 -40.44
C LEU A 469 12.54 -13.46 -40.94
N LYS A 470 13.75 -12.96 -41.20
CA LYS A 470 14.84 -13.84 -41.60
C LYS A 470 15.08 -14.91 -40.54
N ILE A 471 14.90 -14.55 -39.27
CA ILE A 471 15.11 -15.51 -38.18
C ILE A 471 14.01 -16.57 -38.20
N ILE A 472 12.77 -16.17 -38.46
CA ILE A 472 11.69 -17.15 -38.56
C ILE A 472 11.82 -17.94 -39.87
N LYS A 473 12.40 -17.32 -40.90
CA LYS A 473 12.59 -18.03 -42.17
C LYS A 473 13.54 -19.21 -42.00
N LYS A 474 14.61 -19.01 -41.22
CA LYS A 474 15.62 -20.05 -40.99
C LYS A 474 15.22 -21.02 -39.88
N LYS A 475 13.96 -21.00 -39.44
CA LYS A 475 13.47 -21.88 -38.39
C LYS A 475 14.22 -21.68 -37.09
N ASN A 476 14.71 -20.46 -36.86
CA ASN A 476 15.38 -20.09 -35.62
C ASN A 476 14.40 -19.34 -34.73
N SER A 477 14.36 -19.69 -33.45
CA SER A 477 13.38 -19.13 -32.53
C SER A 477 13.80 -17.73 -32.12
N ILE A 478 12.84 -16.80 -32.15
CA ILE A 478 13.07 -15.43 -31.71
C ILE A 478 12.99 -15.40 -30.18
N PRO A 479 13.78 -14.57 -29.50
CA PRO A 479 13.68 -14.50 -28.03
C PRO A 479 12.36 -13.87 -27.61
N GLU A 480 11.56 -14.60 -26.84
CA GLU A 480 10.32 -14.08 -26.32
C GLU A 480 10.61 -13.13 -25.16
N PRO A 481 10.13 -11.89 -25.20
CA PRO A 481 10.51 -10.92 -24.17
C PRO A 481 9.91 -11.27 -22.82
N ILE A 482 10.34 -10.54 -21.80
CA ILE A 482 9.91 -10.73 -20.43
C ILE A 482 8.94 -9.60 -20.07
N ASP A 483 7.72 -9.97 -19.69
CA ASP A 483 6.68 -9.02 -19.32
C ASP A 483 6.56 -7.92 -20.38
N PRO A 484 6.18 -8.26 -21.60
CA PRO A 484 6.07 -7.25 -22.66
C PRO A 484 4.84 -6.38 -22.49
N LEU A 485 4.93 -5.17 -23.05
CA LEU A 485 3.79 -4.26 -23.01
C LEU A 485 2.58 -4.87 -23.72
N PHE A 486 2.82 -5.57 -24.82
CA PHE A 486 1.76 -6.22 -25.59
C PHE A 486 1.99 -7.72 -25.58
N LYS A 487 1.02 -8.47 -25.04
CA LYS A 487 1.19 -9.89 -24.84
C LYS A 487 1.40 -10.62 -26.17
N HIS A 488 2.30 -11.60 -26.15
CA HIS A 488 2.52 -12.44 -27.32
C HIS A 488 1.51 -13.57 -27.36
N PHE A 489 0.96 -13.83 -28.54
CA PHE A 489 -0.02 -14.89 -28.76
C PHE A 489 0.51 -15.84 -29.82
N HIS A 490 0.43 -17.15 -29.53
CA HIS A 490 0.86 -18.15 -30.50
C HIS A 490 -0.11 -18.29 -31.66
N SER A 491 -1.32 -17.75 -31.55
CA SER A 491 -2.30 -17.83 -32.63
C SER A 491 -1.91 -17.00 -33.84
N VAL A 492 -0.93 -16.10 -33.71
CA VAL A 492 -0.51 -15.23 -34.80
C VAL A 492 0.98 -15.41 -35.12
N ASP A 493 1.56 -16.54 -34.73
CA ASP A 493 2.96 -16.80 -35.01
C ASP A 493 3.20 -16.87 -36.52
N ILE A 494 4.04 -15.96 -37.02
CA ILE A 494 4.36 -15.97 -38.44
C ILE A 494 5.11 -17.26 -38.78
N GLN A 495 4.90 -17.75 -39.99
CA GLN A 495 5.43 -19.03 -40.43
C GLN A 495 6.18 -18.84 -41.76
N ALA A 496 6.92 -19.89 -42.13
CA ALA A 496 7.81 -19.81 -43.28
C ALA A 496 7.07 -19.34 -44.54
N SER A 497 5.93 -19.96 -44.82
CA SER A 497 5.19 -19.62 -46.03
C SER A 497 4.87 -18.14 -46.12
N GLU A 498 4.63 -17.49 -44.97
CA GLU A 498 4.27 -16.08 -44.95
C GLU A 498 5.47 -15.15 -45.01
N ILE A 499 6.69 -15.65 -44.83
CA ILE A 499 7.85 -14.78 -44.80
C ILE A 499 8.07 -14.12 -46.15
N VAL A 500 8.04 -14.90 -47.22
CA VAL A 500 8.34 -14.36 -48.55
C VAL A 500 7.31 -13.33 -48.97
N GLU A 501 6.04 -13.55 -48.60
CA GLU A 501 5.00 -12.61 -48.97
C GLU A 501 5.18 -11.27 -48.27
N TYR A 502 5.62 -11.30 -47.01
CA TYR A 502 5.84 -10.05 -46.29
C TYR A 502 7.05 -9.29 -46.84
N GLU A 503 8.13 -10.02 -47.16
CA GLU A 503 9.29 -9.36 -47.76
C GLU A 503 8.89 -8.55 -48.99
N GLU A 504 7.96 -9.08 -49.78
CA GLU A 504 7.43 -8.33 -50.92
C GLU A 504 6.76 -7.04 -50.45
N ASP A 505 5.77 -7.17 -49.56
CA ASP A 505 5.05 -5.99 -49.07
C ASP A 505 6.01 -4.95 -48.52
N ALA A 506 7.07 -5.39 -47.82
CA ALA A 506 8.03 -4.44 -47.27
C ALA A 506 8.72 -3.65 -48.37
N HIS A 507 9.22 -4.34 -49.40
CA HIS A 507 9.87 -3.65 -50.50
C HIS A 507 8.89 -2.75 -51.25
N ILE A 508 7.63 -3.16 -51.34
CA ILE A 508 6.63 -2.33 -52.01
C ILE A 508 6.47 -1.01 -51.25
N THR A 509 6.23 -1.10 -49.93
CA THR A 509 6.03 0.11 -49.14
C THR A 509 7.24 1.03 -49.25
N PHE A 510 8.45 0.46 -49.28
CA PHE A 510 9.63 1.29 -49.48
C PHE A 510 9.52 2.08 -50.77
N ALA A 511 9.04 1.44 -51.84
CA ALA A 511 8.87 2.15 -53.11
C ALA A 511 7.76 3.18 -53.02
N ILE A 512 6.68 2.86 -52.28
CA ILE A 512 5.60 3.84 -52.11
C ILE A 512 6.14 5.08 -51.41
N LEU A 513 7.02 4.89 -50.42
CA LEU A 513 7.62 6.04 -49.73
C LEU A 513 8.43 6.89 -50.71
N ASP A 514 9.30 6.25 -51.50
CA ASP A 514 10.10 7.00 -52.47
C ASP A 514 9.23 7.70 -53.49
N ALA A 515 8.06 7.12 -53.81
CA ALA A 515 7.16 7.77 -54.75
C ALA A 515 6.55 9.04 -54.14
N VAL A 516 6.21 9.00 -52.86
CA VAL A 516 5.67 10.17 -52.19
C VAL A 516 6.71 11.28 -52.15
N ASN A 517 7.92 10.97 -51.67
CA ASN A 517 8.99 11.95 -51.66
C ASN A 517 9.22 12.51 -53.06
N GLY A 518 9.17 11.65 -54.08
CA GLY A 518 9.35 12.13 -55.44
C GLY A 518 8.34 13.20 -55.82
N ASN A 519 7.08 13.00 -55.41
CA ASN A 519 6.05 14.00 -55.69
C ASN A 519 6.20 15.24 -54.81
N ILE A 520 6.84 15.11 -53.65
CA ILE A 520 7.12 16.28 -52.83
C ILE A 520 8.29 17.07 -53.42
N GLU A 521 9.29 16.38 -53.97
CA GLU A 521 10.38 17.07 -54.64
C GLU A 521 9.87 17.85 -55.84
N ASP A 522 8.93 17.26 -56.60
CA ASP A 522 8.34 17.97 -57.72
C ASP A 522 7.60 19.23 -57.25
N ALA A 523 6.89 19.12 -56.12
CA ALA A 523 6.18 20.27 -55.59
C ALA A 523 7.15 21.31 -55.02
N VAL A 524 8.23 20.86 -54.39
CA VAL A 524 9.22 21.78 -53.82
C VAL A 524 9.83 22.64 -54.92
N THR A 525 10.44 22.00 -55.92
CA THR A 525 11.11 22.73 -56.98
C THR A 525 10.13 23.63 -57.73
N ALA A 526 8.87 23.22 -57.84
CA ALA A 526 7.88 24.08 -58.47
C ALA A 526 7.62 25.33 -57.65
N PHE A 527 7.64 25.19 -56.31
CA PHE A 527 7.46 26.34 -55.44
C PHE A 527 8.67 27.25 -55.46
N GLU A 528 9.85 26.71 -55.78
CA GLU A 528 11.05 27.54 -55.86
C GLU A 528 11.05 28.39 -57.12
N SER A 529 10.72 27.79 -58.26
CA SER A 529 10.73 28.49 -59.54
C SER A 529 9.65 29.58 -59.56
N ASP B 1 19.88 -2.05 -23.08
CA ASP B 1 20.71 -0.90 -23.42
C ASP B 1 20.40 0.28 -22.51
N GLY B 2 19.29 0.97 -22.80
CA GLY B 2 18.88 2.11 -22.00
C GLY B 2 18.32 1.76 -20.64
N TRP B 3 18.33 0.49 -20.25
CA TRP B 3 17.80 0.11 -18.95
C TRP B 3 18.51 0.84 -17.82
N ASN B 4 19.78 1.19 -18.02
CA ASN B 4 20.50 1.93 -16.98
C ASN B 4 19.91 3.32 -16.79
N LYS B 5 19.60 4.02 -17.89
CA LYS B 5 18.97 5.33 -17.77
C LYS B 5 17.62 5.25 -17.07
N LEU B 6 16.85 4.19 -17.36
CA LEU B 6 15.53 4.03 -16.74
C LEU B 6 15.65 3.58 -15.29
N PHE B 7 16.66 2.75 -14.99
CA PHE B 7 16.85 2.28 -13.63
C PHE B 7 17.14 3.45 -12.68
N ASP B 8 17.89 4.44 -13.15
CA ASP B 8 18.20 5.59 -12.30
C ASP B 8 16.96 6.42 -12.01
N LEU B 9 16.12 6.65 -13.01
CA LEU B 9 14.93 7.46 -12.81
C LEU B 9 13.98 6.81 -11.82
N ILE B 10 13.73 5.52 -11.98
CA ILE B 10 12.83 4.80 -11.07
C ILE B 10 13.38 4.84 -9.66
N GLN B 11 14.68 4.53 -9.49
CA GLN B 11 15.27 4.47 -8.17
C GLN B 11 15.24 5.84 -7.50
N SER B 12 15.53 6.90 -8.26
CA SER B 12 15.52 8.25 -7.69
C SER B 12 14.11 8.71 -7.34
N GLU B 13 13.10 8.16 -8.00
CA GLU B 13 11.72 8.50 -7.66
C GLU B 13 11.27 7.75 -6.40
N LEU B 14 11.70 6.49 -6.26
CA LEU B 14 11.40 5.74 -5.06
C LEU B 14 12.08 6.31 -3.82
N TYR B 15 13.13 7.10 -4.00
CA TYR B 15 13.80 7.73 -2.86
C TYR B 15 12.81 8.53 -2.03
N VAL B 16 11.92 9.26 -2.68
CA VAL B 16 11.00 10.15 -1.98
C VAL B 16 9.58 9.60 -1.92
N ARG B 17 9.12 8.86 -2.95
CA ARG B 17 7.79 8.28 -2.99
C ARG B 17 7.93 6.77 -3.17
N PRO B 18 8.32 6.06 -2.11
CA PRO B 18 8.61 4.62 -2.24
C PRO B 18 7.40 3.71 -2.12
N ASP B 19 6.20 4.26 -1.95
CA ASP B 19 4.99 3.46 -1.77
C ASP B 19 4.12 3.41 -3.02
N ASP B 20 4.55 4.03 -4.12
CA ASP B 20 3.74 4.02 -5.34
C ASP B 20 3.69 2.61 -5.92
N VAL B 21 2.49 2.20 -6.31
CA VAL B 21 2.30 0.85 -6.85
C VAL B 21 3.03 0.71 -8.18
N HIS B 22 2.74 1.60 -9.13
CA HIS B 22 3.27 1.43 -10.48
C HIS B 22 4.78 1.60 -10.52
N VAL B 23 5.31 2.58 -9.78
CA VAL B 23 6.75 2.81 -9.80
C VAL B 23 7.50 1.59 -9.28
N ASN B 24 6.97 0.94 -8.25
CA ASN B 24 7.61 -0.27 -7.74
C ASN B 24 7.51 -1.41 -8.74
N ILE B 25 6.37 -1.53 -9.43
CA ILE B 25 6.19 -2.63 -10.38
C ILE B 25 7.16 -2.49 -11.55
N ARG B 26 7.37 -1.26 -12.03
CA ARG B 26 8.29 -1.06 -13.14
C ARG B 26 9.72 -1.42 -12.76
N LEU B 27 10.10 -1.20 -11.50
CA LEU B 27 11.44 -1.59 -11.06
C LEU B 27 11.61 -3.10 -11.14
N VAL B 28 10.58 -3.86 -10.77
CA VAL B 28 10.66 -5.31 -10.85
C VAL B 28 10.84 -5.74 -12.30
N GLU B 29 10.19 -5.04 -13.23
CA GLU B 29 10.36 -5.37 -14.65
C GLU B 29 11.79 -5.06 -15.11
N VAL B 30 12.38 -3.98 -14.60
CA VAL B 30 13.75 -3.65 -14.96
C VAL B 30 14.69 -4.77 -14.52
N TYR B 31 14.58 -5.19 -13.26
CA TYR B 31 15.44 -6.26 -12.76
C TYR B 31 15.20 -7.57 -13.49
N ARG B 32 13.97 -7.80 -13.98
CA ARG B 32 13.69 -9.04 -14.69
C ARG B 32 14.32 -9.05 -16.07
N SER B 33 14.24 -7.94 -16.81
CA SER B 33 14.78 -7.88 -18.15
C SER B 33 16.31 -7.74 -18.16
N THR B 34 16.90 -7.21 -17.09
CA THR B 34 18.33 -7.00 -17.02
C THR B 34 19.07 -8.18 -16.37
N LYS B 35 18.43 -9.35 -16.31
CA LYS B 35 19.02 -10.59 -15.80
C LYS B 35 19.29 -10.56 -14.31
N ARG B 36 18.94 -9.48 -13.61
CA ARG B 36 19.10 -9.40 -12.15
C ARG B 36 17.83 -9.91 -11.46
N LEU B 37 17.50 -11.18 -11.74
CA LEU B 37 16.25 -11.74 -11.24
C LEU B 37 16.28 -11.92 -9.73
N LYS B 38 17.43 -12.22 -9.14
CA LYS B 38 17.52 -12.35 -7.69
C LYS B 38 17.28 -11.01 -7.01
N ASP B 39 17.88 -9.94 -7.54
CA ASP B 39 17.66 -8.62 -6.96
C ASP B 39 16.21 -8.18 -7.07
N ALA B 40 15.48 -8.70 -8.06
CA ALA B 40 14.06 -8.39 -8.19
C ALA B 40 13.30 -8.92 -6.98
N VAL B 41 13.48 -10.21 -6.66
CA VAL B 41 12.81 -10.79 -5.50
C VAL B 41 13.24 -10.08 -4.23
N ALA B 42 14.52 -9.70 -4.15
CA ALA B 42 15.00 -8.97 -2.98
C ALA B 42 14.21 -7.69 -2.76
N HIS B 43 13.78 -7.04 -3.85
CA HIS B 43 12.99 -5.83 -3.71
C HIS B 43 11.57 -6.15 -3.29
N CYS B 44 10.92 -7.09 -3.99
CA CYS B 44 9.57 -7.48 -3.63
C CYS B 44 9.51 -7.94 -2.17
N HIS B 45 10.51 -8.69 -1.72
CA HIS B 45 10.55 -9.11 -0.33
C HIS B 45 10.59 -7.91 0.59
N GLU B 46 11.33 -6.86 0.21
CA GLU B 46 11.45 -5.66 1.03
C GLU B 46 10.34 -4.66 0.77
N ALA B 47 9.69 -4.70 -0.40
CA ALA B 47 8.60 -3.78 -0.67
C ALA B 47 7.28 -4.26 -0.07
N GLU B 48 7.14 -5.57 0.16
CA GLU B 48 5.95 -6.07 0.86
C GLU B 48 5.84 -5.48 2.26
N ARG B 49 6.96 -4.98 2.82
CA ARG B 49 6.91 -4.28 4.10
C ARG B 49 5.86 -3.19 4.07
N ASN B 50 5.87 -2.37 3.03
CA ASN B 50 4.84 -1.35 2.86
C ASN B 50 3.48 -2.01 2.64
N ILE B 51 2.49 -1.57 3.41
CA ILE B 51 1.18 -2.23 3.36
C ILE B 51 0.35 -1.73 2.18
N ALA B 52 0.59 -0.50 1.72
CA ALA B 52 -0.16 0.01 0.58
C ALA B 52 0.00 -0.88 -0.64
N LEU B 53 1.13 -1.59 -0.73
CA LEU B 53 1.35 -2.52 -1.84
C LEU B 53 0.64 -3.84 -1.61
N ARG B 54 0.62 -4.32 -0.37
CA ARG B 54 -0.02 -5.60 -0.07
C ARG B 54 -1.48 -5.61 -0.47
N SER B 55 -2.13 -4.45 -0.47
CA SER B 55 -3.55 -4.36 -0.79
C SER B 55 -3.80 -4.18 -2.29
N SER B 56 -2.76 -4.08 -3.11
CA SER B 56 -2.91 -3.88 -4.54
C SER B 56 -2.87 -5.22 -5.26
N LEU B 57 -3.85 -5.45 -6.12
CA LEU B 57 -3.86 -6.68 -6.92
C LEU B 57 -2.73 -6.67 -7.96
N GLU B 58 -2.44 -5.50 -8.52
CA GLU B 58 -1.37 -5.40 -9.52
C GLU B 58 -0.03 -5.78 -8.91
N TRP B 59 0.19 -5.42 -7.63
CA TRP B 59 1.47 -5.73 -6.99
C TRP B 59 1.58 -7.23 -6.72
N ASN B 60 0.64 -7.79 -5.95
CA ASN B 60 0.70 -9.20 -5.63
C ASN B 60 0.76 -10.05 -6.89
N SER B 61 0.07 -9.62 -7.95
CA SER B 61 0.16 -10.34 -9.22
C SER B 61 1.58 -10.31 -9.77
N CYS B 62 2.29 -9.19 -9.56
CA CYS B 62 3.67 -9.09 -10.02
C CYS B 62 4.61 -9.90 -9.13
N VAL B 63 4.32 -9.97 -7.82
CA VAL B 63 5.17 -10.73 -6.91
C VAL B 63 5.07 -12.22 -7.21
N VAL B 64 3.88 -12.70 -7.58
CA VAL B 64 3.72 -14.11 -7.89
C VAL B 64 4.53 -14.49 -9.12
N GLN B 65 4.40 -13.72 -10.20
CA GLN B 65 5.10 -14.06 -11.44
C GLN B 65 6.61 -14.06 -11.24
N THR B 66 7.13 -12.98 -10.64
CA THR B 66 8.58 -12.88 -10.46
C THR B 66 9.10 -13.96 -9.52
N LEU B 67 8.31 -14.38 -8.54
CA LEU B 67 8.75 -15.45 -7.64
C LEU B 67 8.82 -16.79 -8.37
N LYS B 68 7.81 -17.11 -9.18
CA LYS B 68 7.85 -18.36 -9.94
C LYS B 68 9.03 -18.37 -10.90
N GLU B 69 9.36 -17.22 -11.49
CA GLU B 69 10.49 -17.16 -12.41
C GLU B 69 11.80 -17.45 -11.70
N TYR B 70 11.94 -16.98 -10.45
CA TYR B 70 13.19 -17.17 -9.72
C TYR B 70 13.37 -18.62 -9.30
N LEU B 71 12.28 -19.36 -9.12
CA LEU B 71 12.40 -20.76 -8.75
C LEU B 71 12.98 -21.60 -9.88
N GLU B 72 12.70 -21.23 -11.13
CA GLU B 72 13.16 -21.97 -12.29
C GLU B 72 14.54 -21.54 -12.78
N SER B 73 15.21 -20.64 -12.05
CA SER B 73 16.54 -20.18 -12.42
C SER B 73 17.59 -20.98 -11.69
N LEU B 74 18.78 -21.07 -12.31
CA LEU B 74 19.88 -21.82 -11.71
C LEU B 74 20.38 -21.14 -10.44
N GLN B 75 20.35 -19.81 -10.38
CA GLN B 75 20.88 -19.11 -9.23
C GLN B 75 20.09 -19.39 -7.97
N CYS B 76 18.86 -19.91 -8.09
CA CYS B 76 18.05 -20.25 -6.93
C CYS B 76 18.24 -21.70 -6.49
N LEU B 77 18.33 -22.62 -7.45
CA LEU B 77 18.50 -24.03 -7.11
C LEU B 77 19.86 -24.30 -6.48
N GLU B 78 20.88 -23.52 -6.84
CA GLU B 78 22.25 -23.80 -6.43
C GLU B 78 22.75 -22.89 -5.32
N SER B 79 22.33 -21.63 -5.28
CA SER B 79 22.84 -20.69 -4.28
C SER B 79 22.68 -21.27 -2.87
N ASP B 80 21.49 -21.77 -2.55
CA ASP B 80 21.23 -22.35 -1.24
C ASP B 80 19.82 -22.93 -1.25
N LYS B 81 19.68 -24.13 -0.67
CA LYS B 81 18.35 -24.73 -0.54
C LYS B 81 17.53 -24.04 0.53
N SER B 82 18.17 -23.35 1.47
CA SER B 82 17.42 -22.51 2.41
C SER B 82 16.80 -21.32 1.69
N ASP B 83 17.54 -20.71 0.76
CA ASP B 83 16.97 -19.65 -0.06
C ASP B 83 15.83 -20.19 -0.91
N TRP B 84 15.96 -21.42 -1.40
CA TRP B 84 14.88 -22.04 -2.17
C TRP B 84 13.62 -22.21 -1.33
N ARG B 85 13.77 -22.69 -0.09
CA ARG B 85 12.61 -22.81 0.79
C ARG B 85 12.04 -21.44 1.15
N ALA B 86 12.90 -20.46 1.39
CA ALA B 86 12.43 -19.12 1.71
C ALA B 86 11.61 -18.52 0.58
N THR B 87 12.09 -18.67 -0.66
CA THR B 87 11.34 -18.17 -1.80
C THR B 87 10.01 -18.91 -1.96
N ASN B 88 9.97 -20.19 -1.57
CA ASN B 88 8.71 -20.93 -1.62
C ASN B 88 7.68 -20.35 -0.65
N THR B 89 8.13 -19.96 0.55
CA THR B 89 7.21 -19.33 1.50
C THR B 89 6.65 -18.04 0.93
N ASP B 90 7.53 -17.18 0.41
CA ASP B 90 7.06 -15.90 -0.13
C ASP B 90 6.05 -16.11 -1.25
N LEU B 91 6.25 -17.15 -2.07
CA LEU B 91 5.32 -17.43 -3.15
C LEU B 91 3.97 -17.88 -2.62
N LEU B 92 4.00 -18.80 -1.64
CA LEU B 92 2.75 -19.29 -1.05
C LEU B 92 1.98 -18.15 -0.39
N LEU B 93 2.68 -17.24 0.30
CA LEU B 93 2.02 -16.12 0.95
C LEU B 93 1.42 -15.16 -0.07
N ALA B 94 2.20 -14.81 -1.09
CA ALA B 94 1.71 -13.90 -2.12
C ALA B 94 0.47 -14.48 -2.80
N TYR B 95 0.45 -15.79 -3.02
CA TYR B 95 -0.72 -16.42 -3.63
C TYR B 95 -1.97 -16.19 -2.78
N ALA B 96 -1.85 -16.35 -1.46
CA ALA B 96 -2.99 -16.14 -0.58
C ALA B 96 -3.52 -14.71 -0.73
N ASN B 97 -2.64 -13.72 -0.61
CA ASN B 97 -3.05 -12.33 -0.78
C ASN B 97 -3.66 -12.11 -2.15
N LEU B 98 -2.97 -12.55 -3.20
CA LEU B 98 -3.50 -12.40 -4.55
C LEU B 98 -4.86 -13.07 -4.69
N MET B 99 -5.03 -14.24 -4.07
CA MET B 99 -6.31 -14.94 -4.13
C MET B 99 -7.40 -14.12 -3.44
N LEU B 100 -7.06 -13.44 -2.35
CA LEU B 100 -8.04 -12.63 -1.63
C LEU B 100 -8.51 -11.46 -2.50
N LEU B 101 -7.56 -10.71 -3.06
CA LEU B 101 -7.93 -9.54 -3.85
C LEU B 101 -8.70 -9.94 -5.10
N THR B 102 -8.31 -11.05 -5.74
CA THR B 102 -8.99 -11.47 -6.95
C THR B 102 -10.46 -11.80 -6.69
N LEU B 103 -10.74 -12.48 -5.58
CA LEU B 103 -12.12 -12.84 -5.28
C LEU B 103 -13.01 -11.60 -5.12
N SER B 104 -12.45 -10.49 -4.63
CA SER B 104 -13.24 -9.32 -4.30
C SER B 104 -13.43 -8.38 -5.49
N THR B 105 -12.49 -8.34 -6.43
CA THR B 105 -12.50 -7.35 -7.50
C THR B 105 -12.53 -7.97 -8.90
N ARG B 106 -12.78 -9.27 -9.01
CA ARG B 106 -12.75 -9.94 -10.31
C ARG B 106 -13.98 -10.82 -10.51
N ASP B 107 -13.98 -11.61 -11.59
CA ASP B 107 -15.08 -12.50 -11.91
C ASP B 107 -14.76 -13.92 -11.42
N VAL B 108 -15.71 -14.82 -11.64
CA VAL B 108 -15.55 -16.20 -11.17
C VAL B 108 -14.47 -16.93 -11.97
N GLN B 109 -14.34 -16.63 -13.26
CA GLN B 109 -13.38 -17.35 -14.09
C GLN B 109 -11.95 -17.08 -13.64
N GLU B 110 -11.54 -15.80 -13.66
CA GLU B 110 -10.16 -15.48 -13.28
C GLU B 110 -9.84 -15.97 -11.88
N SER B 111 -10.82 -15.95 -10.98
CA SER B 111 -10.60 -16.46 -9.63
C SER B 111 -10.41 -17.98 -9.65
N ARG B 112 -11.14 -18.68 -10.51
CA ARG B 112 -10.98 -20.13 -10.61
C ARG B 112 -9.57 -20.49 -11.05
N GLU B 113 -9.14 -19.95 -12.19
CA GLU B 113 -7.81 -20.28 -12.70
C GLU B 113 -6.72 -19.92 -11.70
N LEU B 114 -6.94 -18.91 -10.87
CA LEU B 114 -5.97 -18.57 -9.84
C LEU B 114 -5.97 -19.61 -8.72
N LEU B 115 -7.16 -19.98 -8.23
CA LEU B 115 -7.24 -21.03 -7.22
C LEU B 115 -6.63 -22.32 -7.75
N GLN B 116 -6.89 -22.66 -9.02
CA GLN B 116 -6.28 -23.84 -9.62
C GLN B 116 -4.76 -23.69 -9.67
N SER B 117 -4.28 -22.48 -9.96
CA SER B 117 -2.84 -22.23 -9.89
C SER B 117 -2.34 -22.29 -8.46
N PHE B 118 -3.09 -21.69 -7.53
CA PHE B 118 -2.78 -21.85 -6.11
C PHE B 118 -2.66 -23.32 -5.74
N ASP B 119 -3.60 -24.15 -6.23
CA ASP B 119 -3.57 -25.57 -5.92
C ASP B 119 -2.27 -26.20 -6.38
N SER B 120 -1.83 -25.88 -7.61
CA SER B 120 -0.58 -26.45 -8.11
C SER B 120 0.60 -26.03 -7.26
N ALA B 121 0.56 -24.82 -6.69
CA ALA B 121 1.65 -24.38 -5.83
C ALA B 121 1.73 -25.21 -4.56
N LEU B 122 0.58 -25.50 -3.95
CA LEU B 122 0.56 -26.37 -2.77
C LEU B 122 1.04 -27.77 -3.13
N GLN B 123 0.54 -28.32 -4.23
CA GLN B 123 0.95 -29.65 -4.67
C GLN B 123 2.46 -29.74 -4.77
N SER B 124 3.09 -28.74 -5.38
CA SER B 124 4.53 -28.79 -5.60
C SER B 124 5.31 -28.74 -4.29
N VAL B 125 4.77 -28.07 -3.26
CA VAL B 125 5.51 -27.88 -2.02
C VAL B 125 5.26 -29.00 -1.01
N LYS B 126 4.15 -29.72 -1.10
CA LYS B 126 3.83 -30.73 -0.11
C LYS B 126 4.88 -31.84 -0.06
N SER B 127 5.63 -32.05 -1.16
CA SER B 127 6.63 -33.10 -1.17
C SER B 127 7.82 -32.76 -0.30
N LEU B 128 8.17 -31.47 -0.18
CA LEU B 128 9.33 -31.10 0.60
C LEU B 128 9.17 -31.49 2.07
N GLY B 129 8.05 -31.11 2.68
CA GLY B 129 7.84 -31.42 4.07
C GLY B 129 8.64 -30.54 4.99
N GLY B 130 9.59 -31.14 5.72
CA GLY B 130 10.43 -30.37 6.62
C GLY B 130 9.69 -29.96 7.88
N ASN B 131 10.35 -29.11 8.66
CA ASN B 131 9.82 -28.59 9.92
C ASN B 131 10.49 -27.25 10.20
N ASP B 132 10.23 -26.27 9.34
CA ASP B 132 10.77 -24.92 9.51
C ASP B 132 9.68 -23.93 9.10
N GLU B 133 10.08 -22.73 8.69
CA GLU B 133 9.11 -21.71 8.31
C GLU B 133 8.26 -22.18 7.13
N LEU B 134 8.87 -22.90 6.18
CA LEU B 134 8.10 -23.37 5.03
C LEU B 134 7.08 -24.43 5.44
N SER B 135 7.45 -25.33 6.34
CA SER B 135 6.50 -26.32 6.81
C SER B 135 5.35 -25.67 7.55
N ALA B 136 5.67 -24.74 8.47
CA ALA B 136 4.63 -24.02 9.19
C ALA B 136 3.82 -23.14 8.25
N THR B 137 4.48 -22.46 7.31
CA THR B 137 3.76 -21.61 6.37
C THR B 137 2.81 -22.43 5.51
N PHE B 138 3.22 -23.63 5.10
CA PHE B 138 2.38 -24.44 4.24
C PHE B 138 1.04 -24.77 4.90
N LEU B 139 1.06 -25.09 6.19
CA LEU B 139 -0.16 -25.51 6.87
C LEU B 139 -1.16 -24.38 6.96
N GLU B 140 -0.70 -23.19 7.37
CA GLU B 140 -1.61 -22.05 7.46
C GLU B 140 -2.13 -21.66 6.08
N MET B 141 -1.26 -21.68 5.07
CA MET B 141 -1.70 -21.35 3.71
C MET B 141 -2.69 -22.36 3.18
N LYS B 142 -2.59 -23.63 3.59
CA LYS B 142 -3.59 -24.61 3.20
C LYS B 142 -4.96 -24.23 3.74
N GLY B 143 -5.01 -23.62 4.92
CA GLY B 143 -6.29 -23.15 5.44
C GLY B 143 -6.86 -22.02 4.62
N HIS B 144 -6.02 -21.03 4.29
CA HIS B 144 -6.47 -19.96 3.42
C HIS B 144 -6.97 -20.50 2.08
N PHE B 145 -6.29 -21.51 1.55
CA PHE B 145 -6.73 -22.14 0.30
C PHE B 145 -8.19 -22.60 0.41
N TYR B 146 -8.47 -23.45 1.39
CA TYR B 146 -9.85 -23.91 1.58
C TYR B 146 -10.77 -22.75 1.91
N MET B 147 -10.31 -21.81 2.74
CA MET B 147 -11.13 -20.65 3.06
C MET B 147 -11.53 -19.90 1.80
N HIS B 148 -10.54 -19.49 0.99
CA HIS B 148 -10.84 -18.80 -0.25
C HIS B 148 -11.62 -19.69 -1.20
N ALA B 149 -11.44 -21.02 -1.11
CA ALA B 149 -12.25 -21.92 -1.92
C ALA B 149 -13.72 -21.81 -1.55
N GLY B 150 -14.02 -21.80 -0.24
CA GLY B 150 -15.38 -21.57 0.18
C GLY B 150 -15.92 -20.23 -0.27
N SER B 151 -15.10 -19.19 -0.16
CA SER B 151 -15.52 -17.87 -0.66
C SER B 151 -15.82 -17.93 -2.15
N LEU B 152 -15.06 -18.73 -2.89
CA LEU B 152 -15.31 -18.86 -4.33
C LEU B 152 -16.63 -19.57 -4.60
N LEU B 153 -16.91 -20.65 -3.88
CA LEU B 153 -18.16 -21.38 -4.08
C LEU B 153 -19.36 -20.47 -3.89
N LEU B 154 -19.45 -19.81 -2.74
CA LEU B 154 -20.57 -18.93 -2.47
C LEU B 154 -20.66 -17.81 -3.51
N LYS B 155 -19.52 -17.42 -4.09
CA LYS B 155 -19.54 -16.38 -5.13
C LYS B 155 -20.23 -16.89 -6.38
N MET B 156 -19.94 -18.12 -6.79
CA MET B 156 -20.55 -18.66 -8.01
C MET B 156 -22.06 -18.79 -7.86
N GLY B 157 -22.51 -19.34 -6.73
CA GLY B 157 -23.94 -19.49 -6.49
C GLY B 157 -24.68 -18.19 -6.32
N GLN B 158 -23.97 -17.07 -6.18
CA GLN B 158 -24.64 -15.79 -5.98
C GLN B 158 -25.51 -15.43 -7.19
N HIS B 159 -25.16 -15.92 -8.37
CA HIS B 159 -25.90 -15.65 -9.60
C HIS B 159 -26.45 -16.94 -10.20
N SER B 160 -26.91 -17.85 -9.35
CA SER B 160 -27.50 -19.11 -9.76
C SER B 160 -28.84 -19.29 -9.05
N SER B 161 -29.53 -20.39 -9.38
CA SER B 161 -30.82 -20.66 -8.79
C SER B 161 -30.68 -20.94 -7.29
N ASN B 162 -31.82 -21.04 -6.61
CA ASN B 162 -31.80 -21.29 -5.17
C ASN B 162 -31.40 -22.72 -4.86
N VAL B 163 -31.81 -23.68 -5.70
CA VAL B 163 -31.39 -25.06 -5.51
C VAL B 163 -29.89 -25.20 -5.72
N GLN B 164 -29.35 -24.50 -6.73
CA GLN B 164 -27.91 -24.50 -6.95
C GLN B 164 -27.18 -23.87 -5.76
N TRP B 165 -27.75 -22.81 -5.18
CA TRP B 165 -27.11 -22.16 -4.04
C TRP B 165 -27.01 -23.10 -2.84
N ARG B 166 -28.00 -23.98 -2.66
CA ARG B 166 -27.94 -24.93 -1.56
C ARG B 166 -26.77 -25.90 -1.75
N ALA B 167 -26.65 -26.49 -2.94
CA ALA B 167 -25.57 -27.42 -3.20
C ALA B 167 -24.21 -26.74 -3.05
N LEU B 168 -24.08 -25.52 -3.57
CA LEU B 168 -22.81 -24.80 -3.45
C LEU B 168 -22.54 -24.39 -2.02
N SER B 169 -23.55 -23.85 -1.32
CA SER B 169 -23.36 -23.42 0.06
C SER B 169 -22.94 -24.59 0.94
N GLU B 170 -23.49 -25.78 0.70
CA GLU B 170 -23.08 -26.96 1.46
C GLU B 170 -21.60 -27.25 1.27
N LEU B 171 -21.14 -27.26 0.01
CA LEU B 171 -19.71 -27.44 -0.24
C LEU B 171 -18.89 -26.32 0.37
N ALA B 172 -19.42 -25.09 0.37
CA ALA B 172 -18.70 -23.98 0.99
C ALA B 172 -18.52 -24.23 2.48
N ALA B 173 -19.56 -24.71 3.15
CA ALA B 173 -19.45 -25.02 4.57
C ALA B 173 -18.34 -26.04 4.81
N LEU B 174 -18.21 -27.01 3.92
CA LEU B 174 -17.13 -27.99 4.04
C LEU B 174 -15.77 -27.29 4.00
N CYS B 175 -15.56 -26.43 3.00
CA CYS B 175 -14.27 -25.75 2.87
C CYS B 175 -13.95 -24.94 4.12
N TYR B 176 -14.87 -24.05 4.52
CA TYR B 176 -14.64 -23.26 5.73
C TYR B 176 -14.42 -24.16 6.93
N LEU B 177 -15.20 -25.23 7.06
CA LEU B 177 -15.00 -26.15 8.18
C LEU B 177 -13.60 -26.72 8.17
N ILE B 178 -13.15 -27.25 7.03
CA ILE B 178 -11.80 -27.76 6.93
C ILE B 178 -10.79 -26.68 7.28
N ALA B 179 -11.04 -25.45 6.82
CA ALA B 179 -10.12 -24.35 7.13
C ALA B 179 -10.10 -24.07 8.62
N PHE B 180 -11.24 -24.19 9.30
CA PHE B 180 -11.29 -23.92 10.73
C PHE B 180 -10.59 -25.01 11.53
N GLN B 181 -10.61 -26.26 11.04
CA GLN B 181 -9.96 -27.34 11.77
C GLN B 181 -8.45 -27.14 11.84
N VAL B 182 -7.86 -26.50 10.83
CA VAL B 182 -6.41 -26.33 10.74
C VAL B 182 -5.90 -25.70 12.04
N PRO B 183 -4.88 -26.26 12.68
CA PRO B 183 -4.42 -25.71 13.96
C PRO B 183 -3.68 -24.39 13.77
N ARG B 184 -3.48 -23.71 14.90
CA ARG B 184 -2.74 -22.45 14.88
C ARG B 184 -1.29 -22.71 14.51
N PRO B 185 -0.68 -21.85 13.70
CA PRO B 185 0.72 -22.07 13.31
C PRO B 185 1.64 -22.01 14.52
N LYS B 186 2.66 -22.87 14.50
CA LYS B 186 3.67 -22.89 15.55
C LYS B 186 4.59 -21.70 15.35
N ILE B 187 4.34 -20.63 16.10
CA ILE B 187 5.10 -19.39 15.93
C ILE B 187 6.59 -19.59 16.22
N LYS B 188 6.95 -20.65 16.94
CA LYS B 188 8.36 -20.88 17.25
C LYS B 188 9.17 -21.23 16.00
N LEU B 189 8.53 -21.81 14.99
CA LEU B 189 9.26 -22.26 13.81
C LEU B 189 9.59 -21.14 12.84
N ILE B 190 9.08 -19.94 13.07
CA ILE B 190 9.31 -18.82 12.17
C ILE B 190 10.62 -18.15 12.55
N LYS B 191 11.25 -17.49 11.58
CA LYS B 191 12.57 -16.92 11.78
C LYS B 191 12.50 -15.46 12.20
N GLY B 192 11.80 -14.63 11.43
CA GLY B 192 11.75 -13.21 11.70
C GLY B 192 10.65 -12.83 12.69
N GLU B 193 10.94 -11.81 13.50
CA GLU B 193 9.94 -11.33 14.46
C GLU B 193 8.69 -10.81 13.76
N ALA B 194 8.85 -10.21 12.58
CA ALA B 194 7.69 -9.77 11.81
C ALA B 194 6.92 -10.97 11.26
N GLY B 195 7.63 -12.01 10.83
CA GLY B 195 6.97 -13.21 10.35
C GLY B 195 6.14 -13.88 11.42
N GLN B 196 6.62 -13.85 12.67
CA GLN B 196 5.85 -14.40 13.78
C GLN B 196 4.56 -13.63 13.98
N ASN B 197 4.62 -12.30 13.90
CA ASN B 197 3.40 -11.50 14.01
C ASN B 197 2.49 -11.72 12.80
N LEU B 198 3.09 -11.82 11.61
CA LEU B 198 2.30 -12.02 10.40
C LEU B 198 1.51 -13.31 10.46
N LEU B 199 2.22 -14.45 10.57
CA LEU B 199 1.55 -15.75 10.51
C LEU B 199 0.47 -15.85 11.58
N GLU B 200 0.74 -15.35 12.79
CA GLU B 200 -0.29 -15.29 13.81
C GLU B 200 -1.46 -14.43 13.34
N MET B 201 -1.17 -13.30 12.71
CA MET B 201 -2.23 -12.43 12.19
C MET B 201 -3.06 -13.17 11.13
N MET B 202 -2.39 -13.83 10.19
CA MET B 202 -3.11 -14.52 9.13
C MET B 202 -3.97 -15.66 9.70
N ALA B 203 -3.47 -16.34 10.73
CA ALA B 203 -4.23 -17.40 11.36
C ALA B 203 -5.54 -16.87 11.95
N CYS B 204 -5.48 -15.71 12.61
CA CYS B 204 -6.70 -15.13 13.17
C CYS B 204 -7.70 -14.80 12.08
N ASP B 205 -7.25 -14.16 11.00
CA ASP B 205 -8.17 -13.80 9.92
C ASP B 205 -8.78 -15.04 9.29
N ARG B 206 -8.04 -16.15 9.22
CA ARG B 206 -8.59 -17.39 8.70
C ARG B 206 -9.71 -17.90 9.61
N LEU B 207 -9.49 -17.90 10.92
CA LEU B 207 -10.48 -18.42 11.84
C LEU B 207 -11.69 -17.50 11.94
N SER B 208 -11.45 -16.19 11.99
CA SER B 208 -12.56 -15.23 12.09
C SER B 208 -13.44 -15.29 10.85
N GLN B 209 -12.83 -15.15 9.68
CA GLN B 209 -13.61 -15.15 8.44
C GLN B 209 -14.34 -16.48 8.26
N SER B 210 -13.61 -17.59 8.41
CA SER B 210 -14.25 -18.91 8.28
C SER B 210 -15.24 -19.14 9.40
N GLY B 211 -14.83 -18.87 10.64
CA GLY B 211 -15.69 -19.08 11.80
C GLY B 211 -17.04 -18.41 11.67
N HIS B 212 -17.04 -17.09 11.44
CA HIS B 212 -18.30 -16.38 11.29
C HIS B 212 -19.13 -16.93 10.14
N MET B 213 -18.48 -17.45 9.10
CA MET B 213 -19.22 -18.04 7.99
C MET B 213 -19.84 -19.37 8.41
N LEU B 214 -19.11 -20.18 9.16
CA LEU B 214 -19.68 -21.43 9.67
C LEU B 214 -20.98 -21.17 10.41
N LEU B 215 -20.96 -20.21 11.34
CA LEU B 215 -22.18 -19.87 12.08
C LEU B 215 -23.24 -19.29 11.14
N ASN B 216 -22.84 -18.34 10.30
CA ASN B 216 -23.80 -17.70 9.40
C ASN B 216 -24.48 -18.72 8.49
N LEU B 217 -23.83 -19.84 8.21
CA LEU B 217 -24.41 -20.87 7.34
C LEU B 217 -25.21 -21.90 8.13
N SER B 218 -24.86 -22.15 9.39
CA SER B 218 -25.52 -23.15 10.21
C SER B 218 -26.51 -22.56 11.21
N ARG B 219 -26.93 -21.31 11.00
CA ARG B 219 -27.86 -20.68 11.94
C ARG B 219 -29.27 -21.23 11.78
N GLY B 220 -29.77 -21.30 10.56
CA GLY B 220 -31.14 -21.69 10.35
C GLY B 220 -31.41 -23.17 10.55
N LYS B 221 -30.43 -24.01 10.22
CA LYS B 221 -30.61 -25.46 10.25
C LYS B 221 -29.95 -26.07 11.47
N GLN B 222 -30.57 -27.12 12.00
CA GLN B 222 -30.04 -27.82 13.16
C GLN B 222 -29.00 -28.86 12.73
N ASP B 223 -28.02 -29.08 13.61
CA ASP B 223 -26.92 -30.01 13.35
C ASP B 223 -26.46 -29.95 11.91
N PHE B 224 -26.36 -28.74 11.36
CA PHE B 224 -25.97 -28.58 9.97
C PHE B 224 -24.55 -29.10 9.74
N LEU B 225 -23.62 -28.75 10.64
CA LEU B 225 -22.24 -29.21 10.48
C LEU B 225 -22.14 -30.73 10.54
N LYS B 226 -23.09 -31.39 11.21
CA LYS B 226 -23.04 -32.84 11.30
C LYS B 226 -23.39 -33.49 9.97
N GLU B 227 -24.45 -33.01 9.32
CA GLU B 227 -24.82 -33.56 8.02
C GLU B 227 -23.72 -33.33 6.99
N ILE B 228 -23.03 -32.19 7.06
CA ILE B 228 -21.99 -31.90 6.08
C ILE B 228 -20.84 -32.88 6.21
N VAL B 229 -20.34 -33.06 7.44
CA VAL B 229 -19.23 -33.99 7.63
C VAL B 229 -19.65 -35.42 7.33
N GLU B 230 -20.91 -35.76 7.60
CA GLU B 230 -21.38 -37.11 7.33
C GLU B 230 -21.35 -37.41 5.84
N THR B 231 -21.93 -36.53 5.02
CA THR B 231 -22.10 -36.80 3.60
C THR B 231 -20.93 -36.31 2.76
N PHE B 232 -20.37 -35.14 3.07
CA PHE B 232 -19.38 -34.52 2.21
C PHE B 232 -17.93 -34.77 2.64
N ALA B 233 -17.70 -35.23 3.88
CA ALA B 233 -16.34 -35.56 4.28
C ALA B 233 -15.85 -36.86 3.66
N ASN B 234 -16.74 -37.66 3.08
CA ASN B 234 -16.33 -38.87 2.41
C ASN B 234 -15.52 -38.54 1.16
N LYS B 235 -14.80 -39.56 0.66
CA LYS B 235 -14.02 -39.37 -0.56
C LYS B 235 -14.90 -38.89 -1.71
N SER B 236 -16.19 -39.25 -1.70
CA SER B 236 -17.09 -38.75 -2.72
C SER B 236 -17.17 -37.23 -2.71
N GLY B 237 -17.09 -36.61 -1.54
CA GLY B 237 -17.14 -35.16 -1.47
C GLY B 237 -15.97 -34.50 -2.16
N GLN B 238 -14.76 -35.05 -1.98
CA GLN B 238 -13.58 -34.49 -2.64
C GLN B 238 -13.77 -34.44 -4.15
N SER B 239 -14.35 -35.49 -4.74
CA SER B 239 -14.60 -35.49 -6.17
C SER B 239 -15.64 -34.44 -6.56
N ALA B 240 -16.65 -34.24 -5.71
CA ALA B 240 -17.65 -33.22 -5.98
C ALA B 240 -17.08 -31.82 -5.84
N LEU B 241 -16.12 -31.63 -4.93
CA LEU B 241 -15.53 -30.32 -4.74
C LEU B 241 -14.59 -29.98 -5.89
N TYR B 242 -13.68 -30.89 -6.24
CA TYR B 242 -12.75 -30.64 -7.33
C TYR B 242 -13.48 -30.32 -8.62
N ASP B 243 -14.45 -31.15 -9.00
CA ASP B 243 -15.20 -30.92 -10.23
C ASP B 243 -15.95 -29.60 -10.17
N ALA B 244 -16.43 -29.21 -9.00
CA ALA B 244 -17.18 -27.96 -8.87
C ALA B 244 -16.26 -26.75 -8.99
N LEU B 245 -15.18 -26.73 -8.19
CA LEU B 245 -14.30 -25.57 -8.18
C LEU B 245 -13.60 -25.40 -9.53
N PHE B 246 -12.92 -26.45 -10.00
CA PHE B 246 -12.08 -26.36 -11.18
C PHE B 246 -12.75 -26.99 -12.39
N SER B 247 -12.18 -26.72 -13.56
CA SER B 247 -12.61 -27.38 -14.78
C SER B 247 -12.34 -28.87 -14.67
N SER B 248 -13.41 -29.68 -14.71
CA SER B 248 -13.28 -31.11 -14.45
C SER B 248 -12.30 -31.76 -15.41
N GLN B 249 -12.10 -31.19 -16.60
CA GLN B 249 -11.25 -31.83 -17.60
C GLN B 249 -9.77 -31.75 -17.27
N SER B 250 -9.37 -30.92 -16.31
CA SER B 250 -7.98 -30.86 -15.91
C SER B 250 -7.58 -32.14 -15.19
N PRO B 251 -6.29 -32.52 -15.25
CA PRO B 251 -5.86 -33.76 -14.60
C PRO B 251 -6.01 -33.66 -13.09
N LYS B 252 -6.69 -34.65 -12.50
CA LYS B 252 -6.93 -34.66 -11.06
C LYS B 252 -5.77 -35.24 -10.27
N ASP B 253 -4.89 -36.01 -10.92
CA ASP B 253 -3.76 -36.60 -10.20
C ASP B 253 -2.74 -35.54 -9.81
N THR B 254 -2.49 -34.56 -10.68
CA THR B 254 -1.51 -33.52 -10.44
C THR B 254 -2.05 -32.37 -9.59
N SER B 255 -3.25 -32.49 -9.04
CA SER B 255 -3.85 -31.45 -8.24
C SER B 255 -3.70 -31.78 -6.75
N PHE B 256 -3.54 -30.72 -5.94
CA PHE B 256 -3.42 -30.90 -4.50
C PHE B 256 -4.78 -31.23 -3.87
N LEU B 257 -5.84 -30.59 -4.37
CA LEU B 257 -7.16 -30.80 -3.78
C LEU B 257 -7.59 -32.26 -3.88
N GLY B 258 -7.28 -32.90 -5.00
CA GLY B 258 -7.67 -34.29 -5.15
C GLY B 258 -6.82 -35.24 -4.34
N SER B 259 -5.51 -34.97 -4.25
CA SER B 259 -4.62 -35.87 -3.53
C SER B 259 -4.69 -35.66 -2.02
N ASP B 260 -5.02 -34.47 -1.56
CA ASP B 260 -5.10 -34.21 -0.12
C ASP B 260 -6.23 -35.01 0.51
N ASP B 261 -5.97 -35.53 1.71
CA ASP B 261 -6.93 -36.36 2.43
C ASP B 261 -7.63 -35.52 3.49
N ILE B 262 -8.96 -35.62 3.56
CA ILE B 262 -9.76 -34.91 4.56
C ILE B 262 -10.34 -35.93 5.52
N GLY B 263 -9.52 -36.42 6.44
CA GLY B 263 -9.91 -37.47 7.37
C GLY B 263 -10.03 -36.93 8.78
N ASN B 264 -11.07 -37.38 9.48
CA ASN B 264 -11.31 -37.04 10.88
C ASN B 264 -11.47 -35.53 11.06
N ILE B 265 -12.56 -35.03 10.48
CA ILE B 265 -12.95 -33.63 10.67
C ILE B 265 -13.75 -33.53 11.96
N ASP B 266 -13.31 -32.64 12.85
CA ASP B 266 -13.82 -32.63 14.22
C ASP B 266 -15.30 -32.28 14.31
N VAL B 267 -15.91 -31.79 13.23
CA VAL B 267 -17.31 -31.38 13.22
C VAL B 267 -17.61 -30.57 14.49
N ARG B 268 -16.75 -29.59 14.78
CA ARG B 268 -16.89 -28.76 15.96
C ARG B 268 -17.41 -27.38 15.54
N GLU B 269 -18.40 -26.88 16.28
CA GLU B 269 -18.92 -25.55 16.00
C GLU B 269 -18.06 -24.50 16.70
N PRO B 270 -17.74 -23.39 16.05
CA PRO B 270 -16.89 -22.39 16.70
C PRO B 270 -17.58 -21.76 17.91
N GLU B 271 -16.77 -21.43 18.92
CA GLU B 271 -17.27 -20.82 20.14
C GLU B 271 -17.10 -19.31 20.07
N LEU B 272 -18.08 -18.59 20.63
CA LEU B 272 -18.05 -17.13 20.56
C LEU B 272 -16.87 -16.56 21.32
N GLU B 273 -16.52 -17.15 22.47
CA GLU B 273 -15.36 -16.68 23.21
C GLU B 273 -14.11 -16.73 22.36
N ASP B 274 -13.99 -17.72 21.47
CA ASP B 274 -12.84 -17.82 20.59
C ASP B 274 -12.93 -16.83 19.44
N LEU B 275 -14.12 -16.66 18.86
CA LEU B 275 -14.26 -15.77 17.71
C LEU B 275 -13.85 -14.35 18.06
N THR B 276 -14.27 -13.84 19.21
CA THR B 276 -13.89 -12.49 19.61
C THR B 276 -12.38 -12.34 19.64
N ARG B 277 -11.67 -13.35 20.18
CA ARG B 277 -10.21 -13.29 20.20
C ARG B 277 -9.64 -13.39 18.80
N TYR B 278 -10.33 -14.08 17.88
CA TYR B 278 -9.86 -14.16 16.50
C TYR B 278 -10.05 -12.84 15.77
N ASP B 279 -11.24 -12.24 15.89
CA ASP B 279 -11.50 -10.98 15.21
C ASP B 279 -10.47 -9.92 15.59
N VAL B 280 -10.24 -9.73 16.89
CA VAL B 280 -9.30 -8.71 17.35
C VAL B 280 -7.91 -8.96 16.76
N GLY B 281 -7.47 -10.23 16.76
CA GLY B 281 -6.18 -10.55 16.19
C GLY B 281 -6.13 -10.36 14.68
N ALA B 282 -7.28 -10.39 14.02
CA ALA B 282 -7.36 -10.24 12.57
C ALA B 282 -7.71 -8.81 12.16
N ILE B 283 -7.76 -7.88 13.11
CA ILE B 283 -8.10 -6.50 12.78
C ILE B 283 -7.05 -5.89 11.85
N ARG B 284 -5.79 -6.29 12.02
CA ARG B 284 -4.70 -5.76 11.21
C ARG B 284 -4.50 -6.53 9.91
N ALA B 285 -5.17 -7.67 9.73
CA ALA B 285 -4.97 -8.48 8.54
C ALA B 285 -5.39 -7.77 7.27
N HIS B 286 -6.25 -6.75 7.38
CA HIS B 286 -6.69 -5.97 6.23
C HIS B 286 -6.40 -4.49 6.42
N ASN B 287 -5.36 -4.17 7.19
CA ASN B 287 -4.94 -2.79 7.43
C ASN B 287 -6.07 -1.95 8.00
N GLY B 288 -7.01 -2.60 8.70
CA GLY B 288 -8.10 -1.88 9.33
C GLY B 288 -9.00 -1.15 8.35
N SER B 289 -9.10 -1.64 7.12
CA SER B 289 -10.00 -1.03 6.15
C SER B 289 -11.43 -1.06 6.68
N LEU B 290 -12.18 0.01 6.40
CA LEU B 290 -13.55 0.10 6.88
C LEU B 290 -14.41 -1.03 6.34
N GLN B 291 -14.02 -1.64 5.21
CA GLN B 291 -14.75 -2.80 4.70
C GLN B 291 -14.55 -4.01 5.60
N HIS B 292 -13.34 -4.18 6.15
CA HIS B 292 -13.09 -5.30 7.04
C HIS B 292 -13.81 -5.13 8.37
N LEU B 293 -13.72 -3.93 8.95
CA LEU B 293 -14.35 -3.69 10.24
C LEU B 293 -15.88 -3.72 10.11
N THR B 294 -16.42 -3.04 9.10
CA THR B 294 -17.86 -3.01 8.93
C THR B 294 -18.42 -4.40 8.67
N TRP B 295 -17.63 -5.29 8.07
CA TRP B 295 -18.09 -6.66 7.85
C TRP B 295 -18.15 -7.42 9.16
N LEU B 296 -17.06 -7.40 9.94
CA LEU B 296 -17.06 -8.08 11.23
C LEU B 296 -18.19 -7.57 12.11
N GLY B 297 -18.43 -6.26 12.11
CA GLY B 297 -19.51 -5.71 12.91
C GLY B 297 -20.87 -6.26 12.51
N LEU B 298 -21.08 -6.45 11.21
CA LEU B 298 -22.37 -6.95 10.73
C LEU B 298 -22.58 -8.41 11.13
N GLN B 299 -21.50 -9.16 11.34
CA GLN B 299 -21.64 -10.54 11.75
C GLN B 299 -22.29 -10.65 13.13
N TRP B 300 -21.88 -9.80 14.07
CA TRP B 300 -22.39 -9.87 15.43
C TRP B 300 -23.80 -9.32 15.56
N ASN B 301 -24.39 -8.78 14.49
CA ASN B 301 -25.80 -8.40 14.56
C ASN B 301 -26.71 -9.62 14.55
N SER B 302 -26.24 -10.72 13.97
CA SER B 302 -26.98 -11.98 13.99
C SER B 302 -26.58 -12.86 15.16
N LEU B 303 -25.47 -12.58 15.83
CA LEU B 303 -24.99 -13.36 16.95
C LEU B 303 -25.48 -12.77 18.27
N PRO B 304 -25.49 -13.57 19.35
CA PRO B 304 -26.00 -13.08 20.64
C PRO B 304 -24.92 -12.37 21.47
N ALA B 305 -24.32 -11.34 20.89
CA ALA B 305 -23.30 -10.57 21.57
C ALA B 305 -23.03 -9.30 20.75
N LEU B 306 -22.30 -8.38 21.35
CA LEU B 306 -21.90 -7.15 20.69
C LEU B 306 -20.50 -7.29 20.11
N PRO B 307 -20.22 -6.64 18.98
CA PRO B 307 -18.86 -6.66 18.44
C PRO B 307 -17.90 -5.89 19.34
N GLY B 308 -16.72 -6.47 19.54
CA GLY B 308 -15.72 -5.86 20.39
C GLY B 308 -15.05 -4.66 19.74
N ILE B 309 -15.85 -3.65 19.40
CA ILE B 309 -15.31 -2.48 18.70
C ILE B 309 -14.29 -1.76 19.58
N ARG B 310 -14.52 -1.72 20.88
CA ARG B 310 -13.59 -1.05 21.78
C ARG B 310 -12.18 -1.64 21.65
N LYS B 311 -12.06 -2.97 21.75
CA LYS B 311 -10.75 -3.59 21.62
C LYS B 311 -10.18 -3.42 20.22
N TRP B 312 -11.04 -3.41 19.20
CA TRP B 312 -10.56 -3.22 17.83
C TRP B 312 -9.81 -1.89 17.70
N LEU B 313 -10.39 -0.82 18.22
CA LEU B 313 -9.78 0.49 18.09
C LEU B 313 -8.50 0.59 18.92
N LYS B 314 -8.55 0.14 20.17
CA LYS B 314 -7.35 0.17 21.01
C LYS B 314 -6.22 -0.64 20.38
N GLN B 315 -6.56 -1.68 19.61
CA GLN B 315 -5.54 -2.43 18.89
C GLN B 315 -5.03 -1.66 17.69
N LEU B 316 -5.93 -1.03 16.94
CA LEU B 316 -5.53 -0.25 15.77
C LEU B 316 -4.79 1.02 16.20
N PHE B 317 -5.45 1.87 16.98
CA PHE B 317 -4.89 3.14 17.44
C PHE B 317 -4.61 3.03 18.93
N HIS B 318 -3.33 2.80 19.27
CA HIS B 318 -2.94 2.64 20.66
C HIS B 318 -2.90 3.97 21.40
N HIS B 319 -2.20 4.96 20.84
CA HIS B 319 -1.98 6.22 21.55
C HIS B 319 -3.23 7.09 21.62
N LEU B 320 -4.21 6.85 20.75
CA LEU B 320 -5.36 7.73 20.68
C LEU B 320 -6.11 7.74 22.01
N PRO B 321 -6.41 8.91 22.58
CA PRO B 321 -7.15 8.94 23.85
C PRO B 321 -8.54 8.34 23.71
N HIS B 322 -9.12 7.97 24.86
CA HIS B 322 -10.47 7.43 24.87
C HIS B 322 -11.50 8.52 24.62
N GLU B 323 -11.40 9.63 25.35
CA GLU B 323 -12.36 10.72 25.24
C GLU B 323 -11.61 12.04 25.45
N THR B 324 -12.08 13.07 24.75
CA THR B 324 -11.47 14.40 24.83
C THR B 324 -12.35 15.32 25.65
N SER B 325 -11.72 16.22 26.40
CA SER B 325 -12.46 17.20 27.18
C SER B 325 -13.20 18.20 26.30
N ARG B 326 -12.75 18.38 25.05
CA ARG B 326 -13.37 19.35 24.14
C ARG B 326 -14.49 18.66 23.36
N LEU B 327 -15.54 18.28 24.09
CA LEU B 327 -16.70 17.69 23.45
C LEU B 327 -17.56 18.73 22.74
N GLU B 328 -17.37 20.01 23.06
CA GLU B 328 -18.17 21.06 22.45
C GLU B 328 -17.75 21.33 21.01
N THR B 329 -16.45 21.30 20.74
CA THR B 329 -15.93 21.68 19.44
C THR B 329 -16.08 20.53 18.45
N ASN B 330 -15.66 20.79 17.20
CA ASN B 330 -15.61 19.77 16.16
C ASN B 330 -14.21 19.67 15.55
N ALA B 331 -13.21 20.21 16.23
CA ALA B 331 -11.86 20.25 15.69
C ALA B 331 -11.35 18.82 15.46
N PRO B 332 -10.75 18.53 14.31
CA PRO B 332 -10.29 17.14 14.06
C PRO B 332 -9.12 16.72 14.94
N GLU B 333 -8.43 17.66 15.59
CA GLU B 333 -7.30 17.30 16.43
C GLU B 333 -7.76 16.64 17.73
N SER B 334 -8.98 16.93 18.16
CA SER B 334 -9.54 16.37 19.39
C SER B 334 -10.17 14.99 19.19
N ILE B 335 -9.96 14.38 18.04
CA ILE B 335 -10.55 13.07 17.77
C ILE B 335 -10.12 12.08 18.84
N CYS B 336 -11.06 11.22 19.25
CA CYS B 336 -10.82 10.23 20.28
C CYS B 336 -11.37 8.89 19.84
N ILE B 337 -11.03 7.85 20.60
CA ILE B 337 -11.47 6.49 20.26
C ILE B 337 -12.98 6.41 20.25
N LEU B 338 -13.65 7.09 21.17
CA LEU B 338 -15.11 7.07 21.20
C LEU B 338 -15.68 7.61 19.89
N ASP B 339 -15.10 8.69 19.37
CA ASP B 339 -15.55 9.23 18.10
C ASP B 339 -15.50 8.17 17.00
N LEU B 340 -14.57 7.22 17.10
CA LEU B 340 -14.48 6.15 16.10
C LEU B 340 -15.47 5.04 16.39
N GLU B 341 -15.52 4.58 17.66
CA GLU B 341 -16.46 3.53 18.02
C GLU B 341 -17.89 3.96 17.71
N VAL B 342 -18.25 5.20 18.05
CA VAL B 342 -19.58 5.70 17.74
C VAL B 342 -19.79 5.77 16.22
N PHE B 343 -18.73 6.05 15.47
CA PHE B 343 -18.84 6.10 14.02
C PHE B 343 -19.04 4.70 13.44
N LEU B 344 -18.20 3.75 13.84
CA LEU B 344 -18.32 2.39 13.33
C LEU B 344 -19.70 1.82 13.65
N LEU B 345 -20.21 2.08 14.86
CA LEU B 345 -21.56 1.65 15.19
C LEU B 345 -22.57 2.19 14.19
N GLY B 346 -22.38 3.44 13.76
CA GLY B 346 -23.29 4.02 12.78
C GLY B 346 -23.16 3.36 11.42
N VAL B 347 -21.92 3.09 10.99
CA VAL B 347 -21.73 2.44 9.70
C VAL B 347 -22.37 1.06 9.68
N VAL B 348 -22.16 0.29 10.75
CA VAL B 348 -22.78 -1.03 10.83
C VAL B 348 -24.29 -0.90 10.94
N TYR B 349 -24.77 0.10 11.70
CA TYR B 349 -26.21 0.30 11.84
C TYR B 349 -26.85 0.63 10.49
N THR B 350 -26.30 1.61 9.78
CA THR B 350 -26.85 1.98 8.48
C THR B 350 -26.64 0.86 7.46
N SER B 351 -25.46 0.24 7.47
CA SER B 351 -25.20 -0.83 6.51
C SER B 351 -26.16 -1.99 6.71
N HIS B 352 -26.48 -2.33 7.95
CA HIS B 352 -27.38 -3.45 8.21
C HIS B 352 -28.78 -3.17 7.70
N LEU B 353 -29.25 -1.93 7.85
CA LEU B 353 -30.59 -1.60 7.38
C LEU B 353 -30.64 -1.49 5.86
N GLN B 354 -29.54 -1.06 5.24
CA GLN B 354 -29.52 -0.98 3.78
C GLN B 354 -29.52 -2.36 3.15
N LEU B 355 -28.76 -3.31 3.71
CA LEU B 355 -28.79 -4.67 3.19
C LEU B 355 -30.18 -5.29 3.33
N LYS B 356 -30.86 -5.01 4.44
CA LYS B 356 -32.23 -5.49 4.59
C LYS B 356 -33.16 -4.80 3.59
N GLU B 357 -32.92 -3.52 3.31
CA GLU B 357 -33.75 -2.81 2.34
C GLU B 357 -33.57 -3.41 0.95
N LYS B 358 -32.32 -3.68 0.55
CA LYS B 358 -32.08 -4.40 -0.68
C LYS B 358 -32.66 -5.81 -0.62
N CYS B 359 -32.67 -6.41 0.58
CA CYS B 359 -33.14 -7.78 0.73
C CYS B 359 -34.64 -7.89 0.49
N ASN B 360 -35.42 -6.93 0.99
CA ASN B 360 -36.86 -6.97 0.78
C ASN B 360 -37.22 -6.94 -0.70
N SER B 361 -36.50 -6.12 -1.47
CA SER B 361 -36.72 -6.11 -2.91
C SER B 361 -36.15 -7.36 -3.57
N HIS B 362 -35.06 -7.90 -3.03
CA HIS B 362 -34.42 -9.09 -3.57
C HIS B 362 -35.05 -10.37 -3.05
N HIS B 363 -36.00 -10.29 -2.11
CA HIS B 363 -36.67 -11.46 -1.55
C HIS B 363 -35.69 -12.41 -0.88
N SER B 364 -34.58 -11.87 -0.38
CA SER B 364 -33.59 -12.65 0.36
C SER B 364 -33.15 -13.88 -0.44
N SER B 365 -33.05 -13.73 -1.75
CA SER B 365 -32.57 -14.83 -2.58
C SER B 365 -31.24 -15.36 -2.06
N TYR B 366 -30.40 -14.47 -1.54
CA TYR B 366 -29.14 -14.84 -0.91
C TYR B 366 -28.95 -13.92 0.28
N GLN B 367 -28.95 -14.49 1.49
CA GLN B 367 -28.93 -13.69 2.69
C GLN B 367 -27.76 -12.71 2.64
N PRO B 368 -27.96 -11.44 3.04
CA PRO B 368 -26.82 -10.52 3.10
C PRO B 368 -25.77 -10.94 4.12
N LEU B 369 -26.20 -11.48 5.26
CA LEU B 369 -25.25 -11.80 6.32
C LEU B 369 -24.43 -13.04 6.02
N CYS B 370 -24.88 -13.91 5.11
CA CYS B 370 -24.20 -15.16 4.85
C CYS B 370 -23.13 -15.04 3.77
N LEU B 371 -22.88 -13.84 3.25
CA LEU B 371 -21.84 -13.68 2.24
C LEU B 371 -20.48 -13.51 2.91
N PRO B 372 -19.41 -14.04 2.31
CA PRO B 372 -18.08 -13.88 2.89
C PRO B 372 -17.53 -12.48 2.64
N LEU B 373 -16.39 -12.21 3.29
CA LEU B 373 -15.81 -10.87 3.21
C LEU B 373 -15.47 -10.45 1.80
N PRO B 374 -14.76 -11.24 0.99
CA PRO B 374 -14.37 -10.73 -0.33
C PRO B 374 -15.54 -10.56 -1.28
N VAL B 375 -16.54 -11.44 -1.22
CA VAL B 375 -17.59 -11.45 -2.24
C VAL B 375 -18.47 -10.21 -2.13
N CYS B 376 -18.99 -9.94 -0.94
CA CYS B 376 -19.96 -8.86 -0.79
C CYS B 376 -19.38 -7.53 -1.27
N LYS B 377 -20.28 -6.63 -1.65
CA LYS B 377 -19.87 -5.33 -2.19
C LYS B 377 -19.36 -4.43 -1.07
N GLN B 378 -19.04 -3.19 -1.44
CA GLN B 378 -18.64 -2.20 -0.47
C GLN B 378 -19.80 -1.92 0.48
N LEU B 379 -19.59 -2.19 1.76
CA LEU B 379 -20.66 -2.16 2.76
C LEU B 379 -20.87 -0.78 3.38
N CYS B 380 -20.17 0.24 2.88
CA CYS B 380 -20.27 1.58 3.45
C CYS B 380 -20.30 2.60 2.33
N THR B 381 -20.92 3.75 2.61
CA THR B 381 -20.98 4.82 1.63
C THR B 381 -19.58 5.38 1.38
N GLU B 382 -19.39 5.92 0.17
CA GLU B 382 -18.10 6.51 -0.17
C GLU B 382 -17.78 7.70 0.75
N ARG B 383 -18.82 8.38 1.25
CA ARG B 383 -18.59 9.46 2.20
C ARG B 383 -18.05 8.93 3.52
N GLN B 384 -18.65 7.86 4.04
CA GLN B 384 -18.17 7.28 5.29
C GLN B 384 -16.75 6.74 5.14
N LYS B 385 -16.46 6.11 4.00
CA LYS B 385 -15.11 5.61 3.77
C LYS B 385 -14.10 6.74 3.69
N SER B 386 -14.43 7.81 2.97
CA SER B 386 -13.53 8.96 2.88
C SER B 386 -13.17 9.46 4.27
N TRP B 387 -14.14 9.44 5.19
CA TRP B 387 -13.86 9.87 6.56
C TRP B 387 -12.89 8.92 7.24
N TRP B 388 -13.16 7.62 7.18
CA TRP B 388 -12.30 6.65 7.84
C TRP B 388 -10.88 6.71 7.30
N ASP B 389 -10.73 6.65 5.97
CA ASP B 389 -9.40 6.74 5.38
C ASP B 389 -8.72 8.06 5.73
N ALA B 390 -9.50 9.13 5.89
CA ALA B 390 -8.91 10.43 6.21
C ALA B 390 -8.49 10.51 7.66
N VAL B 391 -9.39 10.14 8.58
CA VAL B 391 -9.07 10.22 10.01
C VAL B 391 -7.92 9.29 10.35
N CYS B 392 -7.85 8.13 9.69
CA CYS B 392 -6.79 7.17 9.99
C CYS B 392 -5.43 7.74 9.63
N THR B 393 -5.31 8.37 8.45
CA THR B 393 -4.05 8.98 8.06
C THR B 393 -3.66 10.15 8.96
N LEU B 394 -4.63 10.73 9.68
CA LEU B 394 -4.32 11.79 10.63
C LEU B 394 -3.90 11.21 11.98
N ILE B 395 -4.59 10.17 12.45
CA ILE B 395 -4.21 9.55 13.71
C ILE B 395 -2.80 9.00 13.63
N HIS B 396 -2.50 8.31 12.52
CA HIS B 396 -1.15 7.79 12.30
C HIS B 396 -0.16 8.89 11.95
N ARG B 397 -0.63 10.12 11.73
CA ARG B 397 0.24 11.27 11.47
C ARG B 397 1.12 11.05 10.24
N LYS B 398 0.51 10.51 9.18
CA LYS B 398 1.20 10.33 7.91
C LYS B 398 0.59 11.25 6.85
N ALA B 399 0.69 12.56 7.05
CA ALA B 399 0.08 13.55 6.18
C ALA B 399 1.15 14.27 5.36
N VAL B 400 0.67 15.08 4.42
CA VAL B 400 1.52 15.80 3.49
C VAL B 400 0.98 17.24 3.40
N PRO B 401 1.83 18.26 3.26
CA PRO B 401 1.29 19.63 3.16
C PRO B 401 0.16 19.77 2.15
N GLY B 402 0.17 18.96 1.08
CA GLY B 402 -0.94 18.96 0.14
C GLY B 402 -2.16 18.19 0.59
N ASN B 403 -2.03 17.40 1.66
CA ASN B 403 -3.13 16.61 2.19
C ASN B 403 -3.76 17.20 3.43
N VAL B 404 -2.95 17.78 4.32
CA VAL B 404 -3.46 18.26 5.61
C VAL B 404 -4.71 19.11 5.41
N ALA B 405 -4.72 19.94 4.36
CA ALA B 405 -5.89 20.77 4.09
C ALA B 405 -7.14 19.92 3.92
N LYS B 406 -7.07 18.92 3.03
CA LYS B 406 -8.25 18.10 2.75
C LYS B 406 -8.56 17.17 3.92
N LEU B 407 -7.54 16.55 4.51
CA LEU B 407 -7.80 15.58 5.56
C LEU B 407 -8.47 16.23 6.77
N ARG B 408 -8.07 17.46 7.10
CA ARG B 408 -8.69 18.14 8.23
C ARG B 408 -10.17 18.38 7.98
N LEU B 409 -10.51 18.97 6.83
CA LEU B 409 -11.90 19.34 6.57
C LEU B 409 -12.77 18.11 6.39
N LEU B 410 -12.25 17.05 5.76
CA LEU B 410 -13.02 15.83 5.60
C LEU B 410 -13.38 15.21 6.95
N VAL B 411 -12.50 15.36 7.94
CA VAL B 411 -12.80 14.84 9.27
C VAL B 411 -13.67 15.83 10.04
N GLN B 412 -13.27 17.10 10.06
CA GLN B 412 -14.02 18.11 10.80
C GLN B 412 -15.48 18.18 10.35
N HIS B 413 -15.75 17.87 9.08
CA HIS B 413 -17.10 17.97 8.56
C HIS B 413 -18.07 17.05 9.32
N GLU B 414 -17.58 15.90 9.79
CA GLU B 414 -18.45 14.88 10.37
C GLU B 414 -18.41 14.85 11.90
N ILE B 415 -17.44 15.50 12.54
CA ILE B 415 -17.37 15.45 13.99
C ILE B 415 -18.64 15.98 14.63
N ASN B 416 -19.28 16.97 14.00
CA ASN B 416 -20.56 17.46 14.51
C ASN B 416 -21.58 16.33 14.55
N THR B 417 -21.71 15.58 13.45
CA THR B 417 -22.70 14.51 13.39
C THR B 417 -22.36 13.36 14.34
N LEU B 418 -21.07 13.17 14.63
CA LEU B 418 -20.68 12.07 15.51
C LEU B 418 -20.93 12.41 16.98
N ARG B 419 -20.67 13.65 17.37
CA ARG B 419 -20.83 14.08 18.76
C ARG B 419 -22.20 14.69 19.03
N ALA B 420 -23.16 14.53 18.12
CA ALA B 420 -24.51 15.05 18.29
C ALA B 420 -24.47 16.55 18.58
N GLN B 421 -23.83 17.28 17.67
CA GLN B 421 -23.72 18.73 17.77
C GLN B 421 -24.78 19.37 16.88
N GLU B 422 -24.77 20.71 16.85
CA GLU B 422 -25.77 21.47 16.11
C GLU B 422 -26.01 20.89 14.72
N LYS B 423 -27.28 20.59 14.42
CA LYS B 423 -27.68 20.16 13.09
C LYS B 423 -27.00 18.85 12.68
N HIS B 424 -26.91 17.92 13.62
CA HIS B 424 -26.42 16.59 13.31
C HIS B 424 -27.47 15.81 12.53
N GLY B 425 -27.03 15.03 11.55
CA GLY B 425 -27.95 14.28 10.72
C GLY B 425 -28.41 12.99 11.35
N LEU B 426 -28.24 12.86 12.66
CA LEU B 426 -28.58 11.61 13.34
C LEU B 426 -30.08 11.43 13.45
N GLN B 427 -30.55 10.23 13.16
CA GLN B 427 -31.93 9.87 13.39
C GLN B 427 -32.13 9.50 14.86
N PRO B 428 -33.27 9.85 15.47
CA PRO B 428 -33.48 9.49 16.88
C PRO B 428 -33.21 8.03 17.19
N ALA B 429 -33.57 7.12 16.29
CA ALA B 429 -33.30 5.70 16.53
C ALA B 429 -31.81 5.44 16.60
N LEU B 430 -31.02 6.05 15.70
CA LEU B 430 -29.58 5.83 15.70
C LEU B 430 -28.95 6.36 16.98
N LEU B 431 -29.36 7.55 17.42
CA LEU B 431 -28.82 8.09 18.67
C LEU B 431 -29.08 7.15 19.83
N VAL B 432 -30.27 6.55 19.88
CA VAL B 432 -30.57 5.58 20.94
C VAL B 432 -29.61 4.40 20.86
N HIS B 433 -29.45 3.85 19.65
CA HIS B 433 -28.54 2.72 19.47
C HIS B 433 -27.15 3.07 19.98
N TRP B 434 -26.72 4.32 19.81
CA TRP B 434 -25.43 4.74 20.34
C TRP B 434 -25.45 4.75 21.87
N ALA B 435 -26.46 5.40 22.45
CA ALA B 435 -26.54 5.46 23.91
C ALA B 435 -26.64 4.05 24.50
N GLU B 436 -27.42 3.18 23.88
CA GLU B 436 -27.55 1.81 24.39
C GLU B 436 -26.22 1.07 24.32
N CYS B 437 -25.57 1.08 23.15
CA CYS B 437 -24.33 0.34 22.99
C CYS B 437 -23.24 0.88 23.90
N LEU B 438 -23.14 2.21 24.03
CA LEU B 438 -22.10 2.79 24.87
C LEU B 438 -22.36 2.50 26.34
N GLN B 439 -23.62 2.55 26.77
CA GLN B 439 -23.94 2.24 28.16
C GLN B 439 -23.59 0.79 28.49
N LYS B 440 -24.03 -0.15 27.64
CA LYS B 440 -23.75 -1.56 27.89
C LYS B 440 -22.24 -1.83 27.91
N THR B 441 -21.53 -1.39 26.88
CA THR B 441 -20.10 -1.65 26.82
C THR B 441 -19.36 -1.03 28.00
N GLY B 442 -19.84 0.12 28.49
CA GLY B 442 -19.14 0.79 29.56
C GLY B 442 -19.32 0.11 30.91
N SER B 443 -20.54 -0.38 31.18
CA SER B 443 -20.79 -1.01 32.48
C SER B 443 -19.97 -2.28 32.65
N GLY B 444 -19.67 -2.98 31.56
CA GLY B 444 -18.88 -4.20 31.63
C GLY B 444 -17.41 -4.01 31.89
N LEU B 445 -16.94 -2.76 31.95
CA LEU B 445 -15.53 -2.49 32.18
C LEU B 445 -15.20 -2.54 33.67
N ASN B 446 -13.92 -2.78 33.96
CA ASN B 446 -13.46 -2.93 35.34
C ASN B 446 -12.84 -1.66 35.90
N SER B 447 -12.30 -0.79 35.05
CA SER B 447 -11.69 0.45 35.51
C SER B 447 -12.77 1.51 35.68
N PHE B 448 -12.86 2.08 36.87
CA PHE B 448 -13.90 3.07 37.15
C PHE B 448 -13.81 4.27 36.22
N TYR B 449 -12.60 4.65 35.82
CA TYR B 449 -12.44 5.77 34.90
C TYR B 449 -12.98 5.44 33.51
N ASP B 450 -12.66 4.25 32.99
CA ASP B 450 -13.15 3.88 31.67
C ASP B 450 -14.67 3.77 31.66
N GLN B 451 -15.27 3.30 32.76
CA GLN B 451 -16.73 3.28 32.85
C GLN B 451 -17.31 4.67 32.69
N ARG B 452 -16.71 5.66 33.34
CA ARG B 452 -17.23 7.03 33.26
C ARG B 452 -17.18 7.54 31.83
N GLU B 453 -16.10 7.27 31.11
CA GLU B 453 -15.96 7.78 29.75
C GLU B 453 -17.09 7.26 28.85
N TYR B 454 -17.19 5.94 28.71
CA TYR B 454 -18.21 5.37 27.84
C TYR B 454 -19.60 5.74 28.33
N ILE B 455 -19.88 5.50 29.63
CA ILE B 455 -21.18 5.86 30.17
C ILE B 455 -21.41 7.37 30.07
N GLY B 456 -20.34 8.15 30.11
CA GLY B 456 -20.49 9.60 29.95
C GLY B 456 -21.07 9.96 28.61
N ARG B 457 -20.55 9.37 27.54
CA ARG B 457 -21.12 9.62 26.22
C ARG B 457 -22.56 9.18 26.15
N SER B 458 -22.87 8.00 26.70
CA SER B 458 -24.24 7.52 26.70
C SER B 458 -25.18 8.57 27.29
N VAL B 459 -24.78 9.17 28.41
CA VAL B 459 -25.59 10.24 29.00
C VAL B 459 -25.64 11.43 28.05
N HIS B 460 -24.52 11.76 27.42
CA HIS B 460 -24.50 12.89 26.49
C HIS B 460 -25.48 12.67 25.35
N TYR B 461 -25.41 11.52 24.69
CA TYR B 461 -26.33 11.24 23.58
C TYR B 461 -27.77 11.19 24.05
N TRP B 462 -28.01 10.55 25.20
CA TRP B 462 -29.37 10.48 25.75
C TRP B 462 -29.98 11.88 25.85
N LYS B 463 -29.22 12.84 26.40
CA LYS B 463 -29.73 14.20 26.51
C LYS B 463 -30.04 14.81 25.16
N LYS B 464 -29.29 14.44 24.13
CA LYS B 464 -29.55 14.94 22.78
C LYS B 464 -30.72 14.24 22.12
N VAL B 465 -31.16 13.10 22.65
CA VAL B 465 -32.31 12.41 22.08
C VAL B 465 -33.62 12.93 22.66
N LEU B 466 -33.65 13.15 23.98
CA LEU B 466 -34.88 13.54 24.66
C LEU B 466 -35.61 14.68 23.96
N PRO B 467 -34.96 15.78 23.58
CA PRO B 467 -35.69 16.82 22.83
C PRO B 467 -36.38 16.28 21.59
N LEU B 468 -35.75 15.34 20.88
CA LEU B 468 -36.37 14.75 19.70
C LEU B 468 -37.54 13.85 20.10
N LEU B 469 -37.47 13.23 21.27
CA LEU B 469 -38.55 12.35 21.70
C LEU B 469 -39.78 13.15 22.11
N LYS B 470 -39.59 14.26 22.82
CA LYS B 470 -40.74 15.10 23.16
C LYS B 470 -41.49 15.53 21.91
N ILE B 471 -40.75 15.79 20.83
CA ILE B 471 -41.37 16.19 19.57
C ILE B 471 -42.11 15.02 18.94
N ILE B 472 -41.52 13.82 19.01
CA ILE B 472 -42.19 12.64 18.47
C ILE B 472 -43.34 12.23 19.37
N LYS B 473 -43.24 12.51 20.68
CA LYS B 473 -44.32 12.16 21.60
C LYS B 473 -45.59 12.93 21.27
N LYS B 474 -45.45 14.21 20.95
CA LYS B 474 -46.59 15.08 20.63
C LYS B 474 -47.06 14.93 19.18
N LYS B 475 -46.62 13.88 18.49
CA LYS B 475 -47.05 13.61 17.11
C LYS B 475 -46.63 14.73 16.16
N ASN B 476 -45.52 15.41 16.47
CA ASN B 476 -44.94 16.41 15.60
C ASN B 476 -43.74 15.81 14.88
N SER B 477 -43.65 16.05 13.58
CA SER B 477 -42.62 15.43 12.75
C SER B 477 -41.27 16.14 12.95
N ILE B 478 -40.21 15.35 13.08
CA ILE B 478 -38.86 15.88 13.21
C ILE B 478 -38.37 16.25 11.82
N PRO B 479 -37.56 17.30 11.68
CA PRO B 479 -37.05 17.67 10.34
C PRO B 479 -36.08 16.63 9.83
N GLU B 480 -36.39 16.07 8.66
CA GLU B 480 -35.49 15.09 8.04
C GLU B 480 -34.29 15.81 7.45
N PRO B 481 -33.07 15.45 7.81
CA PRO B 481 -31.91 16.21 7.33
C PRO B 481 -31.69 16.00 5.84
N ILE B 482 -30.78 16.79 5.29
CA ILE B 482 -30.43 16.76 3.87
C ILE B 482 -29.08 16.08 3.74
N ASP B 483 -29.04 14.99 2.97
CA ASP B 483 -27.83 14.22 2.74
C ASP B 483 -27.07 13.97 4.05
N PRO B 484 -27.67 13.23 4.98
CA PRO B 484 -27.00 12.99 6.26
C PRO B 484 -25.86 12.00 6.14
N LEU B 485 -24.91 12.10 7.08
CA LEU B 485 -23.80 11.17 7.10
C LEU B 485 -24.30 9.73 7.27
N PHE B 486 -25.34 9.54 8.07
CA PHE B 486 -25.94 8.23 8.29
C PHE B 486 -27.37 8.29 7.79
N LYS B 487 -27.67 7.44 6.80
CA LYS B 487 -28.96 7.50 6.11
C LYS B 487 -30.10 7.21 7.08
N HIS B 488 -31.19 7.97 6.94
CA HIS B 488 -32.38 7.74 7.74
C HIS B 488 -33.25 6.65 7.10
N PHE B 489 -33.74 5.73 7.93
CA PHE B 489 -34.61 4.66 7.49
C PHE B 489 -35.92 4.74 8.26
N HIS B 490 -37.04 4.66 7.55
CA HIS B 490 -38.34 4.66 8.20
C HIS B 490 -38.63 3.34 8.91
N SER B 491 -37.83 2.30 8.66
CA SER B 491 -38.02 1.03 9.35
C SER B 491 -37.70 1.10 10.83
N VAL B 492 -37.06 2.17 11.28
CA VAL B 492 -36.68 2.33 12.68
C VAL B 492 -37.29 3.60 13.28
N ASP B 493 -38.35 4.13 12.67
CA ASP B 493 -39.00 5.33 13.19
C ASP B 493 -39.57 5.07 14.58
N ILE B 494 -39.07 5.81 15.56
CA ILE B 494 -39.58 5.70 16.92
C ILE B 494 -41.04 6.17 16.95
N GLN B 495 -41.84 5.54 17.81
CA GLN B 495 -43.26 5.78 17.88
C GLN B 495 -43.66 6.11 19.32
N ALA B 496 -44.89 6.59 19.48
CA ALA B 496 -45.35 7.08 20.78
C ALA B 496 -45.17 6.03 21.87
N SER B 497 -45.61 4.80 21.60
CA SER B 497 -45.53 3.75 22.62
C SER B 497 -44.11 3.57 23.11
N GLU B 498 -43.12 3.77 22.24
CA GLU B 498 -41.72 3.59 22.60
C GLU B 498 -41.11 4.80 23.29
N ILE B 499 -41.79 5.95 23.26
CA ILE B 499 -41.21 7.16 23.84
C ILE B 499 -41.04 7.00 25.34
N VAL B 500 -42.08 6.51 26.02
CA VAL B 500 -42.02 6.42 27.48
C VAL B 500 -40.95 5.43 27.90
N GLU B 501 -40.79 4.34 27.14
CA GLU B 501 -39.78 3.34 27.50
C GLU B 501 -38.37 3.89 27.37
N TYR B 502 -38.12 4.69 26.33
CA TYR B 502 -36.77 5.27 26.18
C TYR B 502 -36.51 6.35 27.22
N GLU B 503 -37.50 7.22 27.46
CA GLU B 503 -37.33 8.23 28.50
C GLU B 503 -37.02 7.58 29.84
N GLU B 504 -37.61 6.42 30.11
CA GLU B 504 -37.27 5.66 31.30
C GLU B 504 -35.80 5.27 31.29
N ASP B 505 -35.37 4.54 30.25
CA ASP B 505 -33.98 4.10 30.17
C ASP B 505 -33.02 5.28 30.30
N ALA B 506 -33.36 6.42 29.71
CA ALA B 506 -32.51 7.59 29.80
C ALA B 506 -32.33 8.03 31.26
N HIS B 507 -33.44 8.10 32.00
CA HIS B 507 -33.35 8.49 33.41
C HIS B 507 -32.53 7.48 34.20
N ILE B 508 -32.63 6.20 33.85
CA ILE B 508 -31.83 5.17 34.52
C ILE B 508 -30.35 5.42 34.27
N THR B 509 -29.97 5.58 32.99
CA THR B 509 -28.57 5.77 32.66
C THR B 509 -27.99 6.99 33.37
N PHE B 510 -28.79 8.06 33.50
CA PHE B 510 -28.33 9.22 34.26
C PHE B 510 -27.95 8.80 35.67
N ALA B 511 -28.73 7.92 36.29
CA ALA B 511 -28.40 7.43 37.63
C ALA B 511 -27.14 6.57 37.61
N ILE B 512 -26.95 5.79 36.54
CA ILE B 512 -25.75 4.97 36.44
C ILE B 512 -24.50 5.84 36.46
N LEU B 513 -24.54 6.97 35.74
CA LEU B 513 -23.40 7.87 35.73
C LEU B 513 -23.12 8.41 37.13
N ASP B 514 -24.16 8.90 37.81
CA ASP B 514 -23.98 9.43 39.16
C ASP B 514 -23.46 8.36 40.12
N ALA B 515 -23.83 7.10 39.89
CA ALA B 515 -23.32 6.01 40.72
C ALA B 515 -21.85 5.78 40.46
N VAL B 516 -21.42 5.84 39.19
CA VAL B 516 -20.02 5.67 38.86
C VAL B 516 -19.20 6.80 39.48
N ASN B 517 -19.61 8.05 39.23
CA ASN B 517 -18.93 9.18 39.84
C ASN B 517 -18.87 9.04 41.35
N GLY B 518 -19.95 8.55 41.97
CA GLY B 518 -19.94 8.38 43.41
C GLY B 518 -18.84 7.44 43.88
N ASN B 519 -18.63 6.34 43.15
CA ASN B 519 -17.56 5.41 43.51
C ASN B 519 -16.19 5.97 43.18
N ILE B 520 -16.09 6.89 42.22
CA ILE B 520 -14.82 7.56 41.97
C ILE B 520 -14.52 8.57 43.06
N GLU B 521 -15.56 9.25 43.56
CA GLU B 521 -15.36 10.15 44.70
C GLU B 521 -14.85 9.40 45.91
N ASP B 522 -15.39 8.19 46.15
CA ASP B 522 -14.90 7.38 47.26
C ASP B 522 -13.44 6.99 47.06
N ALA B 523 -13.06 6.66 45.82
CA ALA B 523 -11.68 6.29 45.55
C ALA B 523 -10.76 7.51 45.62
N VAL B 524 -11.24 8.67 45.17
CA VAL B 524 -10.42 9.89 45.21
C VAL B 524 -10.09 10.24 46.65
N THR B 525 -11.13 10.45 47.48
CA THR B 525 -10.89 10.82 48.87
C THR B 525 -10.14 9.74 49.62
N ALA B 526 -10.32 8.47 49.23
CA ALA B 526 -9.58 7.39 49.87
C ALA B 526 -8.10 7.48 49.56
N PHE B 527 -7.76 7.89 48.33
CA PHE B 527 -6.35 8.07 47.97
C PHE B 527 -5.73 9.27 48.68
N GLU B 528 -6.54 10.24 49.10
CA GLU B 528 -6.00 11.40 49.79
C GLU B 528 -5.57 11.06 51.21
N SER B 529 -6.24 10.11 51.86
CA SER B 529 -5.88 9.72 53.22
C SER B 529 -4.61 8.86 53.21
N ASP C 1 -6.58 27.32 29.86
CA ASP C 1 -7.42 28.24 29.10
C ASP C 1 -7.12 28.12 27.60
N GLY C 2 -6.02 28.73 27.17
CA GLY C 2 -5.61 28.66 25.78
C GLY C 2 -4.93 27.36 25.40
N TRP C 3 -4.86 26.38 26.30
CA TRP C 3 -4.24 25.11 25.98
C TRP C 3 -4.91 24.46 24.77
N ASN C 4 -6.19 24.75 24.53
CA ASN C 4 -6.88 24.17 23.39
C ASN C 4 -6.32 24.70 22.08
N LYS C 5 -6.09 26.02 22.00
CA LYS C 5 -5.49 26.59 20.79
C LYS C 5 -4.10 26.02 20.55
N LEU C 6 -3.32 25.82 21.62
CA LEU C 6 -1.97 25.30 21.46
C LEU C 6 -1.98 23.82 21.12
N PHE C 7 -2.92 23.07 21.70
CA PHE C 7 -3.02 21.64 21.39
C PHE C 7 -3.33 21.42 19.91
N ASP C 8 -4.18 22.27 19.34
CA ASP C 8 -4.51 22.14 17.92
C ASP C 8 -3.30 22.45 17.04
N LEU C 9 -2.56 23.51 17.37
CA LEU C 9 -1.40 23.87 16.56
C LEU C 9 -0.34 22.77 16.60
N ILE C 10 -0.03 22.26 17.79
CA ILE C 10 0.96 21.21 17.91
C ILE C 10 0.50 19.95 17.19
N GLN C 11 -0.75 19.54 17.42
CA GLN C 11 -1.25 18.31 16.82
C GLN C 11 -1.29 18.43 15.30
N SER C 12 -1.71 19.58 14.78
CA SER C 12 -1.77 19.77 13.33
C SER C 12 -0.37 19.83 12.72
N GLU C 13 0.64 20.21 13.49
CA GLU C 13 2.01 20.22 12.99
C GLU C 13 2.60 18.81 12.94
N LEU C 14 2.29 17.98 13.94
CA LEU C 14 2.75 16.61 13.92
C LEU C 14 2.09 15.79 12.82
N TYR C 15 0.95 16.24 12.29
CA TYR C 15 0.31 15.53 11.19
C TYR C 15 1.29 15.33 10.03
N VAL C 16 2.08 16.36 9.73
CA VAL C 16 2.98 16.34 8.60
C VAL C 16 4.43 16.15 9.01
N ARG C 17 4.86 16.68 10.15
CA ARG C 17 6.23 16.59 10.63
C ARG C 17 6.23 15.94 12.02
N PRO C 18 6.00 14.62 12.08
CA PRO C 18 5.85 13.95 13.39
C PRO C 18 7.15 13.52 14.03
N ASP C 19 8.30 13.79 13.42
CA ASP C 19 9.58 13.37 13.96
C ASP C 19 10.37 14.50 14.60
N ASP C 20 9.81 15.70 14.65
CA ASP C 20 10.53 16.83 15.24
C ASP C 20 10.67 16.62 16.75
N VAL C 21 11.87 16.84 17.26
CA VAL C 21 12.13 16.65 18.68
C VAL C 21 11.35 17.66 19.51
N HIS C 22 11.55 18.95 19.23
CA HIS C 22 10.98 19.98 20.08
C HIS C 22 9.46 20.00 20.00
N VAL C 23 8.90 19.86 18.80
CA VAL C 23 7.45 19.89 18.66
C VAL C 23 6.79 18.76 19.45
N ASN C 24 7.41 17.58 19.44
CA ASN C 24 6.88 16.48 20.22
C ASN C 24 6.99 16.75 21.71
N ILE C 25 8.07 17.39 22.14
CA ILE C 25 8.25 17.67 23.57
C ILE C 25 7.18 18.63 24.05
N ARG C 26 6.81 19.61 23.23
CA ARG C 26 5.78 20.56 23.64
C ARG C 26 4.43 19.88 23.81
N LEU C 27 4.14 18.86 23.00
CA LEU C 27 2.88 18.14 23.14
C LEU C 27 2.80 17.40 24.47
N VAL C 28 3.91 16.77 24.88
CA VAL C 28 3.92 16.06 26.16
C VAL C 28 3.68 17.03 27.31
N GLU C 29 4.22 18.24 27.20
CA GLU C 29 3.99 19.24 28.23
C GLU C 29 2.51 19.66 28.28
N VAL C 30 1.87 19.74 27.11
CA VAL C 30 0.45 20.10 27.08
C VAL C 30 -0.38 19.06 27.82
N TYR C 31 -0.14 17.78 27.52
CA TYR C 31 -0.90 16.72 28.19
C TYR C 31 -0.64 16.70 29.70
N ARG C 32 0.56 17.12 30.13
CA ARG C 32 0.85 17.14 31.56
C ARG C 32 0.12 18.28 32.26
N SER C 33 0.11 19.46 31.64
CA SER C 33 -0.52 20.63 32.27
C SER C 33 -2.03 20.59 32.18
N THR C 34 -2.60 19.88 31.21
CA THR C 34 -4.05 19.79 31.04
C THR C 34 -4.65 18.60 31.78
N LYS C 35 -3.93 18.01 32.73
CA LYS C 35 -4.38 16.91 33.57
C LYS C 35 -4.57 15.61 32.80
N ARG C 36 -4.28 15.58 31.50
CA ARG C 36 -4.37 14.35 30.72
C ARG C 36 -3.04 13.60 30.77
N LEU C 37 -2.66 13.23 31.99
CA LEU C 37 -1.35 12.59 32.19
C LEU C 37 -1.30 11.20 31.58
N LYS C 38 -2.45 10.50 31.53
CA LYS C 38 -2.49 9.20 30.87
C LYS C 38 -2.18 9.33 29.38
N ASP C 39 -2.78 10.31 28.72
CA ASP C 39 -2.54 10.52 27.30
C ASP C 39 -1.09 10.91 27.04
N ALA C 40 -0.43 11.53 28.01
CA ALA C 40 0.98 11.90 27.85
C ALA C 40 1.85 10.66 27.70
N VAL C 41 1.73 9.72 28.63
CA VAL C 41 2.51 8.48 28.55
C VAL C 41 2.13 7.70 27.29
N ALA C 42 0.85 7.69 26.94
CA ALA C 42 0.42 6.99 25.73
C ALA C 42 1.12 7.54 24.50
N HIS C 43 1.41 8.85 24.48
CA HIS C 43 2.11 9.44 23.34
C HIS C 43 3.59 9.06 23.35
N CYS C 44 4.26 9.26 24.49
CA CYS C 44 5.66 8.91 24.59
C CYS C 44 5.89 7.44 24.25
N HIS C 45 5.01 6.56 24.71
CA HIS C 45 5.13 5.14 24.37
C HIS C 45 5.04 4.93 22.87
N GLU C 46 4.16 5.67 22.20
CA GLU C 46 3.98 5.54 20.76
C GLU C 46 4.94 6.43 19.97
N ALA C 47 5.46 7.50 20.58
CA ALA C 47 6.42 8.35 19.91
C ALA C 47 7.82 7.76 19.91
N GLU C 48 8.13 6.88 20.86
CA GLU C 48 9.40 6.16 20.83
C GLU C 48 9.55 5.36 19.54
N ARG C 49 8.44 5.08 18.85
CA ARG C 49 8.51 4.43 17.54
C ARG C 49 9.51 5.11 16.63
N ASN C 50 9.41 6.43 16.52
CA ASN C 50 10.38 7.19 15.73
C ASN C 50 11.74 7.14 16.41
N ILE C 51 12.77 6.79 15.63
CA ILE C 51 14.09 6.60 16.21
C ILE C 51 14.82 7.94 16.38
N ALA C 52 14.48 8.94 15.56
CA ALA C 52 15.12 10.24 15.70
C ALA C 52 14.91 10.82 17.10
N LEU C 53 13.84 10.42 17.78
CA LEU C 53 13.61 10.87 19.14
C LEU C 53 14.43 10.08 20.15
N ARG C 54 14.59 8.77 19.91
CA ARG C 54 15.36 7.95 20.84
C ARG C 54 16.78 8.47 21.00
N SER C 55 17.32 9.12 19.97
CA SER C 55 18.69 9.61 20.00
C SER C 55 18.79 11.03 20.58
N SER C 56 17.68 11.65 20.95
CA SER C 56 17.68 12.99 21.48
C SER C 56 17.70 12.95 23.00
N LEU C 57 18.63 13.69 23.60
CA LEU C 57 18.69 13.77 25.06
C LEU C 57 17.50 14.56 25.60
N GLU C 58 17.05 15.58 24.88
CA GLU C 58 15.92 16.36 25.34
C GLU C 58 14.65 15.51 25.42
N TRP C 59 14.49 14.57 24.49
CA TRP C 59 13.30 13.72 24.48
C TRP C 59 13.33 12.72 25.63
N ASN C 60 14.36 11.87 25.67
CA ASN C 60 14.44 10.86 26.73
C ASN C 60 14.34 11.49 28.11
N SER C 61 14.92 12.69 28.28
CA SER C 61 14.81 13.37 29.56
C SER C 61 13.34 13.69 29.88
N CYS C 62 12.56 14.02 28.85
CA CYS C 62 11.14 14.29 29.07
C CYS C 62 10.36 13.00 29.29
N VAL C 63 10.76 11.91 28.63
CA VAL C 63 10.04 10.65 28.80
C VAL C 63 10.21 10.11 30.21
N VAL C 64 11.40 10.29 30.79
CA VAL C 64 11.62 9.84 32.17
C VAL C 64 10.78 10.67 33.13
N GLN C 65 10.85 12.00 33.00
CA GLN C 65 10.13 12.87 33.92
C GLN C 65 8.63 12.65 33.82
N THR C 66 8.10 12.62 32.60
CA THR C 66 6.65 12.44 32.43
C THR C 66 6.20 11.06 32.93
N LEU C 67 7.05 10.04 32.79
CA LEU C 67 6.70 8.72 33.30
C LEU C 67 6.73 8.70 34.82
N LYS C 68 7.71 9.37 35.43
CA LYS C 68 7.79 9.43 36.88
C LYS C 68 6.55 10.07 37.48
N GLU C 69 6.00 11.08 36.81
CA GLU C 69 4.79 11.72 37.31
C GLU C 69 3.60 10.76 37.26
N TYR C 70 3.55 9.89 36.24
CA TYR C 70 2.41 9.00 36.09
C TYR C 70 2.41 7.90 37.14
N LEU C 71 3.58 7.52 37.65
CA LEU C 71 3.63 6.51 38.70
C LEU C 71 3.07 7.00 40.02
N GLU C 72 3.01 8.32 40.22
CA GLU C 72 2.49 8.89 41.46
C GLU C 72 1.02 9.26 41.38
N SER C 73 0.39 9.11 40.22
CA SER C 73 -1.02 9.44 40.06
C SER C 73 -1.89 8.28 40.49
N LEU C 74 -3.16 8.60 40.80
CA LEU C 74 -4.10 7.57 41.21
C LEU C 74 -4.59 6.74 40.03
N GLN C 75 -4.70 7.35 38.85
CA GLN C 75 -5.22 6.62 37.69
C GLN C 75 -4.29 5.48 37.28
N CYS C 76 -2.99 5.60 37.55
CA CYS C 76 -2.07 4.53 37.20
C CYS C 76 -2.24 3.32 38.11
N LEU C 77 -2.42 3.56 39.41
CA LEU C 77 -2.55 2.45 40.36
C LEU C 77 -3.90 1.74 40.20
N GLU C 78 -4.92 2.44 39.71
CA GLU C 78 -6.26 1.88 39.61
C GLU C 78 -6.59 1.35 38.22
N SER C 79 -6.05 1.96 37.16
CA SER C 79 -6.39 1.53 35.81
C SER C 79 -6.17 0.04 35.63
N ASP C 80 -4.95 -0.43 35.90
CA ASP C 80 -4.63 -1.85 35.81
C ASP C 80 -3.23 -2.07 36.35
N LYS C 81 -3.04 -3.20 37.04
CA LYS C 81 -1.72 -3.51 37.59
C LYS C 81 -0.71 -3.84 36.50
N SER C 82 -1.16 -4.41 35.39
CA SER C 82 -0.26 -4.64 34.27
C SER C 82 0.17 -3.33 33.63
N ASP C 83 -0.69 -2.31 33.68
CA ASP C 83 -0.31 -1.00 33.19
C ASP C 83 0.73 -0.36 34.08
N TRP C 84 0.62 -0.56 35.39
CA TRP C 84 1.63 -0.04 36.31
C TRP C 84 2.98 -0.70 36.06
N ARG C 85 2.99 -2.03 35.90
CA ARG C 85 4.23 -2.73 35.57
C ARG C 85 4.72 -2.35 34.17
N ALA C 86 3.80 -2.18 33.22
CA ALA C 86 4.19 -1.80 31.88
C ALA C 86 4.89 -0.45 31.86
N THR C 87 4.36 0.52 32.60
CA THR C 87 5.01 1.83 32.66
C THR C 87 6.39 1.74 33.32
N ASN C 88 6.55 0.81 34.27
CA ASN C 88 7.86 0.64 34.90
C ASN C 88 8.90 0.16 33.89
N THR C 89 8.51 -0.73 32.98
CA THR C 89 9.43 -1.17 31.95
C THR C 89 9.88 0.00 31.10
N ASP C 90 8.94 0.82 30.63
CA ASP C 90 9.29 1.97 29.82
C ASP C 90 10.19 2.93 30.58
N LEU C 91 9.98 3.07 31.89
CA LEU C 91 10.81 3.96 32.69
C LEU C 91 12.24 3.44 32.79
N LEU C 92 12.40 2.15 33.07
CA LEU C 92 13.74 1.56 33.13
C LEU C 92 14.44 1.68 31.78
N LEU C 93 13.71 1.46 30.69
CA LEU C 93 14.32 1.56 29.36
C LEU C 93 14.71 2.99 29.05
N ALA C 94 13.81 3.94 29.31
CA ALA C 94 14.12 5.35 29.06
C ALA C 94 15.34 5.80 29.86
N TYR C 95 15.46 5.33 31.10
CA TYR C 95 16.64 5.66 31.90
C TYR C 95 17.91 5.15 31.23
N ALA C 96 17.89 3.92 30.73
CA ALA C 96 19.07 3.36 30.07
C ALA C 96 19.49 4.22 28.90
N ASN C 97 18.55 4.51 27.99
CA ASN C 97 18.85 5.38 26.85
C ASN C 97 19.37 6.74 27.33
N LEU C 98 18.65 7.36 28.26
CA LEU C 98 19.09 8.67 28.77
C LEU C 98 20.49 8.60 29.35
N MET C 99 20.80 7.50 30.05
CA MET C 99 22.14 7.35 30.61
C MET C 99 23.19 7.27 29.52
N LEU C 100 22.86 6.61 28.40
CA LEU C 100 23.81 6.50 27.30
C LEU C 100 24.13 7.86 26.69
N LEU C 101 23.09 8.63 26.37
CA LEU C 101 23.31 9.94 25.77
C LEU C 101 24.05 10.87 26.71
N THR C 102 23.71 10.83 28.00
CA THR C 102 24.35 11.73 28.97
C THR C 102 25.85 11.47 29.04
N LEU C 103 26.25 10.20 29.05
CA LEU C 103 27.68 9.88 29.15
C LEU C 103 28.46 10.46 27.98
N SER C 104 27.85 10.53 26.79
CA SER C 104 28.56 10.93 25.59
C SER C 104 28.54 12.44 25.36
N THR C 105 27.52 13.15 25.85
CA THR C 105 27.33 14.56 25.53
C THR C 105 27.30 15.45 26.76
N ARG C 106 27.67 14.94 27.94
CA ARG C 106 27.62 15.75 29.16
C ARG C 106 28.91 15.59 29.94
N ASP C 107 28.95 16.15 31.16
CA ASP C 107 30.12 16.10 32.01
C ASP C 107 30.01 14.94 33.00
N VAL C 108 31.05 14.78 33.82
CA VAL C 108 31.08 13.67 34.76
C VAL C 108 30.05 13.86 35.86
N GLN C 109 29.79 15.11 36.26
CA GLN C 109 28.85 15.36 37.35
C GLN C 109 27.43 14.97 36.95
N GLU C 110 26.91 15.62 35.91
CA GLU C 110 25.53 15.35 35.50
C GLU C 110 25.31 13.88 35.18
N SER C 111 26.32 13.20 34.64
CA SER C 111 26.18 11.77 34.38
C SER C 111 26.10 10.98 35.68
N ARG C 112 26.87 11.40 36.69
CA ARG C 112 26.80 10.74 38.00
C ARG C 112 25.41 10.87 38.59
N GLU C 113 24.91 12.10 38.71
CA GLU C 113 23.60 12.33 39.31
C GLU C 113 22.52 11.54 38.59
N LEU C 114 22.68 11.29 37.29
CA LEU C 114 21.73 10.45 36.56
C LEU C 114 21.89 8.99 36.95
N LEU C 115 23.13 8.50 36.97
CA LEU C 115 23.38 7.12 37.38
C LEU C 115 22.85 6.87 38.79
N GLN C 116 23.06 7.83 39.70
CA GLN C 116 22.52 7.71 41.04
C GLN C 116 21.00 7.66 41.02
N SER C 117 20.38 8.44 40.13
CA SER C 117 18.93 8.35 39.96
C SER C 117 18.53 7.01 39.34
N PHE C 118 19.28 6.57 38.34
CA PHE C 118 19.07 5.22 37.80
C PHE C 118 19.12 4.20 38.92
N ASP C 119 20.10 4.33 39.82
CA ASP C 119 20.21 3.39 40.93
C ASP C 119 18.93 3.38 41.76
N SER C 120 18.38 4.56 42.06
CA SER C 120 17.13 4.63 42.82
C SER C 120 16.00 3.95 42.07
N ALA C 121 16.00 4.02 40.73
CA ALA C 121 14.95 3.37 39.95
C ALA C 121 15.05 1.86 40.06
N LEU C 122 16.26 1.30 39.97
CA LEU C 122 16.44 -0.14 40.14
C LEU C 122 16.03 -0.58 41.55
N GLN C 123 16.49 0.16 42.56
CA GLN C 123 16.14 -0.18 43.94
C GLN C 123 14.64 -0.30 44.12
N SER C 124 13.89 0.67 43.57
CA SER C 124 12.44 0.68 43.77
C SER C 124 11.75 -0.49 43.09
N VAL C 125 12.30 -0.98 41.98
CA VAL C 125 11.61 -2.02 41.21
C VAL C 125 12.01 -3.43 41.66
N LYS C 126 13.20 -3.60 42.26
CA LYS C 126 13.64 -4.94 42.63
C LYS C 126 12.71 -5.61 43.63
N SER C 127 11.96 -4.82 44.40
CA SER C 127 11.05 -5.40 45.39
C SER C 127 9.87 -6.10 44.73
N LEU C 128 9.41 -5.60 43.58
CA LEU C 128 8.26 -6.19 42.92
C LEU C 128 8.54 -7.64 42.52
N GLY C 129 9.65 -7.88 41.83
CA GLY C 129 9.99 -9.21 41.37
C GLY C 129 9.19 -9.65 40.18
N GLY C 130 8.35 -10.67 40.36
CA GLY C 130 7.52 -11.16 39.27
C GLY C 130 8.31 -11.97 38.26
N ASN C 131 7.62 -12.30 37.17
CA ASN C 131 8.21 -13.07 36.09
C ASN C 131 7.46 -12.77 34.79
N ASP C 132 7.57 -11.51 34.33
CA ASP C 132 6.93 -11.08 33.10
C ASP C 132 7.87 -10.15 32.34
N GLU C 133 7.30 -9.27 31.51
CA GLU C 133 8.14 -8.35 30.74
C GLU C 133 8.98 -7.47 31.68
N LEU C 134 8.41 -7.05 32.80
CA LEU C 134 9.14 -6.20 33.74
C LEU C 134 10.27 -6.96 34.41
N SER C 135 10.03 -8.21 34.79
CA SER C 135 11.08 -8.99 35.45
C SER C 135 12.27 -9.22 34.51
N ALA C 136 11.98 -9.63 33.27
CA ALA C 136 13.06 -9.81 32.31
C ALA C 136 13.73 -8.48 31.98
N THR C 137 12.94 -7.41 31.86
CA THR C 137 13.50 -6.10 31.58
C THR C 137 14.42 -5.63 32.70
N PHE C 138 14.05 -5.91 33.95
CA PHE C 138 14.86 -5.45 35.07
C PHE C 138 16.26 -6.03 35.01
N LEU C 139 16.39 -7.32 34.65
CA LEU C 139 17.70 -7.96 34.64
C LEU C 139 18.59 -7.37 33.56
N GLU C 140 18.05 -7.22 32.35
CA GLU C 140 18.84 -6.65 31.26
C GLU C 140 19.23 -5.21 31.56
N MET C 141 18.30 -4.43 32.12
CA MET C 141 18.62 -3.04 32.46
C MET C 141 19.67 -2.96 33.56
N LYS C 142 19.69 -3.94 34.47
CA LYS C 142 20.74 -3.98 35.48
C LYS C 142 22.12 -4.12 34.83
N GLY C 143 22.20 -4.87 33.73
CA GLY C 143 23.46 -4.98 33.01
C GLY C 143 23.88 -3.66 32.39
N HIS C 144 22.94 -2.98 31.73
CA HIS C 144 23.23 -1.65 31.19
C HIS C 144 23.68 -0.70 32.29
N PHE C 145 23.07 -0.80 33.47
CA PHE C 145 23.48 0.02 34.59
C PHE C 145 24.98 -0.11 34.84
N TYR C 146 25.44 -1.34 35.06
CA TYR C 146 26.87 -1.56 35.29
C TYR C 146 27.69 -1.16 34.06
N MET C 147 27.19 -1.46 32.86
CA MET C 147 27.91 -1.08 31.65
C MET C 147 28.16 0.42 31.62
N HIS C 148 27.10 1.22 31.72
CA HIS C 148 27.26 2.67 31.74
C HIS C 148 28.03 3.14 32.96
N ALA C 149 27.94 2.39 34.07
CA ALA C 149 28.76 2.71 35.23
C ALA C 149 30.23 2.58 34.91
N GLY C 150 30.62 1.49 34.25
CA GLY C 150 32.00 1.34 33.82
C GLY C 150 32.42 2.44 32.86
N SER C 151 31.55 2.76 31.89
CA SER C 151 31.85 3.87 30.99
C SER C 151 32.04 5.17 31.76
N LEU C 152 31.29 5.34 32.84
CA LEU C 152 31.44 6.55 33.66
C LEU C 152 32.79 6.58 34.35
N LEU C 153 33.21 5.45 34.93
CA LEU C 153 34.49 5.39 35.61
C LEU C 153 35.63 5.76 34.67
N LEU C 154 35.73 5.08 33.53
CA LEU C 154 36.79 5.39 32.57
C LEU C 154 36.73 6.84 32.11
N LYS C 155 35.53 7.45 32.11
CA LYS C 155 35.41 8.84 31.71
C LYS C 155 36.07 9.76 32.73
N MET C 156 35.88 9.49 34.01
CA MET C 156 36.44 10.35 35.05
C MET C 156 37.97 10.32 35.01
N GLY C 157 38.54 9.12 34.92
CA GLY C 157 39.99 8.98 34.86
C GLY C 157 40.64 9.57 33.63
N GLN C 158 39.86 9.95 32.63
CA GLN C 158 40.45 10.49 31.39
C GLN C 158 41.23 11.77 31.67
N HIS C 159 40.86 12.51 32.71
CA HIS C 159 41.53 13.75 33.09
C HIS C 159 42.12 13.65 34.49
N SER C 160 42.66 12.48 34.83
CA SER C 160 43.31 12.24 36.11
C SER C 160 44.69 11.64 35.86
N SER C 161 45.43 11.41 36.92
CA SER C 161 46.77 10.86 36.78
C SER C 161 46.70 9.44 36.23
N ASN C 162 47.89 8.91 35.88
CA ASN C 162 47.94 7.56 35.32
C ASN C 162 47.69 6.52 36.40
N VAL C 163 48.16 6.77 37.63
CA VAL C 163 47.86 5.85 38.73
C VAL C 163 46.37 5.86 39.02
N GLN C 164 45.75 7.04 39.01
CA GLN C 164 44.29 7.11 39.17
C GLN C 164 43.59 6.43 38.00
N TRP C 165 44.11 6.61 36.79
CA TRP C 165 43.52 5.96 35.62
C TRP C 165 43.62 4.45 35.73
N ARG C 166 44.72 3.95 36.31
CA ARG C 166 44.85 2.51 36.53
C ARG C 166 43.82 2.01 37.52
N ALA C 167 43.70 2.68 38.68
CA ALA C 167 42.74 2.26 39.69
C ALA C 167 41.31 2.34 39.15
N LEU C 168 40.99 3.41 38.43
CA LEU C 168 39.64 3.56 37.89
C LEU C 168 39.36 2.53 36.80
N SER C 169 40.31 2.33 35.89
CA SER C 169 40.11 1.35 34.82
C SER C 169 39.88 -0.04 35.39
N GLU C 170 40.59 -0.39 36.48
CA GLU C 170 40.38 -1.67 37.13
C GLU C 170 38.95 -1.79 37.64
N LEU C 171 38.47 -0.75 38.34
CA LEU C 171 37.10 -0.77 38.82
C LEU C 171 36.11 -0.82 37.66
N ALA C 172 36.44 -0.18 36.54
CA ALA C 172 35.58 -0.23 35.37
C ALA C 172 35.48 -1.65 34.83
N ALA C 173 36.61 -2.37 34.79
CA ALA C 173 36.58 -3.75 34.33
C ALA C 173 35.60 -4.60 35.12
N LEU C 174 35.52 -4.36 36.44
CA LEU C 174 34.56 -5.08 37.25
C LEU C 174 33.13 -4.86 36.74
N CYS C 175 32.76 -3.60 36.53
CA CYS C 175 31.40 -3.30 36.07
C CYS C 175 31.10 -4.00 34.75
N TYR C 176 31.97 -3.81 33.75
CA TYR C 176 31.76 -4.48 32.47
C TYR C 176 31.68 -5.99 32.65
N LEU C 177 32.55 -6.55 33.49
CA LEU C 177 32.50 -7.98 33.75
C LEU C 177 31.14 -8.38 34.31
N ILE C 178 30.68 -7.68 35.34
CA ILE C 178 29.36 -7.98 35.91
C ILE C 178 28.28 -7.86 34.85
N ALA C 179 28.38 -6.84 33.99
CA ALA C 179 27.39 -6.67 32.93
C ALA C 179 27.42 -7.84 31.95
N PHE C 180 28.61 -8.35 31.66
CA PHE C 180 28.73 -9.46 30.72
C PHE C 180 28.19 -10.76 31.30
N GLN C 181 28.30 -10.94 32.62
CA GLN C 181 27.79 -12.16 33.25
C GLN C 181 26.28 -12.29 33.12
N VAL C 182 25.57 -11.17 33.07
CA VAL C 182 24.11 -11.17 33.05
C VAL C 182 23.64 -12.03 31.88
N PRO C 183 22.72 -12.98 32.09
CA PRO C 183 22.30 -13.85 30.99
C PRO C 183 21.41 -13.12 29.99
N ARG C 184 21.23 -13.75 28.84
CA ARG C 184 20.37 -13.18 27.82
C ARG C 184 18.91 -13.20 28.29
N PRO C 185 18.15 -12.13 28.03
CA PRO C 185 16.75 -12.11 28.46
C PRO C 185 15.93 -13.20 27.80
N LYS C 186 14.99 -13.76 28.56
CA LYS C 186 14.07 -14.77 28.05
C LYS C 186 13.02 -14.09 27.19
N ILE C 187 13.19 -14.19 25.87
CA ILE C 187 12.29 -13.53 24.93
C ILE C 187 10.85 -14.02 25.11
N LYS C 188 10.66 -15.17 25.76
CA LYS C 188 9.31 -15.70 25.93
C LYS C 188 8.46 -14.82 26.82
N LEU C 189 9.08 -14.09 27.76
CA LEU C 189 8.36 -13.31 28.75
C LEU C 189 7.89 -11.96 28.23
N ILE C 190 8.31 -11.55 27.04
CA ILE C 190 7.97 -10.22 26.53
C ILE C 190 6.62 -10.29 25.81
N LYS C 191 5.94 -9.16 25.75
CA LYS C 191 4.59 -9.10 25.21
C LYS C 191 4.58 -8.73 23.73
N GLY C 192 5.19 -7.60 23.38
CA GLY C 192 5.16 -7.11 22.01
C GLY C 192 6.28 -7.69 21.17
N GLU C 193 5.98 -7.94 19.90
CA GLU C 193 6.99 -8.43 18.97
C GLU C 193 8.13 -7.42 18.83
N ALA C 194 7.82 -6.13 18.89
CA ALA C 194 8.88 -5.12 18.88
C ALA C 194 9.68 -5.16 20.17
N GLY C 195 9.00 -5.40 21.30
CA GLY C 195 9.71 -5.54 22.55
C GLY C 195 10.63 -6.76 22.55
N GLN C 196 10.20 -7.83 21.90
CA GLN C 196 11.07 -9.01 21.78
C GLN C 196 12.31 -8.68 20.96
N ASN C 197 12.14 -7.95 19.85
CA ASN C 197 13.30 -7.52 19.08
C ASN C 197 14.12 -6.50 19.85
N LEU C 198 13.45 -5.60 20.57
CA LEU C 198 14.17 -4.57 21.32
C LEU C 198 15.09 -5.20 22.37
N LEU C 199 14.51 -5.93 23.31
CA LEU C 199 15.31 -6.48 24.42
C LEU C 199 16.45 -7.35 23.89
N GLU C 200 16.18 -8.15 22.85
CA GLU C 200 17.25 -8.90 22.22
C GLU C 200 18.31 -7.96 21.64
N MET C 201 17.87 -6.88 20.99
CA MET C 201 18.81 -5.91 20.45
C MET C 201 19.64 -5.28 21.55
N MET C 202 18.99 -4.84 22.63
CA MET C 202 19.72 -4.18 23.72
C MET C 202 20.69 -5.16 24.38
N ALA C 203 20.30 -6.43 24.49
CA ALA C 203 21.18 -7.43 25.08
C ALA C 203 22.47 -7.55 24.26
N CYS C 204 22.36 -7.56 22.93
CA CYS C 204 23.54 -7.65 22.09
C CYS C 204 24.44 -6.42 22.30
N ASP C 205 23.85 -5.23 22.29
CA ASP C 205 24.64 -4.02 22.48
C ASP C 205 25.33 -4.00 23.82
N ARG C 206 24.69 -4.56 24.85
CA ARG C 206 25.33 -4.65 26.16
C ARG C 206 26.55 -5.56 26.11
N LEU C 207 26.41 -6.72 25.46
CA LEU C 207 27.51 -7.67 25.41
C LEU C 207 28.63 -7.19 24.49
N SER C 208 28.27 -6.63 23.34
CA SER C 208 29.29 -6.14 22.40
C SER C 208 30.10 -5.01 23.02
N GLN C 209 29.42 -3.98 23.53
CA GLN C 209 30.11 -2.85 24.12
C GLN C 209 30.95 -3.28 25.31
N SER C 210 30.35 -4.04 26.23
CA SER C 210 31.09 -4.52 27.39
C SER C 210 32.19 -5.50 26.99
N GLY C 211 31.84 -6.47 26.14
CA GLY C 211 32.80 -7.48 25.71
C GLY C 211 34.09 -6.91 25.16
N HIS C 212 33.99 -6.04 24.15
CA HIS C 212 35.18 -5.44 23.57
C HIS C 212 35.99 -4.68 24.62
N MET C 213 35.32 -4.10 25.62
CA MET C 213 36.04 -3.37 26.66
C MET C 213 36.80 -4.32 27.57
N LEU C 214 36.21 -5.46 27.92
CA LEU C 214 36.91 -6.46 28.74
C LEU C 214 38.25 -6.82 28.11
N LEU C 215 38.25 -7.15 26.82
CA LEU C 215 39.50 -7.48 26.14
C LEU C 215 40.41 -6.27 26.05
N ASN C 216 39.87 -5.11 25.66
CA ASN C 216 40.70 -3.92 25.51
C ASN C 216 41.40 -3.55 26.81
N LEU C 217 40.84 -3.93 27.96
CA LEU C 217 41.45 -3.61 29.24
C LEU C 217 42.41 -4.69 29.72
N SER C 218 42.19 -5.94 29.32
CA SER C 218 43.01 -7.06 29.74
C SER C 218 44.02 -7.49 28.69
N ARG C 219 44.29 -6.62 27.70
CA ARG C 219 45.23 -6.97 26.65
C ARG C 219 46.67 -6.92 27.15
N GLY C 220 47.04 -5.83 27.83
CA GLY C 220 48.43 -5.66 28.22
C GLY C 220 48.86 -6.57 29.36
N LYS C 221 47.96 -6.84 30.29
CA LYS C 221 48.28 -7.63 31.47
C LYS C 221 47.69 -9.03 31.34
N GLN C 222 48.42 -10.01 31.86
CA GLN C 222 47.97 -11.39 31.84
C GLN C 222 47.04 -11.67 33.01
N ASP C 223 46.10 -12.59 32.80
CA ASP C 223 45.09 -12.95 33.79
C ASP C 223 44.58 -11.71 34.52
N PHE C 224 44.35 -10.63 33.78
CA PHE C 224 43.87 -9.39 34.38
C PHE C 224 42.50 -9.59 35.03
N LEU C 225 41.60 -10.29 34.34
CA LEU C 225 40.27 -10.53 34.90
C LEU C 225 40.35 -11.33 36.19
N LYS C 226 41.41 -12.13 36.36
CA LYS C 226 41.54 -12.92 37.58
C LYS C 226 41.89 -12.04 38.78
N GLU C 227 42.83 -11.11 38.60
CA GLU C 227 43.20 -10.21 39.69
C GLU C 227 42.01 -9.37 40.13
N ILE C 228 41.16 -8.95 39.18
CA ILE C 228 40.03 -8.10 39.52
C ILE C 228 39.04 -8.84 40.40
N VAL C 229 38.64 -10.05 39.98
CA VAL C 229 37.66 -10.81 40.75
C VAL C 229 38.22 -11.20 42.11
N GLU C 230 39.53 -11.45 42.21
CA GLU C 230 40.11 -11.83 43.49
C GLU C 230 39.98 -10.69 44.50
N THR C 231 40.39 -9.48 44.11
CA THR C 231 40.45 -8.37 45.05
C THR C 231 39.17 -7.56 45.12
N PHE C 232 38.51 -7.33 43.98
CA PHE C 232 37.36 -6.43 43.94
C PHE C 232 36.00 -7.14 44.00
N ALA C 233 35.95 -8.45 43.77
CA ALA C 233 34.67 -9.14 43.89
C ALA C 233 34.23 -9.31 45.33
N ASN C 234 35.11 -9.07 46.30
CA ASN C 234 34.73 -9.13 47.70
C ASN C 234 33.76 -8.00 48.03
N LYS C 235 33.04 -8.17 49.14
CA LYS C 235 32.12 -7.13 49.58
C LYS C 235 32.84 -5.79 49.77
N SER C 236 34.15 -5.83 50.06
CA SER C 236 34.92 -4.60 50.15
C SER C 236 34.85 -3.80 48.84
N GLY C 237 34.78 -4.50 47.71
CA GLY C 237 34.69 -3.81 46.44
C GLY C 237 33.41 -3.01 46.30
N GLN C 238 32.29 -3.58 46.76
CA GLN C 238 31.01 -2.88 46.67
C GLN C 238 31.08 -1.52 47.35
N SER C 239 31.72 -1.44 48.51
CA SER C 239 31.86 -0.16 49.20
C SER C 239 32.74 0.79 48.42
N ALA C 240 33.78 0.25 47.76
CA ALA C 240 34.66 1.11 46.95
C ALA C 240 33.95 1.59 45.69
N LEU C 241 33.05 0.78 45.12
CA LEU C 241 32.33 1.20 43.93
C LEU C 241 31.29 2.25 44.27
N TYR C 242 30.45 1.98 45.28
CA TYR C 242 29.44 2.96 45.68
C TYR C 242 30.08 4.29 46.06
N ASP C 243 31.10 4.24 46.90
CA ASP C 243 31.78 5.47 47.30
C ASP C 243 32.42 6.17 46.11
N ALA C 244 32.91 5.40 45.14
CA ALA C 244 33.56 6.01 43.98
C ALA C 244 32.53 6.63 43.03
N LEU C 245 31.52 5.86 42.64
CA LEU C 245 30.55 6.35 41.66
C LEU C 245 29.74 7.51 42.23
N PHE C 246 29.09 7.31 43.37
CA PHE C 246 28.15 8.26 43.94
C PHE C 246 28.78 9.01 45.11
N SER C 247 28.11 10.07 45.54
CA SER C 247 28.50 10.78 46.75
C SER C 247 28.38 9.85 47.95
N SER C 248 29.51 9.57 48.59
CA SER C 248 29.55 8.56 49.65
C SER C 248 28.59 8.90 50.79
N GLN C 249 28.30 10.18 51.00
CA GLN C 249 27.46 10.58 52.13
C GLN C 249 25.99 10.22 51.93
N SER C 250 25.58 9.86 50.72
CA SER C 250 24.21 9.45 50.51
C SER C 250 23.95 8.11 51.22
N PRO C 251 22.70 7.85 51.61
CA PRO C 251 22.41 6.61 52.34
C PRO C 251 22.65 5.38 51.47
N LYS C 252 23.45 4.45 52.02
CA LYS C 252 23.78 3.23 51.28
C LYS C 252 22.71 2.16 51.41
N ASP C 253 21.86 2.22 52.43
CA ASP C 253 20.82 1.22 52.59
C ASP C 253 19.74 1.37 51.52
N THR C 254 19.39 2.61 51.18
CA THR C 254 18.35 2.88 50.19
C THR C 254 18.87 2.83 48.76
N SER C 255 20.13 2.43 48.55
CA SER C 255 20.71 2.36 47.23
C SER C 255 20.72 0.92 46.73
N PHE C 256 20.54 0.75 45.42
CA PHE C 256 20.57 -0.58 44.83
C PHE C 256 22.00 -1.12 44.75
N LEU C 257 22.95 -0.25 44.43
CA LEU C 257 24.34 -0.70 44.28
C LEU C 257 24.87 -1.28 45.59
N GLY C 258 24.52 -0.66 46.72
CA GLY C 258 24.99 -1.16 48.00
C GLY C 258 24.28 -2.43 48.43
N SER C 259 22.98 -2.52 48.18
CA SER C 259 22.21 -3.67 48.61
C SER C 259 22.41 -4.87 47.68
N ASP C 260 22.72 -4.64 46.42
CA ASP C 260 22.91 -5.73 45.47
C ASP C 260 24.15 -6.54 45.86
N ASP C 261 24.06 -7.86 45.70
CA ASP C 261 25.13 -8.77 46.05
C ASP C 261 25.92 -9.16 44.80
N ILE C 262 27.24 -9.10 44.90
CA ILE C 262 28.13 -9.47 43.81
C ILE C 262 28.86 -10.75 44.19
N GLY C 263 28.15 -11.88 44.15
CA GLY C 263 28.69 -13.17 44.55
C GLY C 263 28.86 -14.10 43.37
N ASN C 264 29.98 -14.81 43.33
CA ASN C 264 30.27 -15.82 42.32
C ASN C 264 30.26 -15.20 40.92
N ILE C 265 31.25 -14.34 40.69
CA ILE C 265 31.49 -13.77 39.38
C ILE C 265 32.35 -14.76 38.58
N ASP C 266 31.87 -15.15 37.39
CA ASP C 266 32.46 -16.26 36.66
C ASP C 266 33.89 -15.99 36.21
N VAL C 267 34.37 -14.74 36.28
CA VAL C 267 35.72 -14.37 35.85
C VAL C 267 36.05 -15.04 34.52
N ARG C 268 35.15 -14.96 33.56
CA ARG C 268 35.33 -15.54 32.23
C ARG C 268 35.63 -14.45 31.22
N GLU C 269 36.63 -14.68 30.37
CA GLU C 269 36.98 -13.73 29.32
C GLU C 269 36.11 -13.98 28.09
N PRO C 270 35.60 -12.93 27.45
CA PRO C 270 34.73 -13.15 26.28
C PRO C 270 35.47 -13.80 25.12
N GLU C 271 34.74 -14.64 24.38
CA GLU C 271 35.28 -15.34 23.23
C GLU C 271 34.92 -14.58 21.94
N LEU C 272 35.83 -14.59 20.98
CA LEU C 272 35.62 -13.83 19.75
C LEU C 272 34.45 -14.38 18.95
N GLU C 273 34.28 -15.71 18.92
CA GLU C 273 33.15 -16.28 18.18
C GLU C 273 31.82 -15.73 18.68
N ASP C 274 31.72 -15.45 19.98
CA ASP C 274 30.50 -14.87 20.52
C ASP C 274 30.42 -13.38 20.24
N LEU C 275 31.56 -12.68 20.33
CA LEU C 275 31.55 -11.23 20.13
C LEU C 275 31.02 -10.85 18.75
N THR C 276 31.45 -11.57 17.71
CA THR C 276 30.98 -11.26 16.36
C THR C 276 29.46 -11.35 16.28
N ARG C 277 28.87 -12.37 16.89
CA ARG C 277 27.41 -12.49 16.87
C ARG C 277 26.75 -11.38 17.68
N TYR C 278 27.43 -10.87 18.70
CA TYR C 278 26.89 -9.75 19.47
C TYR C 278 26.94 -8.46 18.66
N ASP C 279 28.09 -8.20 18.02
CA ASP C 279 28.22 -6.99 17.21
C ASP C 279 27.12 -6.91 16.17
N VAL C 280 26.94 -8.00 15.41
CA VAL C 280 25.92 -8.02 14.35
C VAL C 280 24.55 -7.73 14.93
N GLY C 281 24.22 -8.36 16.06
CA GLY C 281 22.94 -8.12 16.69
C GLY C 281 22.78 -6.73 17.27
N ALA C 282 23.90 -6.06 17.58
CA ALA C 282 23.87 -4.73 18.17
C ALA C 282 24.04 -3.62 17.13
N ILE C 283 24.06 -3.97 15.84
CA ILE C 283 24.23 -2.95 14.81
C ILE C 283 23.07 -1.96 14.82
N ARG C 284 21.88 -2.43 15.15
CA ARG C 284 20.69 -1.59 15.14
C ARG C 284 20.47 -0.85 16.45
N ALA C 285 21.24 -1.16 17.49
CA ALA C 285 21.04 -0.54 18.79
C ALA C 285 21.32 0.96 18.77
N HIS C 286 22.09 1.45 17.80
CA HIS C 286 22.39 2.87 17.65
C HIS C 286 21.98 3.39 16.29
N ASN C 287 20.96 2.76 15.69
CA ASN C 287 20.43 3.19 14.39
C ASN C 287 21.52 3.20 13.32
N GLY C 288 22.55 2.36 13.50
CA GLY C 288 23.60 2.27 12.51
C GLY C 288 24.37 3.56 12.30
N SER C 289 24.43 4.41 13.32
CA SER C 289 25.20 5.63 13.21
C SER C 289 26.66 5.31 12.92
N LEU C 290 27.30 6.16 12.10
CA LEU C 290 28.70 5.92 11.74
C LEU C 290 29.60 5.94 12.97
N GLN C 291 29.16 6.57 14.07
CA GLN C 291 29.93 6.53 15.30
C GLN C 291 29.89 5.13 15.91
N HIS C 292 28.75 4.45 15.83
CA HIS C 292 28.64 3.11 16.39
C HIS C 292 29.41 2.10 15.55
N LEU C 293 29.27 2.15 14.23
CA LEU C 293 29.95 1.20 13.37
C LEU C 293 31.46 1.40 13.40
N THR C 294 31.91 2.64 13.27
CA THR C 294 33.34 2.92 13.28
C THR C 294 33.99 2.53 14.61
N TRP C 295 33.21 2.56 15.70
CA TRP C 295 33.75 2.16 17.00
C TRP C 295 34.00 0.67 17.04
N LEU C 296 32.99 -0.13 16.68
CA LEU C 296 33.17 -1.58 16.63
C LEU C 296 34.33 -1.95 15.71
N GLY C 297 34.42 -1.28 14.56
CA GLY C 297 35.51 -1.58 13.63
C GLY C 297 36.88 -1.34 14.23
N LEU C 298 37.02 -0.29 15.03
CA LEU C 298 38.32 0.00 15.64
C LEU C 298 38.69 -1.05 16.69
N GLN C 299 37.70 -1.71 17.27
CA GLN C 299 38.00 -2.76 18.25
C GLN C 299 38.76 -3.91 17.60
N TRP C 300 38.33 -4.34 16.41
CA TRP C 300 38.94 -5.46 15.73
C TRP C 300 40.29 -5.13 15.13
N ASN C 301 40.74 -3.87 15.21
CA ASN C 301 42.10 -3.55 14.78
C ASN C 301 43.13 -4.05 15.79
N SER C 302 42.75 -4.15 17.06
CA SER C 302 43.62 -4.72 18.09
C SER C 302 43.40 -6.21 18.30
N LEU C 303 42.31 -6.78 17.79
CA LEU C 303 42.02 -8.19 17.96
C LEU C 303 42.54 -9.00 16.78
N PRO C 304 42.73 -10.30 16.96
CA PRO C 304 43.27 -11.15 15.88
C PRO C 304 42.18 -11.68 14.96
N ALA C 305 41.44 -10.78 14.35
CA ALA C 305 40.38 -11.15 13.41
C ALA C 305 39.93 -9.90 12.68
N LEU C 306 39.17 -10.12 11.59
CA LEU C 306 38.63 -8.99 10.84
C LEU C 306 37.22 -8.66 11.30
N PRO C 307 36.83 -7.39 11.27
CA PRO C 307 35.44 -7.05 11.64
C PRO C 307 34.46 -7.58 10.60
N GLY C 308 33.36 -8.13 11.09
CA GLY C 308 32.34 -8.67 10.21
C GLY C 308 31.55 -7.60 9.50
N ILE C 309 32.23 -6.76 8.73
CA ILE C 309 31.56 -5.64 8.06
C ILE C 309 30.53 -6.15 7.07
N ARG C 310 30.83 -7.25 6.37
CA ARG C 310 29.88 -7.81 5.42
C ARG C 310 28.57 -8.14 6.10
N LYS C 311 28.62 -8.88 7.21
CA LYS C 311 27.40 -9.24 7.92
C LYS C 311 26.72 -8.02 8.51
N TRP C 312 27.48 -7.02 8.94
CA TRP C 312 26.88 -5.79 9.44
C TRP C 312 26.02 -5.13 8.38
N LEU C 313 26.55 -4.98 7.17
CA LEU C 313 25.82 -4.31 6.10
C LEU C 313 24.63 -5.14 5.64
N LYS C 314 24.83 -6.45 5.42
CA LYS C 314 23.73 -7.30 4.98
C LYS C 314 22.58 -7.28 5.97
N GLN C 315 22.87 -7.08 7.26
CA GLN C 315 21.82 -6.94 8.25
C GLN C 315 21.15 -5.58 8.18
N LEU C 316 21.94 -4.52 8.00
CA LEU C 316 21.37 -3.17 7.93
C LEU C 316 20.55 -2.99 6.66
N PHE C 317 21.18 -3.14 5.50
CA PHE C 317 20.52 -2.98 4.21
C PHE C 317 20.44 -4.37 3.60
N HIS C 318 19.28 -5.01 3.76
CA HIS C 318 19.12 -6.37 3.28
C HIS C 318 18.92 -6.41 1.76
N HIS C 319 18.00 -5.58 1.26
CA HIS C 319 17.63 -5.63 -0.16
C HIS C 319 18.73 -5.09 -1.07
N LEU C 320 19.67 -4.31 -0.52
CA LEU C 320 20.68 -3.67 -1.37
C LEU C 320 21.50 -4.74 -2.09
N PRO C 321 21.69 -4.64 -3.41
CA PRO C 321 22.49 -5.64 -4.12
C PRO C 321 23.94 -5.64 -3.63
N HIS C 322 24.63 -6.74 -3.92
CA HIS C 322 26.03 -6.88 -3.53
C HIS C 322 26.92 -6.00 -4.39
N GLU C 323 26.77 -6.09 -5.71
CA GLU C 323 27.62 -5.36 -6.64
C GLU C 323 26.80 -4.95 -7.84
N THR C 324 27.12 -3.78 -8.40
CA THR C 324 26.42 -3.22 -9.55
C THR C 324 27.29 -3.36 -10.79
N SER C 325 26.64 -3.61 -11.92
CA SER C 325 27.35 -3.70 -13.20
C SER C 325 27.94 -2.36 -13.62
N ARG C 326 27.39 -1.25 -13.10
CA ARG C 326 27.85 0.09 -13.49
C ARG C 326 28.99 0.53 -12.58
N LEU C 327 30.11 -0.19 -12.70
CA LEU C 327 31.32 0.17 -11.96
C LEU C 327 32.03 1.38 -12.54
N GLU C 328 31.74 1.73 -13.80
CA GLU C 328 32.38 2.86 -14.44
C GLU C 328 31.82 4.18 -13.94
N THR C 329 30.50 4.25 -13.72
CA THR C 329 29.84 5.50 -13.37
C THR C 329 30.01 5.79 -11.88
N ASN C 330 29.48 6.95 -11.45
CA ASN C 330 29.43 7.34 -10.06
C ASN C 330 28.02 7.66 -9.59
N ALA C 331 27.01 7.24 -10.36
CA ALA C 331 25.64 7.58 -10.04
C ALA C 331 25.25 7.03 -8.67
N PRO C 332 24.57 7.82 -7.83
CA PRO C 332 24.25 7.32 -6.49
C PRO C 332 23.22 6.19 -6.46
N GLU C 333 22.48 5.98 -7.55
CA GLU C 333 21.51 4.90 -7.56
C GLU C 333 22.18 3.53 -7.67
N SER C 334 23.39 3.47 -8.22
CA SER C 334 24.12 2.22 -8.38
C SER C 334 24.87 1.81 -7.12
N ILE C 335 24.62 2.49 -5.99
CA ILE C 335 25.31 2.14 -4.74
C ILE C 335 25.05 0.67 -4.43
N CYS C 336 26.09 -0.01 -3.95
CA CYS C 336 26.02 -1.42 -3.63
C CYS C 336 26.65 -1.68 -2.27
N ILE C 337 26.49 -2.92 -1.79
CA ILE C 337 27.01 -3.27 -0.48
C ILE C 337 28.52 -3.09 -0.44
N LEU C 338 29.20 -3.42 -1.52
CA LEU C 338 30.65 -3.27 -1.56
C LEU C 338 31.08 -1.82 -1.38
N ASP C 339 30.37 -0.89 -2.03
CA ASP C 339 30.69 0.53 -1.86
C ASP C 339 30.66 0.94 -0.39
N LEU C 340 29.79 0.30 0.41
CA LEU C 340 29.72 0.64 1.82
C LEU C 340 30.81 -0.05 2.62
N GLU C 341 30.99 -1.36 2.39
CA GLU C 341 32.07 -2.08 3.07
C GLU C 341 33.42 -1.44 2.77
N VAL C 342 33.66 -1.10 1.51
CA VAL C 342 34.90 -0.43 1.14
C VAL C 342 34.99 0.94 1.79
N PHE C 343 33.85 1.61 1.98
CA PHE C 343 33.84 2.91 2.64
C PHE C 343 34.15 2.77 4.12
N LEU C 344 33.43 1.88 4.82
CA LEU C 344 33.66 1.70 6.25
C LEU C 344 35.10 1.31 6.54
N LEU C 345 35.68 0.43 5.71
CA LEU C 345 37.08 0.08 5.89
C LEU C 345 37.98 1.32 5.82
N GLY C 346 37.65 2.26 4.94
CA GLY C 346 38.43 3.49 4.85
C GLY C 346 38.30 4.35 6.09
N VAL C 347 37.08 4.48 6.60
CA VAL C 347 36.87 5.29 7.80
C VAL C 347 37.64 4.72 8.98
N VAL C 348 37.59 3.39 9.15
CA VAL C 348 38.33 2.76 10.24
C VAL C 348 39.82 2.92 10.03
N TYR C 349 40.29 2.81 8.78
CA TYR C 349 41.71 2.95 8.51
C TYR C 349 42.21 4.36 8.86
N THR C 350 41.52 5.39 8.38
CA THR C 350 41.94 6.75 8.70
C THR C 350 41.74 7.06 10.17
N SER C 351 40.62 6.60 10.76
CA SER C 351 40.37 6.87 12.17
C SER C 351 41.46 6.26 13.05
N HIS C 352 41.94 5.07 12.70
CA HIS C 352 42.97 4.42 13.49
C HIS C 352 44.28 5.20 13.44
N LEU C 353 44.63 5.75 12.26
CA LEU C 353 45.87 6.50 12.14
C LEU C 353 45.77 7.86 12.82
N GLN C 354 44.58 8.47 12.83
CA GLN C 354 44.42 9.75 13.53
C GLN C 354 44.52 9.56 15.03
N LEU C 355 43.90 8.50 15.56
CA LEU C 355 44.06 8.20 16.98
C LEU C 355 45.51 7.89 17.32
N LYS C 356 46.21 7.20 16.43
CA LYS C 356 47.62 6.92 16.65
C LYS C 356 48.46 8.19 16.61
N GLU C 357 48.13 9.12 15.72
CA GLU C 357 48.88 10.36 15.63
C GLU C 357 48.69 11.21 16.87
N LYS C 358 47.44 11.35 17.33
CA LYS C 358 47.20 12.03 18.61
C LYS C 358 47.86 11.29 19.75
N CYS C 359 48.02 9.96 19.62
CA CYS C 359 48.61 9.17 20.68
C CYS C 359 50.12 9.37 20.76
N ASN C 360 50.77 9.62 19.62
CA ASN C 360 52.22 9.81 19.63
C ASN C 360 52.60 11.12 20.33
N SER C 361 51.88 12.19 20.05
CA SER C 361 52.18 13.47 20.72
C SER C 361 51.71 13.48 22.16
N HIS C 362 50.65 12.73 22.48
CA HIS C 362 50.14 12.64 23.83
C HIS C 362 50.78 11.51 24.63
N HIS C 363 51.61 10.68 23.99
CA HIS C 363 52.36 9.63 24.66
C HIS C 363 51.45 8.58 25.31
N SER C 364 50.30 8.32 24.66
CA SER C 364 49.40 7.24 25.08
C SER C 364 49.07 7.30 26.57
N SER C 365 49.00 8.52 27.12
CA SER C 365 48.56 8.67 28.51
C SER C 365 47.20 8.00 28.70
N TYR C 366 46.39 7.94 27.65
CA TYR C 366 45.11 7.24 27.66
C TYR C 366 44.97 6.57 26.30
N GLN C 367 45.18 5.26 26.26
CA GLN C 367 45.18 4.53 25.01
C GLN C 367 43.94 4.88 24.19
N PRO C 368 44.04 5.02 22.87
CA PRO C 368 42.83 5.33 22.09
C PRO C 368 41.85 4.18 22.00
N LEU C 369 42.33 2.94 21.88
CA LEU C 369 41.45 1.80 21.67
C LEU C 369 40.69 1.39 22.92
N CYS C 370 41.15 1.78 24.11
CA CYS C 370 40.55 1.33 25.36
C CYS C 370 39.41 2.23 25.83
N LEU C 371 39.04 3.26 25.07
CA LEU C 371 37.93 4.10 25.48
C LEU C 371 36.60 3.48 25.05
N PRO C 372 35.55 3.65 25.85
CA PRO C 372 34.24 3.09 25.49
C PRO C 372 33.55 3.92 24.42
N LEU C 373 32.45 3.37 23.91
CA LEU C 373 31.73 4.02 22.82
C LEU C 373 31.22 5.41 23.19
N PRO C 374 30.51 5.60 24.30
CA PRO C 374 29.95 6.94 24.57
C PRO C 374 31.00 7.99 24.86
N VAL C 375 32.08 7.62 25.56
CA VAL C 375 33.03 8.62 26.04
C VAL C 375 33.80 9.24 24.89
N CYS C 376 34.39 8.42 24.03
CA CYS C 376 35.27 8.93 22.99
C CYS C 376 34.53 9.92 22.10
N LYS C 377 35.31 10.80 21.46
CA LYS C 377 34.75 11.85 20.61
C LYS C 377 34.24 11.25 19.31
N GLN C 378 33.77 12.13 18.42
CA GLN C 378 33.33 11.71 17.10
C GLN C 378 34.52 11.15 16.33
N LEU C 379 34.43 9.86 15.97
CA LEU C 379 35.55 9.12 15.40
C LEU C 379 35.66 9.24 13.89
N CYS C 380 34.85 10.07 13.26
CA CYS C 380 34.86 10.21 11.81
C CYS C 380 34.72 11.67 11.44
N THR C 381 35.23 12.02 10.27
CA THR C 381 35.13 13.39 9.79
C THR C 381 33.68 13.73 9.48
N GLU C 382 33.34 15.02 9.61
CA GLU C 382 31.98 15.44 9.32
C GLU C 382 31.63 15.20 7.86
N ARG C 383 32.63 15.22 6.96
CA ARG C 383 32.39 14.90 5.56
C ARG C 383 32.01 13.43 5.41
N GLN C 384 32.76 12.54 6.06
CA GLN C 384 32.42 11.12 6.00
C GLN C 384 31.06 10.85 6.61
N LYS C 385 30.74 11.54 7.71
CA LYS C 385 29.42 11.38 8.32
C LYS C 385 28.32 11.83 7.38
N SER C 386 28.52 12.98 6.73
CA SER C 386 27.53 13.48 5.78
C SER C 386 27.22 12.43 4.71
N TRP C 387 28.24 11.70 4.25
CA TRP C 387 28.02 10.67 3.26
C TRP C 387 27.21 9.52 3.83
N TRP C 388 27.62 8.99 4.98
CA TRP C 388 26.92 7.86 5.57
C TRP C 388 25.47 8.21 5.88
N ASP C 389 25.25 9.32 6.58
CA ASP C 389 23.88 9.73 6.88
C ASP C 389 23.08 9.97 5.61
N ALA C 390 23.74 10.40 4.53
CA ALA C 390 23.03 10.66 3.28
C ALA C 390 22.69 9.37 2.55
N VAL C 391 23.68 8.49 2.38
CA VAL C 391 23.44 7.25 1.64
C VAL C 391 22.42 6.38 2.38
N CYS C 392 22.47 6.39 3.71
CA CYS C 392 21.55 5.57 4.49
C CYS C 392 20.10 6.02 4.27
N THR C 393 19.85 7.32 4.31
CA THR C 393 18.51 7.83 4.05
C THR C 393 18.08 7.57 2.61
N LEU C 394 19.02 7.35 1.70
CA LEU C 394 18.66 7.02 0.33
C LEU C 394 18.40 5.53 0.15
N ILE C 395 19.23 4.68 0.75
CA ILE C 395 19.03 3.24 0.65
C ILE C 395 17.69 2.85 1.26
N HIS C 396 17.38 3.39 2.43
CA HIS C 396 16.08 3.15 3.06
C HIS C 396 14.94 3.87 2.35
N ARG C 397 15.25 4.72 1.36
CA ARG C 397 14.24 5.41 0.57
C ARG C 397 13.37 6.30 1.45
N LYS C 398 14.01 7.01 2.37
CA LYS C 398 13.32 7.96 3.24
C LYS C 398 13.76 9.39 2.89
N ALA C 399 13.46 9.83 1.68
CA ALA C 399 13.91 11.13 1.19
C ALA C 399 12.75 12.11 1.11
N VAL C 400 13.11 13.37 0.84
CA VAL C 400 12.16 14.48 0.76
C VAL C 400 12.51 15.32 -0.45
N PRO C 401 11.54 15.89 -1.18
CA PRO C 401 11.90 16.73 -2.33
C PRO C 401 12.96 17.78 -2.02
N GLY C 402 13.00 18.27 -0.79
CA GLY C 402 14.05 19.20 -0.38
C GLY C 402 15.38 18.54 -0.06
N ASN C 403 15.41 17.22 0.06
CA ASN C 403 16.64 16.49 0.38
C ASN C 403 17.26 15.81 -0.84
N VAL C 404 16.45 15.25 -1.73
CA VAL C 404 16.98 14.45 -2.83
C VAL C 404 18.10 15.21 -3.56
N ALA C 405 17.93 16.52 -3.73
CA ALA C 405 18.96 17.32 -4.37
C ALA C 405 20.28 17.19 -3.63
N LYS C 406 20.27 17.45 -2.32
CA LYS C 406 21.50 17.41 -1.53
C LYS C 406 22.00 15.98 -1.34
N LEU C 407 21.10 15.05 -1.04
CA LEU C 407 21.54 13.68 -0.74
C LEU C 407 22.20 13.03 -1.95
N ARG C 408 21.68 13.28 -3.15
CA ARG C 408 22.26 12.68 -4.34
C ARG C 408 23.69 13.15 -4.56
N LEU C 409 23.91 14.47 -4.58
CA LEU C 409 25.23 14.99 -4.90
C LEU C 409 26.23 14.65 -3.81
N LEU C 410 25.81 14.67 -2.54
CA LEU C 410 26.70 14.31 -1.46
C LEU C 410 27.17 12.87 -1.59
N VAL C 411 26.32 11.99 -2.14
CA VAL C 411 26.72 10.61 -2.35
C VAL C 411 27.53 10.48 -3.64
N GLN C 412 27.00 11.02 -4.74
CA GLN C 412 27.70 10.93 -6.01
C GLN C 412 29.10 11.52 -5.95
N HIS C 413 29.30 12.52 -5.09
CA HIS C 413 30.60 13.18 -5.01
C HIS C 413 31.71 12.21 -4.61
N GLU C 414 31.39 11.22 -3.79
CA GLU C 414 32.40 10.34 -3.21
C GLU C 414 32.49 8.98 -3.91
N ILE C 415 31.52 8.62 -4.75
CA ILE C 415 31.55 7.31 -5.40
C ILE C 415 32.83 7.14 -6.21
N ASN C 416 33.35 8.24 -6.78
CA ASN C 416 34.62 8.16 -7.50
C ASN C 416 35.73 7.63 -6.59
N THR C 417 35.86 8.21 -5.40
CA THR C 417 36.92 7.81 -4.48
C THR C 417 36.70 6.39 -3.95
N LEU C 418 35.45 5.93 -3.89
CA LEU C 418 35.18 4.60 -3.35
C LEU C 418 35.49 3.51 -4.36
N ARG C 419 35.18 3.75 -5.64
CA ARG C 419 35.40 2.77 -6.70
C ARG C 419 36.74 2.94 -7.40
N ALA C 420 37.65 3.73 -6.84
CA ALA C 420 38.97 3.96 -7.42
C ALA C 420 38.85 4.43 -8.87
N GLN C 421 38.10 5.52 -9.03
CA GLN C 421 37.89 6.12 -10.34
C GLN C 421 38.84 7.30 -10.53
N GLU C 422 38.71 7.96 -11.69
CA GLU C 422 39.59 9.05 -12.06
C GLU C 422 39.81 10.03 -10.91
N LYS C 423 41.08 10.27 -10.58
CA LYS C 423 41.47 11.29 -9.61
C LYS C 423 40.93 10.99 -8.23
N HIS C 424 41.00 9.71 -7.83
CA HIS C 424 40.62 9.33 -6.48
C HIS C 424 41.70 9.78 -5.49
N GLY C 425 41.26 10.23 -4.32
CA GLY C 425 42.18 10.70 -3.31
C GLY C 425 42.78 9.58 -2.48
N LEU C 426 42.70 8.35 -2.98
CA LEU C 426 43.16 7.21 -2.21
C LEU C 426 44.69 7.16 -2.18
N GLN C 427 45.24 6.89 -0.99
CA GLN C 427 46.66 6.64 -0.86
C GLN C 427 46.96 5.19 -1.22
N PRO C 428 48.10 4.91 -1.86
CA PRO C 428 48.41 3.52 -2.22
C PRO C 428 48.27 2.54 -1.05
N ALA C 429 48.66 2.94 0.16
CA ALA C 429 48.52 2.06 1.31
C ALA C 429 47.06 1.71 1.57
N LEU C 430 46.16 2.71 1.48
CA LEU C 430 44.75 2.45 1.72
C LEU C 430 44.17 1.50 0.68
N LEU C 431 44.49 1.73 -0.60
CA LEU C 431 43.98 0.85 -1.64
C LEU C 431 44.39 -0.59 -1.41
N VAL C 432 45.64 -0.81 -0.98
CA VAL C 432 46.11 -2.16 -0.69
C VAL C 432 45.27 -2.78 0.42
N HIS C 433 45.10 -2.04 1.53
CA HIS C 433 44.30 -2.56 2.64
C HIS C 433 42.91 -2.98 2.17
N TRP C 434 42.33 -2.25 1.21
CA TRP C 434 41.04 -2.63 0.67
C TRP C 434 41.14 -3.94 -0.11
N ALA C 435 42.13 -4.03 -1.00
CA ALA C 435 42.30 -5.25 -1.79
C ALA C 435 42.56 -6.46 -0.89
N GLU C 436 43.38 -6.27 0.15
CA GLU C 436 43.67 -7.37 1.06
C GLU C 436 42.41 -7.83 1.79
N CYS C 437 41.69 -6.89 2.41
CA CYS C 437 40.52 -7.25 3.19
C CYS C 437 39.43 -7.83 2.31
N LEU C 438 39.22 -7.27 1.12
CA LEU C 438 38.19 -7.77 0.23
C LEU C 438 38.52 -9.18 -0.27
N GLN C 439 39.78 -9.42 -0.59
CA GLN C 439 40.19 -10.76 -1.00
C GLN C 439 39.97 -11.77 0.12
N LYS C 440 40.45 -11.44 1.33
CA LYS C 440 40.30 -12.35 2.46
C LYS C 440 38.83 -12.62 2.75
N THR C 441 38.03 -11.56 2.89
CA THR C 441 36.61 -11.73 3.20
C THR C 441 35.90 -12.52 2.10
N GLY C 442 36.34 -12.36 0.85
CA GLY C 442 35.65 -13.03 -0.25
C GLY C 442 35.94 -14.52 -0.29
N SER C 443 37.19 -14.90 -0.04
CA SER C 443 37.55 -16.32 -0.10
C SER C 443 36.82 -17.12 0.96
N GLY C 444 36.54 -16.52 2.11
CA GLY C 444 35.84 -17.21 3.19
C GLY C 444 34.37 -17.44 2.96
N LEU C 445 33.81 -16.94 1.85
CA LEU C 445 32.40 -17.11 1.59
C LEU C 445 32.13 -18.48 0.95
N ASN C 446 30.89 -18.95 1.09
CA ASN C 446 30.51 -20.26 0.61
C ASN C 446 29.85 -20.24 -0.75
N SER C 447 29.18 -19.15 -1.12
CA SER C 447 28.51 -19.04 -2.41
C SER C 447 29.52 -18.58 -3.45
N PHE C 448 29.68 -19.38 -4.51
CA PHE C 448 30.65 -19.04 -5.56
C PHE C 448 30.33 -17.68 -6.19
N TYR C 449 29.05 -17.32 -6.26
CA TYR C 449 28.70 -16.00 -6.80
C TYR C 449 29.20 -14.89 -5.88
N ASP C 450 29.01 -15.04 -4.57
CA ASP C 450 29.47 -14.03 -3.63
C ASP C 450 30.99 -13.94 -3.62
N GLN C 451 31.67 -15.08 -3.75
CA GLN C 451 33.13 -15.06 -3.83
C GLN C 451 33.59 -14.23 -5.03
N ARG C 452 32.92 -14.40 -6.17
CA ARG C 452 33.29 -13.66 -7.38
C ARG C 452 33.19 -12.16 -7.17
N GLU C 453 32.12 -11.71 -6.51
CA GLU C 453 31.90 -10.28 -6.31
C GLU C 453 33.02 -9.65 -5.51
N TYR C 454 33.22 -10.13 -4.28
CA TYR C 454 34.24 -9.55 -3.40
C TYR C 454 35.63 -9.67 -4.02
N ILE C 455 36.01 -10.87 -4.44
CA ILE C 455 37.32 -11.05 -5.05
C ILE C 455 37.45 -10.21 -6.31
N GLY C 456 36.33 -9.95 -6.99
CA GLY C 456 36.37 -9.10 -8.17
C GLY C 456 36.86 -7.70 -7.85
N ARG C 457 36.31 -7.09 -6.80
CA ARG C 457 36.76 -5.76 -6.39
C ARG C 457 38.24 -5.78 -6.01
N SER C 458 38.66 -6.79 -5.25
CA SER C 458 40.07 -6.87 -4.85
C SER C 458 40.98 -6.80 -6.08
N VAL C 459 40.63 -7.53 -7.14
CA VAL C 459 41.39 -7.46 -8.37
C VAL C 459 41.28 -6.06 -8.98
N HIS C 460 40.09 -5.47 -8.95
CA HIS C 460 39.91 -4.13 -9.49
C HIS C 460 40.81 -3.13 -8.78
N TYR C 461 40.77 -3.11 -7.45
CA TYR C 461 41.61 -2.19 -6.70
C TYR C 461 43.09 -2.48 -6.91
N TRP C 462 43.47 -3.77 -6.90
CA TRP C 462 44.86 -4.13 -7.13
C TRP C 462 45.38 -3.50 -8.41
N LYS C 463 44.62 -3.61 -9.50
CA LYS C 463 45.05 -3.03 -10.77
C LYS C 463 45.18 -1.51 -10.67
N LYS C 464 44.36 -0.87 -9.83
CA LYS C 464 44.48 0.56 -9.63
C LYS C 464 45.66 0.93 -8.73
N VAL C 465 46.23 -0.04 -8.01
CA VAL C 465 47.39 0.21 -7.16
C VAL C 465 48.68 0.07 -7.95
N LEU C 466 48.78 -0.97 -8.78
CA LEU C 466 50.03 -1.28 -9.48
C LEU C 466 50.66 -0.06 -10.14
N PRO C 467 49.94 0.75 -10.92
CA PRO C 467 50.58 1.95 -11.49
C PRO C 467 51.22 2.84 -10.45
N LEU C 468 50.59 2.98 -9.27
CA LEU C 468 51.18 3.80 -8.21
C LEU C 468 52.42 3.14 -7.61
N LEU C 469 52.47 1.81 -7.60
CA LEU C 469 53.62 1.13 -7.03
C LEU C 469 54.87 1.29 -7.91
N LYS C 470 54.70 1.16 -9.23
CA LYS C 470 55.82 1.40 -10.13
C LYS C 470 56.39 2.80 -9.94
N ILE C 471 55.51 3.77 -9.65
CA ILE C 471 55.96 5.15 -9.45
C ILE C 471 56.75 5.27 -8.16
N ILE C 472 56.31 4.59 -7.09
CA ILE C 472 57.07 4.61 -5.85
C ILE C 472 58.33 3.77 -5.98
N LYS C 473 58.30 2.72 -6.82
CA LYS C 473 59.49 1.89 -7.00
C LYS C 473 60.62 2.69 -7.63
N LYS C 474 60.31 3.54 -8.60
CA LYS C 474 61.32 4.35 -9.28
C LYS C 474 61.67 5.63 -8.51
N LYS C 475 61.30 5.72 -7.24
CA LYS C 475 61.62 6.88 -6.41
C LYS C 475 60.94 8.15 -6.93
N ASN C 476 59.80 7.99 -7.58
CA ASN C 476 59.00 9.12 -8.06
C ASN C 476 57.83 9.36 -7.12
N SER C 477 57.60 10.63 -6.79
CA SER C 477 56.57 10.99 -5.83
C SER C 477 55.19 10.95 -6.46
N ILE C 478 54.22 10.40 -5.73
CA ILE C 478 52.84 10.32 -6.16
C ILE C 478 52.19 11.68 -5.93
N PRO C 479 51.28 12.14 -6.79
CA PRO C 479 50.62 13.44 -6.55
C PRO C 479 49.70 13.37 -5.34
N GLU C 480 49.94 14.27 -4.38
CA GLU C 480 49.10 14.34 -3.19
C GLU C 480 47.78 15.01 -3.53
N PRO C 481 46.64 14.37 -3.26
CA PRO C 481 45.35 14.97 -3.66
C PRO C 481 45.03 16.21 -2.85
N ILE C 482 43.96 16.89 -3.26
CA ILE C 482 43.50 18.11 -2.62
C ILE C 482 42.25 17.76 -1.80
N ASP C 483 42.32 17.99 -0.49
CA ASP C 483 41.22 17.73 0.42
C ASP C 483 40.60 16.36 0.14
N PRO C 484 41.36 15.28 0.34
CA PRO C 484 40.83 13.94 0.02
C PRO C 484 39.82 13.47 1.05
N LEU C 485 38.94 12.57 0.61
CA LEU C 485 37.95 11.99 1.52
C LEU C 485 38.64 11.25 2.65
N PHE C 486 39.74 10.57 2.37
CA PHE C 486 40.51 9.83 3.37
C PHE C 486 41.89 10.44 3.47
N LYS C 487 42.23 10.94 4.66
CA LYS C 487 43.47 11.68 4.84
C LYS C 487 44.68 10.80 4.56
N HIS C 488 45.68 11.39 3.90
CA HIS C 488 46.95 10.71 3.67
C HIS C 488 47.85 10.85 4.89
N PHE C 489 48.49 9.76 5.29
CA PHE C 489 49.41 9.73 6.41
C PHE C 489 50.77 9.25 5.93
N HIS C 490 51.83 9.98 6.31
CA HIS C 490 53.18 9.57 5.96
C HIS C 490 53.65 8.35 6.75
N SER C 491 52.95 7.98 7.82
CA SER C 491 53.31 6.81 8.60
C SER C 491 53.08 5.51 7.85
N VAL C 492 52.35 5.53 6.73
CA VAL C 492 52.06 4.34 5.95
C VAL C 492 52.53 4.48 4.51
N ASP C 493 53.50 5.37 4.26
CA ASP C 493 54.02 5.55 2.92
C ASP C 493 54.71 4.27 2.46
N ILE C 494 54.21 3.68 1.37
CA ILE C 494 54.83 2.48 0.83
C ILE C 494 56.23 2.82 0.32
N GLN C 495 57.14 1.85 0.45
CA GLN C 495 58.54 2.04 0.10
C GLN C 495 58.99 0.90 -0.80
N ALA C 496 60.19 1.07 -1.38
CA ALA C 496 60.68 0.15 -2.38
C ALA C 496 60.64 -1.30 -1.89
N SER C 497 61.12 -1.54 -0.67
CA SER C 497 61.16 -2.90 -0.14
C SER C 497 59.79 -3.55 -0.18
N GLU C 498 58.72 -2.78 0.02
CA GLU C 498 57.37 -3.32 0.04
C GLU C 498 56.77 -3.48 -1.35
N ILE C 499 57.39 -2.89 -2.38
CA ILE C 499 56.81 -2.94 -3.72
C ILE C 499 56.78 -4.37 -4.24
N VAL C 500 57.89 -5.10 -4.11
CA VAL C 500 57.97 -6.44 -4.67
C VAL C 500 56.99 -7.36 -3.95
N GLU C 501 56.82 -7.17 -2.64
CA GLU C 501 55.89 -8.01 -1.89
C GLU C 501 54.45 -7.75 -2.32
N TYR C 502 54.10 -6.49 -2.58
CA TYR C 502 52.75 -6.18 -3.02
C TYR C 502 52.51 -6.68 -4.44
N GLU C 503 53.48 -6.47 -5.33
CA GLU C 503 53.36 -7.00 -6.69
C GLU C 503 53.10 -8.51 -6.66
N GLU C 504 53.72 -9.22 -5.72
CA GLU C 504 53.44 -10.64 -5.55
C GLU C 504 51.98 -10.87 -5.19
N ASP C 505 51.52 -10.25 -4.11
CA ASP C 505 50.13 -10.44 -3.68
C ASP C 505 49.15 -10.12 -4.81
N ALA C 506 49.45 -9.09 -5.60
CA ALA C 506 48.57 -8.72 -6.69
C ALA C 506 48.45 -9.85 -7.71
N HIS C 507 49.58 -10.41 -8.14
CA HIS C 507 49.55 -11.51 -9.10
C HIS C 507 48.87 -12.74 -8.51
N ILE C 508 49.03 -12.97 -7.20
CA ILE C 508 48.35 -14.09 -6.56
C ILE C 508 46.84 -13.92 -6.65
N THR C 509 46.34 -12.74 -6.24
CA THR C 509 44.91 -12.49 -6.25
C THR C 509 44.34 -12.65 -7.65
N PHE C 510 45.07 -12.23 -8.68
CA PHE C 510 44.62 -12.44 -10.05
C PHE C 510 44.34 -13.91 -10.31
N ALA C 511 45.22 -14.80 -9.82
CA ALA C 511 45.00 -16.23 -10.01
C ALA C 511 43.81 -16.71 -9.19
N ILE C 512 43.63 -16.17 -7.99
CA ILE C 512 42.49 -16.55 -7.16
C ILE C 512 41.18 -16.22 -7.88
N LEU C 513 41.12 -15.06 -8.53
CA LEU C 513 39.92 -14.70 -9.28
C LEU C 513 39.66 -15.70 -10.39
N ASP C 514 40.69 -16.00 -11.19
CA ASP C 514 40.52 -16.96 -12.28
C ASP C 514 40.13 -18.33 -11.75
N ALA C 515 40.56 -18.68 -10.54
CA ALA C 515 40.16 -19.96 -9.96
C ALA C 515 38.68 -19.98 -9.61
N VAL C 516 38.16 -18.88 -9.07
CA VAL C 516 36.74 -18.81 -8.76
C VAL C 516 35.91 -18.91 -10.03
N ASN C 517 36.23 -18.07 -11.02
CA ASN C 517 35.54 -18.16 -12.31
C ASN C 517 35.63 -19.56 -12.88
N GLY C 518 36.81 -20.20 -12.74
CA GLY C 518 36.96 -21.56 -13.23
C GLY C 518 35.97 -22.52 -12.61
N ASN C 519 35.72 -22.38 -11.32
CA ASN C 519 34.76 -23.26 -10.65
C ASN C 519 33.32 -22.93 -11.03
N ILE C 520 33.04 -21.71 -11.46
CA ILE C 520 31.70 -21.38 -11.95
C ILE C 520 31.48 -21.99 -13.33
N GLU C 521 32.51 -22.01 -14.17
CA GLU C 521 32.40 -22.68 -15.46
C GLU C 521 32.12 -24.16 -15.28
N ASP C 522 32.77 -24.80 -14.31
CA ASP C 522 32.50 -26.21 -14.04
C ASP C 522 31.06 -26.43 -13.60
N ALA C 523 30.54 -25.53 -12.77
CA ALA C 523 29.15 -25.67 -12.31
C ALA C 523 28.16 -25.36 -13.42
N VAL C 524 28.46 -24.37 -14.26
CA VAL C 524 27.56 -24.02 -15.36
C VAL C 524 27.42 -25.20 -16.32
N THR C 525 28.55 -25.64 -16.90
CA THR C 525 28.50 -26.73 -17.87
C THR C 525 27.97 -28.01 -17.24
N ALA C 526 28.24 -28.23 -15.95
CA ALA C 526 27.72 -29.42 -15.28
C ALA C 526 26.21 -29.37 -15.17
N PHE C 527 25.64 -28.19 -14.93
CA PHE C 527 24.18 -28.07 -14.85
C PHE C 527 23.54 -28.25 -16.22
N GLU C 528 24.26 -27.97 -17.29
CA GLU C 528 23.74 -28.15 -18.65
C GLU C 528 23.68 -29.63 -19.01
#